data_4IGB
#
_entry.id   4IGB
#
_cell.length_a   152.131
_cell.length_b   158.115
_cell.length_c   164.265
_cell.angle_alpha   90.00
_cell.angle_beta   90.00
_cell.angle_gamma   90.00
#
_symmetry.space_group_name_H-M   'I 2 2 2'
#
loop_
_entity.id
_entity.type
_entity.pdbx_description
1 polymer 'LPXTG cell wall surface protein'
2 polymer 'LPXTG cell wall surface protein'
3 polymer 'LPXTG cell wall surface protein'
4 polymer 'LPXTG cell wall surface protein'
5 non-polymer 'SULFATE ION'
6 non-polymer GLYCEROL
7 non-polymer 'ACETATE ION'
8 non-polymer 'SODIUM ION'
9 water water
#
loop_
_entity_poly.entity_id
_entity_poly.type
_entity_poly.pdbx_seq_one_letter_code
_entity_poly.pdbx_strand_id
1 'polypeptide(L)'
;LYFQGAMALEEIKNGTDISTLDIRKFNLNINNVSVLSKSQSVDQFHLSNPHYEYLSGGAYPGEMENFTLKVDKSKKQDQV
FENPLSLKFTNIGTVNGKQVDAYLNFNKVTLHYLNTAQAESEMNSAQKSTVEFFSISELWESNAFEIGNVPYVDANHDYI
MNKAFWIDADVTAEIRYADGTETDLKLVMKPTDIDAIDANNLKETFYVKNYQNDVNLRLMNNANVLVQEEASDRTSWIAT
QITGGSYNENNVSGLALRSNSNSMNFGYSSTETCSAVFGLYIEKIDPRPVLEVDPAEIPAKDGQDVTYKATFKVPVPGKD
ILAAPSSIEMVQKFDERLDYKELKVESGGVTLQEGRDYTIEKTGQTVTVKMTPEYLKGNSSSDIIITYKTATNKKVEEKG
SEKIDNTVTLHVDNLSAPSNQVSTALLYEK
;
A
2 'polypeptide(L)'
;PTTENLYFQGAMALEEIKNGTDISTLDIRKFNLNINNVSVLSKSQSVDQFHLSNPHYEYLSGGAYPGEMENFTLKVDKSK
KQDQVFENPLSLKFTNIGTVNGKQVDAYLNFNKVTLHYLNTAQAESEMNSAQKSTVEFFSISELWESNAFEIGNVPYVDA
NHDYIMNKAFWIDADVTAEIRYADGTETDLKLVMKPTDIDAIDANNLKETFYVKNYQNDVNLRLMNNANVLVQEEASDRT
SWIATQITGGSYNENNVSGLALRSNSNSMNFGYSSTETCSAVFGLYIEKIDPRPVLEVDPAEIPAKDGQDVTYKATFKVP
VPGKDILAAPSSIEMVQKFDERLDYKELKVESGGVTLQEGRDYTIEKTGQTVTVKMTPEYLKGNSSSDIIITYKTATNKK
VEEKGSEKIDNTVTLHVDNLSAPSNQVSTALLYEK
;
B
3 'polypeptide(L)'
;IPTTENLYFQGAMALEEIKNGTDISTLDIRKFNLNINNVSVLSKSQSVDQFHLSNPHYEYLSGGAYPGEMENFTLKVDKS
KKQDQVFENPLSLKFTNIGTVNGKQVDAYLNFNKVTLHYLNTAQAESEMNSAQKSTVEFFSISELWESNAFEIGNVPYVD
ANHDYIMNKAFWIDADVTAEIRYADGTETDLKLVMKPTDIDAIDANNLKETFYVKNYQNDVNLRLMNNANVLVQEEASDR
TSWIATQITGGSYNENNVSGLALRSNSNSMNFGYSSTETCSAVFGLYIEKIDPRPVLEVDPAEIPAKDGQDVTYKATFKV
PVPGKDILAAPSSIEMVQKFDERLDYKELKVESGGVTLQEGRDYTIEKTGQTVTVKMTPEYLKGNSSSDIIITYKTATNK
KVEEKGSEKIDNTVTLHVDNLSAPSNQVSTALLYEK
;
C
4 'polypeptide(L)'
;ALEEIKNGTDISTLDIRKFNLNINNVSVLSKSQSVDQFHLSNPHYEYLSGGAYPGEMENFTLKVDKSKKQDQVFENPLSL
KFTNIGTVNGKQVDAYLNFNKVTLHYLNTAQAESEMNSAQKSTVEFFSISELWESNAFEIGNVPYVDANHDYIMNKAFWI
DADVTAEIRYADGTETDLKLVMKPTDIDAIDANNLKETFYVKNYQNDVNLRLMNNANVLVQEEASDRTSWIATQITGGSY
NENNVSGLALRSNSNSMNFGYSSTETCSAVFGLYIEKIDPRPVLEVDPAEIPAKDGQDVTYKATFKVPVPGKDILAAPSS
IEMVQKFDERLDYKELKVESGGVTLQEGRDYTIEKTGQTVTVKMTPEYLKGNSSSDIIITYKTATNKKVEEKGSEKIDNT
VTLHVDNLSAPSNQVSTALLYEK
;
D
#
# COMPACT_ATOMS: atom_id res chain seq x y z
N LEU A 1 19.59 4.38 12.94
CA LEU A 1 19.98 4.31 14.35
C LEU A 1 18.80 3.99 15.29
N TYR A 2 19.16 3.37 16.41
CA TYR A 2 18.22 2.88 17.41
C TYR A 2 17.25 3.95 17.91
N PHE A 3 17.72 5.20 17.99
CA PHE A 3 16.94 6.30 18.55
C PHE A 3 16.29 7.21 17.51
N GLN A 4 16.50 6.93 16.23
CA GLN A 4 15.86 7.71 15.17
C GLN A 4 15.05 6.82 14.22
N GLY A 5 14.23 5.94 14.80
CA GLY A 5 13.41 5.05 13.99
C GLY A 5 11.93 5.32 14.07
N ALA A 6 11.55 6.54 14.45
CA ALA A 6 10.13 6.90 14.54
C ALA A 6 9.37 6.21 13.43
N MET A 7 8.26 5.55 13.78
CA MET A 7 7.43 4.76 12.84
C MET A 7 8.00 3.40 12.39
N ALA A 8 9.30 3.37 12.14
CA ALA A 8 9.95 2.17 11.60
C ALA A 8 9.77 0.94 12.49
N LEU A 9 9.48 -0.19 11.87
CA LEU A 9 9.49 -1.46 12.55
C LEU A 9 10.90 -1.68 13.08
N GLU A 10 11.00 -2.15 14.30
CA GLU A 10 12.29 -2.41 14.92
C GLU A 10 12.47 -3.93 15.08
N GLU A 11 13.44 -4.49 14.39
CA GLU A 11 13.77 -5.90 14.57
C GLU A 11 15.12 -6.08 15.25
N ILE A 12 15.11 -6.91 16.28
CA ILE A 12 16.28 -7.08 17.11
C ILE A 12 16.65 -8.57 17.18
N LYS A 13 17.95 -8.83 17.02
CA LYS A 13 18.46 -10.15 17.35
C LYS A 13 19.68 -9.99 18.24
N ASN A 14 19.57 -10.45 19.48
CA ASN A 14 20.59 -10.23 20.50
C ASN A 14 20.62 -11.39 21.50
N GLY A 15 21.33 -11.21 22.61
CA GLY A 15 21.55 -12.26 23.59
C GLY A 15 20.43 -12.43 24.61
N THR A 16 19.41 -11.57 24.53
CA THR A 16 18.31 -11.68 25.50
C THR A 16 17.72 -13.08 25.54
N ASP A 17 17.56 -13.60 26.74
CA ASP A 17 17.01 -14.94 26.92
C ASP A 17 15.49 -14.87 26.91
N ILE A 18 14.89 -15.32 25.82
CA ILE A 18 13.46 -15.13 25.66
C ILE A 18 12.71 -16.01 26.65
N SER A 19 13.31 -17.13 27.03
CA SER A 19 12.67 -18.03 27.98
C SER A 19 12.59 -17.45 29.39
N THR A 20 13.40 -16.44 29.71
CA THR A 20 13.34 -15.84 31.04
C THR A 20 12.83 -14.38 31.09
N LEU A 21 11.93 -14.03 30.19
CA LEU A 21 11.30 -12.72 30.24
C LEU A 21 10.38 -12.67 31.43
N ASP A 22 10.20 -11.47 31.96
CA ASP A 22 9.33 -11.25 33.09
C ASP A 22 8.06 -10.52 32.64
N ILE A 23 7.58 -10.80 31.43
CA ILE A 23 6.38 -10.11 30.94
C ILE A 23 5.12 -10.72 31.55
N ARG A 24 4.00 -10.00 31.46
CA ARG A 24 2.77 -10.45 32.07
C ARG A 24 2.01 -11.38 31.15
N LYS A 25 1.75 -12.60 31.61
CA LYS A 25 0.93 -13.52 30.84
C LYS A 25 -0.49 -13.41 31.36
N PHE A 26 -1.43 -13.12 30.47
CA PHE A 26 -2.82 -12.94 30.89
C PHE A 26 -3.47 -14.27 31.25
N ASN A 27 -4.51 -14.20 32.11
CA ASN A 27 -5.25 -15.40 32.47
C ASN A 27 -6.24 -15.77 31.40
N LEU A 28 -5.93 -16.81 30.63
CA LEU A 28 -6.83 -17.35 29.61
C LEU A 28 -7.02 -18.83 29.88
N ASN A 29 -8.27 -19.24 30.10
CA ASN A 29 -8.50 -20.64 30.41
C ASN A 29 -9.94 -21.05 30.13
N ILE A 30 -10.21 -22.34 30.28
CA ILE A 30 -11.52 -22.90 29.99
C ILE A 30 -12.60 -22.35 30.90
N ASN A 31 -12.21 -21.70 31.99
CA ASN A 31 -13.21 -21.22 32.93
C ASN A 31 -13.60 -19.75 32.79
N ASN A 32 -12.82 -18.97 32.03
CA ASN A 32 -13.23 -17.60 31.73
C ASN A 32 -13.53 -17.36 30.23
N VAL A 33 -13.46 -18.40 29.43
CA VAL A 33 -13.80 -18.27 28.02
C VAL A 33 -15.31 -18.36 27.84
N SER A 34 -15.82 -17.60 26.87
CA SER A 34 -17.17 -17.79 26.41
C SER A 34 -17.13 -17.76 24.90
N VAL A 35 -18.07 -18.45 24.28
CA VAL A 35 -18.18 -18.44 22.83
C VAL A 35 -19.19 -17.34 22.47
N LEU A 36 -18.72 -16.27 21.81
CA LEU A 36 -19.60 -15.17 21.37
C LEU A 36 -20.45 -15.64 20.20
N SER A 37 -19.80 -16.35 19.28
CA SER A 37 -20.54 -17.03 18.23
C SER A 37 -19.70 -18.15 17.70
N LYS A 38 -20.38 -19.15 17.16
CA LYS A 38 -19.69 -20.19 16.41
C LYS A 38 -20.63 -20.68 15.34
N SER A 39 -20.07 -21.03 14.19
CA SER A 39 -20.86 -21.55 13.09
C SER A 39 -21.14 -23.02 13.36
N GLN A 40 -22.12 -23.59 12.66
CA GLN A 40 -22.50 -24.98 12.87
C GLN A 40 -21.43 -25.98 12.44
N SER A 41 -20.37 -25.48 11.80
CA SER A 41 -19.28 -26.33 11.35
C SER A 41 -18.41 -26.75 12.54
N VAL A 42 -18.53 -26.01 13.62
CA VAL A 42 -17.68 -26.25 14.78
C VAL A 42 -18.29 -27.27 15.72
N ASP A 43 -17.46 -28.25 16.05
CA ASP A 43 -17.81 -29.28 17.02
C ASP A 43 -17.02 -29.00 18.28
N GLN A 44 -17.69 -28.55 19.33
CA GLN A 44 -17.00 -28.19 20.55
C GLN A 44 -17.32 -29.21 21.64
N PHE A 45 -16.30 -29.63 22.38
CA PHE A 45 -16.57 -30.56 23.47
C PHE A 45 -15.51 -30.54 24.55
N HIS A 46 -15.95 -30.86 25.77
CA HIS A 46 -15.06 -30.92 26.91
C HIS A 46 -14.36 -32.28 26.99
N LEU A 47 -13.09 -32.27 27.38
CA LEU A 47 -12.34 -33.50 27.65
C LEU A 47 -11.66 -33.39 29.03
N SER A 48 -11.54 -34.52 29.71
CA SER A 48 -10.77 -34.59 30.94
C SER A 48 -9.65 -35.58 30.73
N ASN A 49 -8.42 -35.17 31.03
CA ASN A 49 -7.25 -36.02 30.84
C ASN A 49 -7.31 -36.69 29.49
N PRO A 50 -7.25 -35.89 28.41
CA PRO A 50 -7.46 -36.45 27.07
C PRO A 50 -6.27 -37.29 26.62
N HIS A 51 -6.50 -38.08 25.58
CA HIS A 51 -5.45 -38.84 24.92
C HIS A 51 -4.89 -38.04 23.76
N TYR A 52 -3.57 -38.06 23.60
CA TYR A 52 -2.91 -37.29 22.55
C TYR A 52 -2.88 -38.03 21.20
N GLU A 53 -3.48 -37.41 20.18
CA GLU A 53 -3.41 -37.87 18.80
C GLU A 53 -4.26 -39.10 18.50
N TYR A 54 -4.08 -40.16 19.28
CA TYR A 54 -4.82 -41.41 19.11
C TYR A 54 -5.43 -41.83 20.43
N LEU A 55 -6.53 -42.58 20.37
CA LEU A 55 -7.14 -43.10 21.59
C LEU A 55 -6.15 -43.98 22.36
N SER A 56 -5.33 -44.75 21.65
CA SER A 56 -4.35 -45.61 22.31
C SER A 56 -3.14 -44.81 22.73
N GLY A 57 -3.12 -43.54 22.36
CA GLY A 57 -2.01 -42.65 22.69
C GLY A 57 -1.92 -42.35 24.18
N GLY A 58 -0.85 -41.68 24.59
CA GLY A 58 -0.68 -41.33 25.99
C GLY A 58 -1.84 -40.46 26.46
N ALA A 59 -2.20 -40.57 27.73
CA ALA A 59 -3.20 -39.71 28.33
C ALA A 59 -2.51 -38.65 29.19
N TYR A 60 -2.96 -37.41 29.08
CA TYR A 60 -2.34 -36.33 29.82
C TYR A 60 -3.34 -35.67 30.74
N PRO A 61 -2.94 -35.44 32.01
CA PRO A 61 -3.83 -34.90 33.04
C PRO A 61 -4.21 -33.47 32.74
N GLY A 62 -5.49 -33.16 32.86
CA GLY A 62 -5.96 -31.80 32.78
C GLY A 62 -7.34 -31.70 32.13
N GLU A 63 -8.04 -30.62 32.44
CA GLU A 63 -9.30 -30.32 31.76
C GLU A 63 -8.97 -29.56 30.47
N MET A 64 -9.78 -29.78 29.44
CA MET A 64 -9.58 -29.17 28.15
C MET A 64 -10.92 -28.90 27.49
N GLU A 65 -11.00 -27.79 26.75
CA GLU A 65 -12.14 -27.54 25.88
C GLU A 65 -11.62 -27.62 24.45
N ASN A 66 -12.15 -28.58 23.70
CA ASN A 66 -11.60 -28.92 22.41
C ASN A 66 -12.52 -28.48 21.29
N PHE A 67 -11.95 -28.01 20.18
CA PHE A 67 -12.77 -27.55 19.06
C PHE A 67 -12.36 -28.20 17.74
N THR A 68 -13.33 -28.79 17.05
CA THR A 68 -13.07 -29.42 15.76
C THR A 68 -14.04 -28.88 14.68
N LEU A 69 -13.70 -29.10 13.41
CA LEU A 69 -14.51 -28.67 12.28
C LEU A 69 -15.12 -29.87 11.55
N LYS A 70 -16.44 -29.88 11.41
CA LYS A 70 -17.13 -30.88 10.61
C LYS A 70 -16.79 -30.69 9.14
N VAL A 71 -16.18 -31.67 8.52
CA VAL A 71 -15.87 -31.55 7.10
C VAL A 71 -16.95 -32.20 6.24
N ASP A 72 -17.01 -31.78 4.97
CA ASP A 72 -17.86 -32.47 4.02
C ASP A 72 -17.07 -33.68 3.50
N LYS A 73 -17.41 -34.88 3.97
CA LYS A 73 -16.60 -36.05 3.67
C LYS A 73 -16.56 -36.45 2.20
N SER A 74 -17.46 -35.88 1.40
CA SER A 74 -17.50 -36.19 -0.02
C SER A 74 -16.47 -35.37 -0.81
N LYS A 75 -16.05 -34.24 -0.22
CA LYS A 75 -15.13 -33.33 -0.89
C LYS A 75 -13.68 -33.60 -0.50
N LYS A 76 -13.01 -34.44 -1.26
CA LYS A 76 -11.61 -34.72 -1.01
C LYS A 76 -10.79 -33.61 -1.65
N GLN A 77 -10.81 -32.46 -0.99
CA GLN A 77 -10.23 -31.23 -1.51
C GLN A 77 -10.27 -30.18 -0.40
N ASP A 78 -9.53 -29.09 -0.58
CA ASP A 78 -9.48 -28.04 0.43
C ASP A 78 -10.86 -27.58 0.84
N GLN A 79 -11.07 -27.39 2.14
CA GLN A 79 -12.32 -26.85 2.63
C GLN A 79 -12.09 -25.61 3.51
N VAL A 80 -12.88 -24.57 3.25
CA VAL A 80 -12.71 -23.28 3.90
C VAL A 80 -13.85 -22.98 4.87
N PHE A 81 -13.48 -22.64 6.09
CA PHE A 81 -14.47 -22.28 7.11
C PHE A 81 -14.34 -20.82 7.54
N GLU A 82 -15.21 -19.98 6.99
CA GLU A 82 -15.23 -18.56 7.32
C GLU A 82 -15.75 -18.31 8.73
N ASN A 83 -15.07 -17.46 9.50
CA ASN A 83 -15.54 -17.08 10.83
C ASN A 83 -16.19 -18.20 11.64
N PRO A 84 -15.46 -19.31 11.86
CA PRO A 84 -16.11 -20.42 12.55
C PRO A 84 -16.29 -20.21 14.05
N LEU A 85 -15.53 -19.31 14.66
CA LEU A 85 -15.47 -19.27 16.12
C LEU A 85 -14.99 -17.92 16.61
N SER A 86 -15.78 -17.29 17.46
CA SER A 86 -15.42 -16.02 18.06
C SER A 86 -15.55 -16.15 19.57
N LEU A 87 -14.46 -15.84 20.27
CA LEU A 87 -14.36 -16.09 21.71
C LEU A 87 -14.09 -14.84 22.49
N LYS A 88 -14.57 -14.81 23.72
CA LYS A 88 -14.16 -13.80 24.69
C LYS A 88 -13.63 -14.48 25.94
N PHE A 89 -12.53 -13.96 26.49
CA PHE A 89 -12.06 -14.40 27.80
C PHE A 89 -12.33 -13.22 28.69
N THR A 90 -13.22 -13.40 29.65
CA THR A 90 -13.62 -12.30 30.50
C THR A 90 -12.68 -12.17 31.70
N ASN A 91 -12.16 -10.97 31.91
CA ASN A 91 -11.26 -10.69 33.03
C ASN A 91 -10.01 -11.58 33.02
N ILE A 92 -9.09 -11.27 32.13
CA ILE A 92 -7.82 -11.98 32.02
C ILE A 92 -6.77 -11.36 32.94
N GLY A 93 -7.16 -10.31 33.65
CA GLY A 93 -6.26 -9.69 34.59
C GLY A 93 -6.69 -8.28 34.91
N THR A 94 -6.10 -7.71 35.96
CA THR A 94 -6.29 -6.31 36.27
C THR A 94 -4.98 -5.60 35.94
N VAL A 95 -5.05 -4.60 35.06
CA VAL A 95 -3.87 -3.83 34.67
C VAL A 95 -4.13 -2.36 34.92
N ASN A 96 -3.19 -1.67 35.55
CA ASN A 96 -3.38 -0.25 35.83
C ASN A 96 -4.73 -0.02 36.49
N GLY A 97 -5.10 -0.91 37.41
CA GLY A 97 -6.39 -0.83 38.11
C GLY A 97 -7.65 -1.12 37.31
N LYS A 98 -7.49 -1.58 36.06
CA LYS A 98 -8.64 -1.82 35.18
C LYS A 98 -8.75 -3.30 34.78
N GLN A 99 -9.98 -3.82 34.77
CA GLN A 99 -10.23 -5.16 34.23
C GLN A 99 -9.93 -5.22 32.75
N VAL A 100 -9.17 -6.23 32.33
CA VAL A 100 -8.89 -6.46 30.91
C VAL A 100 -9.55 -7.75 30.43
N ASP A 101 -10.12 -7.70 29.23
CA ASP A 101 -10.71 -8.88 28.60
C ASP A 101 -9.91 -9.17 27.34
N ALA A 102 -9.92 -10.44 26.91
CA ALA A 102 -9.33 -10.81 25.64
C ALA A 102 -10.40 -11.22 24.64
N TYR A 103 -10.19 -10.92 23.38
CA TYR A 103 -11.05 -11.41 22.32
C TYR A 103 -10.20 -12.21 21.35
N LEU A 104 -10.68 -13.40 20.97
CA LEU A 104 -9.95 -14.23 20.04
C LEU A 104 -10.92 -14.66 18.95
N ASN A 105 -10.74 -14.11 17.76
CA ASN A 105 -11.61 -14.42 16.63
C ASN A 105 -10.92 -15.23 15.56
N PHE A 106 -11.46 -16.40 15.28
CA PHE A 106 -11.01 -17.15 14.12
C PHE A 106 -11.68 -16.57 12.90
N ASN A 107 -10.92 -15.78 12.16
CA ASN A 107 -11.43 -15.13 10.95
C ASN A 107 -11.72 -16.16 9.88
N LYS A 108 -10.85 -17.16 9.80
CA LYS A 108 -10.99 -18.20 8.81
C LYS A 108 -10.05 -19.33 9.19
N VAL A 109 -10.49 -20.55 8.95
CA VAL A 109 -9.62 -21.70 9.08
C VAL A 109 -9.76 -22.47 7.79
N THR A 110 -8.64 -22.70 7.12
CA THR A 110 -8.66 -23.42 5.88
C THR A 110 -8.05 -24.78 6.09
N LEU A 111 -8.77 -25.81 5.65
CA LEU A 111 -8.29 -27.18 5.71
C LEU A 111 -7.75 -27.59 4.35
N HIS A 112 -6.45 -27.82 4.28
CA HIS A 112 -5.81 -28.22 3.03
C HIS A 112 -5.73 -29.73 2.92
N TYR A 113 -6.48 -30.31 1.99
CA TYR A 113 -6.51 -31.74 1.79
C TYR A 113 -5.11 -32.28 1.49
N LEU A 114 -4.70 -33.30 2.23
CA LEU A 114 -3.35 -33.89 2.07
C LEU A 114 -3.13 -34.81 0.85
N ASN A 115 -4.22 -35.25 0.22
CA ASN A 115 -4.10 -36.10 -0.97
C ASN A 115 -3.22 -37.32 -0.75
N THR A 116 -3.53 -38.09 0.28
CA THR A 116 -2.85 -39.34 0.54
C THR A 116 -3.88 -40.42 0.77
N ALA A 117 -3.43 -41.67 0.75
CA ALA A 117 -4.29 -42.80 1.09
C ALA A 117 -4.87 -42.61 2.47
N GLN A 118 -4.01 -42.23 3.42
CA GLN A 118 -4.44 -42.02 4.78
C GLN A 118 -5.55 -40.97 4.89
N ALA A 119 -5.42 -39.90 4.09
CA ALA A 119 -6.42 -38.83 4.10
C ALA A 119 -7.72 -39.32 3.49
N GLU A 120 -7.64 -39.89 2.28
CA GLU A 120 -8.82 -40.43 1.63
C GLU A 120 -9.50 -41.45 2.53
N SER A 121 -8.70 -42.24 3.23
CA SER A 121 -9.22 -43.26 4.14
C SER A 121 -10.00 -42.69 5.33
N GLU A 122 -9.49 -41.63 5.94
CA GLU A 122 -10.20 -40.95 7.02
C GLU A 122 -11.51 -40.39 6.47
N MET A 123 -11.43 -39.79 5.30
CA MET A 123 -12.59 -39.20 4.68
C MET A 123 -13.67 -40.27 4.45
N ASN A 124 -13.24 -41.49 4.14
CA ASN A 124 -14.18 -42.57 3.82
C ASN A 124 -14.59 -43.43 5.00
N SER A 125 -13.85 -43.34 6.11
CA SER A 125 -14.21 -44.11 7.28
C SER A 125 -15.51 -43.56 7.83
N ALA A 126 -16.30 -44.41 8.49
CA ALA A 126 -17.59 -43.97 9.02
C ALA A 126 -17.48 -43.53 10.47
N GLN A 127 -16.30 -43.68 11.05
CA GLN A 127 -16.08 -43.25 12.43
C GLN A 127 -15.46 -41.86 12.52
N LYS A 128 -14.81 -41.40 11.45
CA LYS A 128 -14.22 -40.06 11.45
C LYS A 128 -15.12 -38.99 10.78
N SER A 129 -15.20 -37.81 11.39
CA SER A 129 -16.09 -36.77 10.87
C SER A 129 -15.56 -35.33 11.02
N THR A 130 -14.62 -35.10 11.94
CA THR A 130 -14.11 -33.74 12.14
C THR A 130 -12.59 -33.65 12.08
N VAL A 131 -12.11 -32.41 11.92
CA VAL A 131 -10.67 -32.15 11.92
C VAL A 131 -10.31 -31.23 13.10
N GLU A 132 -9.20 -31.53 13.77
CA GLU A 132 -8.78 -30.71 14.90
C GLU A 132 -8.31 -29.34 14.44
N PHE A 133 -8.65 -28.30 15.18
CA PHE A 133 -8.07 -26.99 14.90
C PHE A 133 -7.67 -26.19 16.12
N PHE A 134 -8.34 -26.39 17.25
CA PHE A 134 -8.09 -25.49 18.38
C PHE A 134 -8.49 -26.10 19.73
N SER A 135 -7.70 -25.82 20.77
CA SER A 135 -8.12 -26.24 22.12
C SER A 135 -7.65 -25.27 23.19
N ILE A 136 -8.33 -25.31 24.32
CA ILE A 136 -7.97 -24.51 25.46
C ILE A 136 -7.74 -25.48 26.62
N SER A 137 -6.55 -25.42 27.20
CA SER A 137 -6.21 -26.29 28.32
C SER A 137 -4.92 -25.78 28.92
N GLU A 138 -4.57 -26.32 30.06
CA GLU A 138 -3.25 -26.07 30.59
C GLU A 138 -2.42 -27.37 30.66
N LEU A 139 -2.68 -28.28 29.72
CA LEU A 139 -1.88 -29.49 29.63
C LEU A 139 -0.41 -29.19 29.45
N TRP A 140 -0.10 -28.16 28.67
CA TRP A 140 1.29 -27.89 28.27
C TRP A 140 1.91 -26.67 28.94
N GLU A 141 1.20 -25.56 28.92
CA GLU A 141 1.60 -24.35 29.63
C GLU A 141 0.39 -23.83 30.34
N SER A 142 0.61 -22.98 31.32
CA SER A 142 -0.47 -22.31 32.01
C SER A 142 -1.06 -21.25 31.09
N ASN A 143 -2.34 -20.92 31.31
CA ASN A 143 -2.97 -19.79 30.66
C ASN A 143 -2.79 -19.77 29.15
N ALA A 144 -2.99 -20.92 28.52
CA ALA A 144 -2.66 -21.07 27.12
C ALA A 144 -3.78 -21.65 26.30
N PHE A 145 -3.74 -21.38 25.01
CA PHE A 145 -4.58 -22.06 24.05
C PHE A 145 -3.68 -22.67 22.99
N GLU A 146 -4.23 -23.60 22.22
CA GLU A 146 -3.44 -24.41 21.32
C GLU A 146 -4.06 -24.42 19.93
N ILE A 147 -3.27 -24.14 18.92
CA ILE A 147 -3.80 -24.22 17.56
C ILE A 147 -3.02 -25.28 16.81
N GLY A 148 -3.75 -26.20 16.18
CA GLY A 148 -3.12 -27.27 15.42
C GLY A 148 -4.10 -28.37 15.08
N ASN A 149 -3.63 -29.35 14.34
CA ASN A 149 -4.49 -30.42 13.85
C ASN A 149 -4.16 -31.77 14.48
N VAL A 150 -3.54 -31.77 15.67
CA VAL A 150 -3.37 -33.00 16.42
C VAL A 150 -4.59 -33.28 17.29
N PRO A 151 -5.28 -34.42 17.05
CA PRO A 151 -6.53 -34.71 17.76
C PRO A 151 -6.30 -34.87 19.25
N TYR A 152 -7.28 -34.44 20.04
CA TYR A 152 -7.36 -34.82 21.44
C TYR A 152 -8.62 -35.64 21.53
N VAL A 153 -8.53 -36.80 22.13
CA VAL A 153 -9.66 -37.72 22.09
C VAL A 153 -9.84 -38.47 23.40
N ASP A 154 -11.06 -38.97 23.58
CA ASP A 154 -11.35 -39.97 24.59
C ASP A 154 -12.30 -40.97 23.96
N ALA A 155 -12.69 -41.99 24.71
CA ALA A 155 -13.50 -43.09 24.17
C ALA A 155 -14.75 -42.62 23.40
N ASN A 156 -15.36 -41.52 23.83
CA ASN A 156 -16.59 -41.02 23.22
C ASN A 156 -16.38 -39.96 22.14
N HIS A 157 -15.12 -39.57 21.93
CA HIS A 157 -14.83 -38.58 20.92
C HIS A 157 -13.62 -39.04 20.16
N ASP A 158 -13.81 -40.11 19.41
CA ASP A 158 -12.74 -40.70 18.63
C ASP A 158 -13.09 -40.57 17.17
N TYR A 159 -13.73 -39.46 16.81
CA TYR A 159 -14.16 -39.24 15.42
C TYR A 159 -13.28 -38.23 14.69
N ILE A 160 -12.22 -37.79 15.34
CA ILE A 160 -11.37 -36.77 14.75
C ILE A 160 -10.38 -37.40 13.77
N MET A 161 -10.37 -36.90 12.54
CA MET A 161 -9.45 -37.39 11.53
C MET A 161 -8.00 -37.12 11.85
N ASN A 162 -7.15 -38.10 11.52
CA ASN A 162 -5.71 -37.97 11.62
C ASN A 162 -5.04 -37.80 10.28
N LYS A 163 -4.26 -36.74 10.12
CA LYS A 163 -3.46 -36.55 8.92
C LYS A 163 -4.29 -36.58 7.64
N ALA A 164 -5.46 -35.97 7.67
CA ALA A 164 -6.31 -35.88 6.48
C ALA A 164 -6.14 -34.52 5.84
N PHE A 165 -5.97 -33.50 6.68
CA PHE A 165 -5.82 -32.12 6.26
C PHE A 165 -4.76 -31.42 7.09
N TRP A 166 -3.95 -30.56 6.48
CA TRP A 166 -3.23 -29.58 7.29
C TRP A 166 -4.09 -28.32 7.43
N ILE A 167 -3.87 -27.54 8.49
CA ILE A 167 -4.70 -26.35 8.72
C ILE A 167 -3.97 -25.03 8.62
N ASP A 168 -4.71 -24.00 8.21
CA ASP A 168 -4.21 -22.65 8.18
C ASP A 168 -5.25 -21.81 8.91
N ALA A 169 -4.89 -21.33 10.11
CA ALA A 169 -5.84 -20.58 10.90
C ALA A 169 -5.49 -19.10 10.90
N ASP A 170 -6.44 -18.28 10.46
CA ASP A 170 -6.27 -16.82 10.43
C ASP A 170 -7.02 -16.26 11.63
N VAL A 171 -6.29 -15.68 12.57
CA VAL A 171 -6.86 -15.36 13.88
C VAL A 171 -6.54 -13.93 14.28
N THR A 172 -7.47 -13.29 14.97
CA THR A 172 -7.22 -11.98 15.54
C THR A 172 -7.39 -12.02 17.03
N ALA A 173 -6.33 -11.67 17.75
CA ALA A 173 -6.38 -11.53 19.21
C ALA A 173 -6.42 -10.05 19.54
N GLU A 174 -7.24 -9.68 20.52
CA GLU A 174 -7.31 -8.30 20.96
C GLU A 174 -7.46 -8.28 22.47
N ILE A 175 -6.77 -7.37 23.13
CA ILE A 175 -7.03 -7.12 24.54
C ILE A 175 -7.72 -5.76 24.71
N ARG A 176 -8.63 -5.68 25.67
CA ARG A 176 -9.53 -4.53 25.76
C ARG A 176 -9.87 -4.27 27.23
N TYR A 177 -9.78 -3.02 27.65
CA TYR A 177 -10.31 -2.63 28.96
C TYR A 177 -11.83 -2.84 29.00
N ALA A 178 -12.32 -3.57 29.98
CA ALA A 178 -13.75 -3.84 30.09
C ALA A 178 -14.57 -2.57 30.31
N ASP A 179 -13.96 -1.56 30.93
CA ASP A 179 -14.70 -0.37 31.28
C ASP A 179 -14.97 0.58 30.11
N GLY A 180 -14.47 0.25 28.92
CA GLY A 180 -14.80 1.03 27.74
C GLY A 180 -13.83 2.14 27.42
N THR A 181 -12.84 2.35 28.30
CA THR A 181 -11.82 3.37 28.08
C THR A 181 -10.84 2.92 27.02
N GLU A 182 -10.05 3.86 26.50
CA GLU A 182 -9.11 3.56 25.44
C GLU A 182 -8.03 2.61 25.93
N THR A 183 -7.82 1.53 25.18
CA THR A 183 -6.82 0.53 25.55
C THR A 183 -5.47 0.93 24.96
N ASP A 184 -4.58 1.39 25.84
CA ASP A 184 -3.23 1.82 25.51
C ASP A 184 -2.26 0.63 25.56
N LEU A 185 -2.75 -0.52 25.99
CA LEU A 185 -1.94 -1.74 26.08
C LEU A 185 -1.44 -2.22 24.71
N LYS A 186 -0.19 -2.65 24.67
CA LYS A 186 0.37 -3.12 23.42
C LYS A 186 0.52 -4.63 23.50
N LEU A 187 -0.31 -5.34 22.74
CA LEU A 187 -0.35 -6.79 22.79
C LEU A 187 1.00 -7.42 22.43
N VAL A 188 1.42 -8.37 23.24
CA VAL A 188 2.62 -9.16 22.95
C VAL A 188 2.26 -10.64 22.79
N MET A 189 2.82 -11.25 21.76
CA MET A 189 2.73 -12.70 21.61
C MET A 189 4.16 -13.24 21.61
N LYS A 190 4.32 -14.49 21.99
CA LYS A 190 5.64 -15.09 22.02
C LYS A 190 5.52 -16.52 21.52
N PRO A 191 5.41 -16.69 20.21
CA PRO A 191 5.32 -18.05 19.67
C PRO A 191 6.58 -18.80 20.05
N THR A 192 6.45 -20.09 20.36
CA THR A 192 7.64 -20.88 20.65
C THR A 192 7.52 -22.27 20.04
N ASP A 193 8.64 -23.00 20.01
CA ASP A 193 8.64 -24.40 19.57
C ASP A 193 8.05 -24.52 18.16
N ILE A 194 8.42 -23.59 17.28
CA ILE A 194 7.97 -23.64 15.91
C ILE A 194 8.99 -24.52 15.22
N ASP A 195 8.76 -25.83 15.24
CA ASP A 195 9.85 -26.72 14.87
C ASP A 195 9.41 -28.00 14.14
N ALA A 196 8.13 -28.10 13.78
CA ALA A 196 7.65 -29.33 13.16
C ALA A 196 7.80 -29.33 11.63
N ILE A 197 8.46 -30.35 11.10
CA ILE A 197 8.52 -30.57 9.66
C ILE A 197 8.15 -32.02 9.36
N ASP A 198 7.12 -32.26 8.54
CA ASP A 198 6.68 -33.65 8.33
C ASP A 198 7.40 -34.39 7.19
N ALA A 199 7.05 -35.66 7.00
CA ALA A 199 7.71 -36.49 6.00
C ALA A 199 7.63 -35.88 4.62
N ASN A 200 6.60 -35.06 4.40
CA ASN A 200 6.35 -34.50 3.09
C ASN A 200 6.83 -33.08 2.95
N ASN A 201 7.62 -32.66 3.93
CA ASN A 201 8.22 -31.34 3.93
C ASN A 201 7.23 -30.18 4.12
N LEU A 202 6.08 -30.45 4.71
CA LEU A 202 5.26 -29.35 5.21
C LEU A 202 5.94 -28.85 6.47
N LYS A 203 5.87 -27.55 6.70
CA LYS A 203 6.55 -26.93 7.82
C LYS A 203 5.64 -26.08 8.68
N GLU A 204 5.71 -26.32 9.98
CA GLU A 204 4.98 -25.53 10.95
C GLU A 204 5.32 -24.06 10.74
N THR A 205 4.30 -23.23 10.72
CA THR A 205 4.50 -21.82 10.41
C THR A 205 3.65 -20.93 11.28
N PHE A 206 4.28 -19.91 11.87
CA PHE A 206 3.55 -18.86 12.54
C PHE A 206 3.63 -17.64 11.65
N TYR A 207 2.55 -16.86 11.56
CA TYR A 207 2.65 -15.63 10.79
C TYR A 207 1.87 -14.46 11.36
N VAL A 208 2.22 -13.28 10.86
CA VAL A 208 1.51 -12.06 11.20
C VAL A 208 1.14 -11.33 9.94
N LYS A 209 -0.15 -11.05 9.78
CA LYS A 209 -0.63 -10.33 8.63
C LYS A 209 -0.39 -8.85 8.84
N ASN A 210 -0.03 -8.15 7.77
CA ASN A 210 0.18 -6.70 7.84
C ASN A 210 1.27 -6.39 8.86
N TYR A 211 2.23 -7.33 8.98
CA TYR A 211 3.36 -7.25 9.90
C TYR A 211 4.04 -5.90 9.91
N GLN A 212 4.39 -5.41 8.73
CA GLN A 212 5.18 -4.21 8.61
C GLN A 212 4.47 -3.01 9.26
N ASN A 213 3.15 -2.97 9.14
CA ASN A 213 2.37 -1.88 9.72
C ASN A 213 1.86 -2.17 11.14
N ASP A 214 1.71 -3.44 11.48
CA ASP A 214 1.03 -3.79 12.73
C ASP A 214 1.93 -4.10 13.91
N VAL A 215 3.21 -4.40 13.65
CA VAL A 215 4.13 -4.78 14.72
C VAL A 215 5.12 -3.66 15.02
N ASN A 216 5.33 -3.40 16.30
CA ASN A 216 6.22 -2.34 16.72
C ASN A 216 7.66 -2.83 16.87
N LEU A 217 7.81 -4.00 17.49
CA LEU A 217 9.13 -4.57 17.80
C LEU A 217 9.11 -6.09 17.70
N ARG A 218 10.11 -6.66 17.05
CA ARG A 218 10.25 -8.11 16.94
C ARG A 218 11.62 -8.55 17.49
N LEU A 219 11.59 -9.38 18.53
CA LEU A 219 12.80 -9.80 19.20
C LEU A 219 13.13 -11.26 18.91
N MET A 220 14.35 -11.50 18.43
CA MET A 220 14.92 -12.84 18.37
C MET A 220 16.15 -12.95 19.25
N ASN A 221 16.38 -14.16 19.78
CA ASN A 221 17.64 -14.48 20.40
C ASN A 221 18.67 -14.81 19.31
N ASN A 222 19.94 -14.57 19.60
CA ASN A 222 21.03 -14.94 18.67
C ASN A 222 20.95 -16.34 18.09
N ALA A 223 20.34 -17.27 18.82
CA ALA A 223 20.33 -18.69 18.46
C ALA A 223 19.18 -19.05 17.53
N ASN A 224 18.37 -18.06 17.18
CA ASN A 224 17.18 -18.35 16.38
C ASN A 224 17.54 -19.01 15.04
N VAL A 225 16.84 -20.10 14.70
CA VAL A 225 17.08 -20.75 13.40
C VAL A 225 15.83 -20.80 12.51
N LEU A 226 14.78 -20.07 12.89
CA LEU A 226 13.61 -20.01 12.05
C LEU A 226 13.96 -19.28 10.75
N VAL A 227 13.22 -19.55 9.69
CA VAL A 227 13.31 -18.74 8.49
C VAL A 227 12.20 -17.69 8.58
N GLN A 228 12.57 -16.42 8.51
CA GLN A 228 11.57 -15.34 8.48
C GLN A 228 11.25 -14.98 7.05
N GLU A 229 10.03 -15.32 6.62
CA GLU A 229 9.62 -15.13 5.23
C GLU A 229 8.75 -13.89 5.08
N GLU A 230 9.25 -12.90 4.35
CA GLU A 230 8.56 -11.63 4.19
C GLU A 230 7.87 -11.60 2.84
N ALA A 231 6.54 -11.59 2.88
CA ALA A 231 5.74 -11.56 1.68
C ALA A 231 4.92 -10.28 1.68
N SER A 232 4.09 -10.11 0.66
CA SER A 232 3.37 -8.86 0.49
C SER A 232 2.35 -8.61 1.59
N ASP A 233 1.58 -9.64 1.92
CA ASP A 233 0.48 -9.50 2.88
C ASP A 233 0.83 -9.91 4.31
N ARG A 234 2.04 -10.42 4.52
CA ARG A 234 2.38 -11.04 5.79
C ARG A 234 3.85 -11.36 5.94
N THR A 235 4.25 -11.64 7.17
CA THR A 235 5.58 -12.17 7.41
C THR A 235 5.40 -13.42 8.23
N SER A 236 6.12 -14.47 7.87
CA SER A 236 5.97 -15.76 8.50
C SER A 236 7.27 -16.22 9.13
N TRP A 237 7.16 -17.09 10.12
CA TRP A 237 8.32 -17.71 10.70
C TRP A 237 8.11 -19.21 10.55
N ILE A 238 9.08 -19.85 9.89
CA ILE A 238 8.95 -21.22 9.41
C ILE A 238 9.97 -22.15 10.10
N ALA A 239 9.50 -23.28 10.61
CA ALA A 239 10.37 -24.27 11.25
C ALA A 239 11.53 -24.68 10.34
N THR A 240 12.69 -24.93 10.94
CA THR A 240 13.83 -25.51 10.22
C THR A 240 14.47 -26.70 10.94
N GLN A 241 14.27 -26.79 12.26
CA GLN A 241 14.94 -27.82 13.09
C GLN A 241 14.08 -28.16 14.29
N ILE A 242 14.14 -29.43 14.68
CA ILE A 242 13.58 -29.85 15.95
C ILE A 242 14.24 -29.09 17.09
N THR A 243 13.48 -28.79 18.14
CA THR A 243 14.02 -28.15 19.34
C THR A 243 13.29 -28.70 20.56
N GLY A 244 14.04 -29.02 21.61
CA GLY A 244 13.47 -29.49 22.86
C GLY A 244 13.93 -28.68 24.05
N GLY A 245 13.10 -28.60 25.08
CA GLY A 245 13.42 -27.82 26.27
C GLY A 245 12.97 -26.38 26.10
N SER A 246 12.55 -25.75 27.19
CA SER A 246 12.01 -24.41 27.11
C SER A 246 13.02 -23.40 26.57
N TYR A 247 14.30 -23.58 26.87
CA TYR A 247 15.30 -22.61 26.42
C TYR A 247 15.36 -22.58 24.89
N ASN A 248 15.43 -23.77 24.30
CA ASN A 248 15.53 -23.91 22.85
C ASN A 248 14.23 -23.58 22.14
N GLU A 249 13.11 -24.01 22.71
CA GLU A 249 11.80 -23.70 22.16
C GLU A 249 11.57 -22.19 22.11
N ASN A 250 12.09 -21.48 23.11
CA ASN A 250 11.95 -20.03 23.16
C ASN A 250 12.97 -19.28 22.30
N ASN A 251 14.25 -19.62 22.47
CA ASN A 251 15.33 -18.90 21.80
C ASN A 251 15.70 -19.43 20.42
N VAL A 252 15.65 -20.75 20.24
CA VAL A 252 16.02 -21.36 18.97
C VAL A 252 14.84 -21.36 17.99
N SER A 253 13.68 -21.76 18.46
CA SER A 253 12.49 -21.85 17.59
C SER A 253 11.35 -20.92 18.03
N GLY A 254 11.71 -19.79 18.65
CA GLY A 254 10.69 -18.89 19.14
C GLY A 254 11.05 -17.44 18.91
N LEU A 255 10.13 -16.56 19.26
CA LEU A 255 10.37 -15.13 19.16
C LEU A 255 9.34 -14.36 19.96
N ALA A 256 9.58 -13.07 20.13
CA ALA A 256 8.63 -12.19 20.82
C ALA A 256 8.23 -11.02 19.92
N LEU A 257 6.93 -10.73 19.89
CA LEU A 257 6.34 -9.70 19.04
C LEU A 257 5.55 -8.72 19.89
N ARG A 258 5.88 -7.44 19.77
CA ARG A 258 5.11 -6.39 20.40
C ARG A 258 4.32 -5.62 19.33
N SER A 259 3.01 -5.61 19.47
CA SER A 259 2.16 -4.95 18.51
C SER A 259 2.24 -3.42 18.64
N ASN A 260 1.88 -2.75 17.55
CA ASN A 260 1.58 -1.30 17.59
C ASN A 260 0.26 -1.00 18.30
N SER A 261 -0.55 -2.02 18.58
CA SER A 261 -1.86 -1.76 19.16
C SER A 261 -2.21 -2.79 20.22
N ASN A 262 -3.50 -2.83 20.59
CA ASN A 262 -4.01 -3.83 21.53
C ASN A 262 -4.40 -5.10 20.81
N SER A 263 -4.12 -5.18 19.51
CA SER A 263 -4.51 -6.37 18.77
C SER A 263 -3.44 -6.87 17.78
N MET A 264 -3.61 -8.10 17.32
CA MET A 264 -2.71 -8.64 16.29
C MET A 264 -3.48 -9.67 15.47
N ASN A 265 -3.37 -9.55 14.16
CA ASN A 265 -3.98 -10.54 13.27
C ASN A 265 -2.85 -11.49 12.90
N PHE A 266 -2.81 -12.63 13.56
CA PHE A 266 -1.76 -13.60 13.31
C PHE A 266 -2.34 -14.81 12.61
N GLY A 267 -1.50 -15.80 12.32
CA GLY A 267 -1.96 -17.01 11.68
C GLY A 267 -1.04 -18.17 12.06
N TYR A 268 -1.47 -19.37 11.77
CA TYR A 268 -0.69 -20.55 12.09
C TYR A 268 -1.04 -21.62 11.08
N SER A 269 -0.04 -22.26 10.51
CA SER A 269 -0.31 -23.41 9.64
C SER A 269 0.46 -24.63 10.08
N SER A 270 -0.23 -25.77 10.10
CA SER A 270 0.33 -26.99 10.64
C SER A 270 1.03 -27.82 9.57
N THR A 271 1.57 -28.96 9.99
CA THR A 271 2.00 -29.99 9.06
C THR A 271 0.87 -31.01 9.04
N GLU A 272 1.14 -32.23 8.60
CA GLU A 272 0.09 -33.25 8.63
C GLU A 272 -0.29 -33.54 10.09
N THR A 273 0.59 -33.18 11.02
CA THR A 273 0.26 -33.39 12.42
C THR A 273 1.16 -32.62 13.38
N CYS A 274 0.71 -31.42 13.76
CA CYS A 274 1.44 -30.64 14.77
C CYS A 274 0.53 -29.56 15.34
N SER A 275 1.01 -28.88 16.37
CA SER A 275 0.22 -27.83 16.99
C SER A 275 1.17 -26.95 17.76
N ALA A 276 0.72 -25.77 18.12
CA ALA A 276 1.55 -24.91 18.95
C ALA A 276 0.70 -24.30 20.04
N VAL A 277 1.36 -23.86 21.10
CA VAL A 277 0.67 -23.39 22.29
C VAL A 277 0.96 -21.90 22.42
N PHE A 278 -0.05 -21.12 22.79
CA PHE A 278 0.08 -19.66 22.85
C PHE A 278 -0.53 -19.04 24.10
N GLY A 279 0.13 -18.04 24.65
CA GLY A 279 -0.51 -17.15 25.61
C GLY A 279 -0.62 -15.74 25.04
N LEU A 280 -1.33 -14.84 25.72
CA LEU A 280 -1.30 -13.43 25.35
C LEU A 280 -0.62 -12.68 26.49
N TYR A 281 0.16 -11.65 26.14
CA TYR A 281 0.98 -10.96 27.12
C TYR A 281 0.93 -9.45 26.95
N ILE A 282 1.50 -8.76 27.93
CA ILE A 282 1.96 -7.40 27.77
C ILE A 282 3.27 -7.28 28.53
N GLU A 283 4.06 -6.27 28.19
CA GLU A 283 5.25 -5.92 28.96
C GLU A 283 4.83 -5.21 30.24
N LYS A 284 5.76 -5.11 31.20
CA LYS A 284 5.42 -4.55 32.50
C LYS A 284 6.10 -3.23 32.72
N ILE A 285 5.33 -2.25 33.16
CA ILE A 285 5.89 -1.06 33.77
C ILE A 285 5.33 -1.08 35.18
N ASP A 286 6.09 -1.66 36.09
CA ASP A 286 5.62 -1.94 37.42
C ASP A 286 6.82 -1.80 38.34
N PRO A 287 6.75 -0.88 39.31
CA PRO A 287 5.52 -0.12 39.63
C PRO A 287 5.21 0.96 38.62
N ARG A 288 3.93 1.31 38.55
CA ARG A 288 3.47 2.50 37.85
C ARG A 288 4.15 3.73 38.45
N PRO A 289 4.26 4.80 37.65
CA PRO A 289 4.76 6.04 38.26
C PRO A 289 4.05 6.37 39.56
N VAL A 290 4.80 6.88 40.54
CA VAL A 290 4.22 7.34 41.79
C VAL A 290 4.15 8.86 41.81
N LEU A 291 2.94 9.38 41.92
CA LEU A 291 2.71 10.81 41.85
C LEU A 291 2.36 11.34 43.24
N GLU A 292 2.96 12.46 43.61
CA GLU A 292 2.66 13.12 44.87
C GLU A 292 2.28 14.57 44.60
N VAL A 293 1.46 15.15 45.48
CA VAL A 293 1.11 16.56 45.36
C VAL A 293 1.24 17.28 46.71
N ASP A 294 1.91 18.42 46.69
CA ASP A 294 1.97 19.30 47.86
C ASP A 294 1.37 20.65 47.44
N PRO A 295 0.25 21.05 48.06
CA PRO A 295 -0.43 20.42 49.20
C PRO A 295 -1.71 19.69 48.81
N ALA A 296 -2.28 18.99 49.80
CA ALA A 296 -3.52 18.25 49.63
C ALA A 296 -4.75 19.18 49.50
N GLU A 297 -4.62 20.40 49.99
CA GLU A 297 -5.70 21.38 49.85
C GLU A 297 -5.15 22.81 49.86
N ILE A 298 -5.85 23.70 49.16
CA ILE A 298 -5.47 25.12 49.10
C ILE A 298 -6.68 26.02 49.20
N PRO A 299 -6.44 27.29 49.60
CA PRO A 299 -7.48 28.32 49.45
C PRO A 299 -7.79 28.45 47.97
N ALA A 300 -9.07 28.43 47.60
CA ALA A 300 -9.43 28.58 46.20
C ALA A 300 -9.20 30.01 45.75
N LYS A 301 -7.95 30.33 45.42
CA LYS A 301 -7.63 31.65 44.90
C LYS A 301 -6.37 31.65 44.06
N ASP A 302 -6.22 32.70 43.25
CA ASP A 302 -5.09 32.84 42.34
C ASP A 302 -3.73 32.82 43.06
N GLY A 303 -2.70 32.29 42.38
CA GLY A 303 -1.33 32.36 42.88
C GLY A 303 -0.91 31.41 43.99
N GLN A 304 -1.70 30.37 44.23
CA GLN A 304 -1.36 29.37 45.23
C GLN A 304 -0.51 28.23 44.64
N ASP A 305 0.67 28.02 45.20
CA ASP A 305 1.59 26.99 44.72
C ASP A 305 1.06 25.56 44.84
N VAL A 306 1.10 24.83 43.74
CA VAL A 306 0.91 23.38 43.82
C VAL A 306 2.02 22.64 43.09
N THR A 307 2.67 21.76 43.83
CA THR A 307 3.87 21.11 43.36
C THR A 307 3.66 19.61 43.22
N TYR A 308 3.91 19.09 42.03
CA TYR A 308 3.79 17.66 41.78
C TYR A 308 5.16 17.01 41.72
N LYS A 309 5.30 15.88 42.43
CA LYS A 309 6.51 15.07 42.36
C LYS A 309 6.17 13.68 41.81
N ALA A 310 6.81 13.31 40.70
CA ALA A 310 6.51 12.04 40.03
C ALA A 310 7.75 11.17 39.98
N THR A 311 7.64 9.96 40.53
CA THR A 311 8.77 9.04 40.57
C THR A 311 8.57 7.92 39.55
N PHE A 312 9.41 7.91 38.53
CA PHE A 312 9.27 6.97 37.42
C PHE A 312 10.25 5.81 37.52
N LYS A 313 9.74 4.61 37.70
CA LYS A 313 10.59 3.42 37.64
C LYS A 313 10.76 3.01 36.18
N VAL A 314 12.02 2.81 35.78
CA VAL A 314 12.35 2.45 34.40
C VAL A 314 12.34 0.92 34.22
N PRO A 315 11.55 0.43 33.25
CA PRO A 315 11.50 -1.03 33.11
C PRO A 315 12.87 -1.58 32.76
N VAL A 316 13.13 -2.82 33.17
CA VAL A 316 14.41 -3.47 32.88
C VAL A 316 14.35 -4.19 31.53
N PRO A 317 15.21 -3.77 30.58
CA PRO A 317 15.28 -4.38 29.25
C PRO A 317 15.62 -5.87 29.38
N GLY A 318 14.88 -6.71 28.66
CA GLY A 318 15.15 -8.14 28.65
C GLY A 318 14.43 -8.84 29.77
N LYS A 319 13.79 -8.07 30.64
CA LYS A 319 12.98 -8.67 31.70
C LYS A 319 11.54 -8.13 31.67
N ASP A 320 11.38 -6.83 31.91
CA ASP A 320 10.05 -6.22 31.96
C ASP A 320 9.55 -5.87 30.57
N ILE A 321 10.48 -5.40 29.73
CA ILE A 321 10.21 -5.05 28.36
C ILE A 321 11.19 -5.82 27.47
N LEU A 322 10.86 -5.90 26.17
CA LEU A 322 11.55 -6.81 25.26
C LEU A 322 12.96 -6.35 24.94
N ALA A 323 13.21 -5.05 25.06
CA ALA A 323 14.50 -4.47 24.69
C ALA A 323 14.69 -3.05 25.23
N ALA A 324 15.92 -2.58 25.13
CA ALA A 324 16.26 -1.24 25.56
C ALA A 324 15.36 -0.24 24.85
N PRO A 325 14.88 0.76 25.58
CA PRO A 325 13.98 1.81 25.04
C PRO A 325 14.64 2.61 23.92
N SER A 326 13.90 2.87 22.84
CA SER A 326 14.29 3.86 21.85
C SER A 326 13.93 5.25 22.35
N SER A 327 12.95 5.33 23.24
CA SER A 327 12.54 6.63 23.79
C SER A 327 11.86 6.47 25.14
N ILE A 328 12.02 7.47 25.99
CA ILE A 328 11.28 7.54 27.23
C ILE A 328 10.79 8.97 27.33
N GLU A 329 9.50 9.12 27.62
CA GLU A 329 8.88 10.44 27.79
C GLU A 329 7.92 10.38 28.97
N MET A 330 7.73 11.52 29.62
CA MET A 330 6.78 11.65 30.69
C MET A 330 5.84 12.78 30.30
N VAL A 331 4.53 12.50 30.30
CA VAL A 331 3.55 13.45 29.79
C VAL A 331 2.70 13.90 30.94
N GLN A 332 2.74 15.20 31.22
CA GLN A 332 1.97 15.79 32.26
C GLN A 332 0.92 16.71 31.58
N LYS A 333 -0.28 16.77 32.15
CA LYS A 333 -1.27 17.74 31.68
C LYS A 333 -1.95 18.37 32.87
N PHE A 334 -1.84 19.69 32.99
CA PHE A 334 -2.35 20.32 34.18
C PHE A 334 -3.77 20.82 34.01
N ASP A 335 -4.57 20.63 35.05
CA ASP A 335 -5.86 21.26 35.19
C ASP A 335 -5.79 22.73 34.74
N GLU A 336 -6.73 23.09 33.88
CA GLU A 336 -6.98 24.45 33.43
C GLU A 336 -6.71 25.56 34.47
N ARG A 337 -6.99 25.25 35.73
CA ARG A 337 -6.91 26.24 36.79
C ARG A 337 -5.47 26.41 37.29
N LEU A 338 -4.55 25.70 36.66
CA LEU A 338 -3.14 25.77 37.03
C LEU A 338 -2.29 26.39 35.94
N ASP A 339 -1.32 27.18 36.36
CA ASP A 339 -0.30 27.70 35.45
C ASP A 339 0.99 26.96 35.74
N TYR A 340 1.53 26.29 34.72
CA TYR A 340 2.85 25.68 34.81
C TYR A 340 3.93 26.75 34.96
N LYS A 341 4.85 26.54 35.90
CA LYS A 341 5.96 27.47 36.10
C LYS A 341 7.26 26.86 35.58
N GLU A 342 7.65 25.71 36.14
CA GLU A 342 8.90 25.08 35.77
C GLU A 342 9.00 23.67 36.35
N LEU A 343 10.04 22.95 35.97
CA LEU A 343 10.27 21.61 36.49
C LEU A 343 11.75 21.30 36.66
N LYS A 344 12.05 20.33 37.52
CA LYS A 344 13.39 19.76 37.59
C LYS A 344 13.31 18.25 37.42
N VAL A 345 14.38 17.67 36.93
CA VAL A 345 14.45 16.23 36.73
C VAL A 345 15.67 15.68 37.47
N GLU A 346 15.47 14.64 38.28
CA GLU A 346 16.57 14.04 39.04
C GLU A 346 16.65 12.54 38.87
N SER A 347 17.88 12.01 38.92
CA SER A 347 18.08 10.57 38.90
C SER A 347 19.43 10.24 39.55
N GLY A 348 19.43 9.22 40.40
CA GLY A 348 20.65 8.77 41.05
C GLY A 348 21.24 9.89 41.85
N GLY A 349 20.39 10.64 42.53
CA GLY A 349 20.85 11.70 43.42
C GLY A 349 21.39 12.90 42.70
N VAL A 350 21.37 12.88 41.38
CA VAL A 350 21.92 13.99 40.62
C VAL A 350 20.83 14.74 39.88
N THR A 351 21.02 16.04 39.72
CA THR A 351 20.07 16.88 38.98
C THR A 351 20.42 16.85 37.51
N LEU A 352 19.58 16.22 36.71
CA LEU A 352 19.82 16.12 35.28
C LEU A 352 19.62 17.48 34.64
N GLN A 353 20.18 17.66 33.45
CA GLN A 353 20.15 18.96 32.79
C GLN A 353 19.34 18.94 31.50
N GLU A 354 18.51 19.97 31.35
CA GLU A 354 17.81 20.19 30.11
C GLU A 354 18.84 20.49 29.03
N GLY A 355 18.69 19.85 27.87
CA GLY A 355 19.70 19.92 26.84
C GLY A 355 20.49 18.62 26.79
N ARG A 356 21.25 18.33 27.85
CA ARG A 356 22.06 17.11 27.85
C ARG A 356 21.24 15.85 28.09
N ASP A 357 20.35 15.90 29.08
CA ASP A 357 19.70 14.70 29.61
C ASP A 357 18.24 14.55 29.19
N TYR A 358 17.53 15.67 29.05
CA TYR A 358 16.13 15.65 28.65
C TYR A 358 15.79 16.95 27.95
N THR A 359 14.71 16.94 27.18
CA THR A 359 14.17 18.19 26.67
C THR A 359 12.74 18.34 27.15
N ILE A 360 12.16 19.51 26.92
CA ILE A 360 10.83 19.81 27.37
C ILE A 360 9.99 20.36 26.24
N GLU A 361 8.85 19.74 26.01
CA GLU A 361 7.88 20.31 25.08
C GLU A 361 6.60 20.69 25.82
N LYS A 362 6.18 21.93 25.62
CA LYS A 362 4.95 22.44 26.19
C LYS A 362 3.98 22.82 25.07
N THR A 363 2.76 22.33 25.17
CA THR A 363 1.70 22.76 24.28
C THR A 363 0.48 22.97 25.14
N GLY A 364 0.16 24.23 25.42
CA GLY A 364 -0.90 24.54 26.34
C GLY A 364 -0.58 23.98 27.72
N GLN A 365 -1.55 23.29 28.30
CA GLN A 365 -1.43 22.71 29.63
C GLN A 365 -0.67 21.39 29.64
N THR A 366 -0.25 20.93 28.45
CA THR A 366 0.47 19.67 28.34
C THR A 366 1.96 19.93 28.29
N VAL A 367 2.68 19.40 29.28
CA VAL A 367 4.13 19.52 29.33
C VAL A 367 4.81 18.14 29.28
N THR A 368 5.63 17.92 28.27
CA THR A 368 6.25 16.61 28.07
C THR A 368 7.75 16.67 28.29
N VAL A 369 8.26 15.76 29.11
CA VAL A 369 9.71 15.60 29.26
C VAL A 369 10.17 14.42 28.44
N LYS A 370 11.18 14.66 27.60
CA LYS A 370 11.71 13.64 26.72
C LYS A 370 13.17 13.41 27.06
N MET A 371 13.50 12.19 27.46
CA MET A 371 14.90 11.87 27.76
C MET A 371 15.68 11.78 26.46
N THR A 372 16.92 12.28 26.45
CA THR A 372 17.74 12.33 25.24
C THR A 372 18.35 10.96 24.93
N PRO A 373 18.69 10.73 23.65
CA PRO A 373 19.40 9.51 23.25
C PRO A 373 20.68 9.36 24.06
N GLU A 374 21.34 10.48 24.35
CA GLU A 374 22.54 10.46 25.17
C GLU A 374 22.24 9.86 26.54
N TYR A 375 21.16 10.31 27.16
CA TYR A 375 20.77 9.75 28.46
C TYR A 375 20.46 8.25 28.33
N LEU A 376 19.68 7.89 27.31
CA LEU A 376 19.28 6.49 27.16
C LEU A 376 20.47 5.54 26.93
N LYS A 377 21.48 6.02 26.22
CA LYS A 377 22.69 5.23 25.94
C LYS A 377 23.41 4.79 27.21
N GLY A 378 23.29 5.58 28.28
CA GLY A 378 23.92 5.26 29.54
C GLY A 378 23.28 4.06 30.22
N ASN A 379 22.19 3.59 29.65
CA ASN A 379 21.47 2.41 30.14
C ASN A 379 21.28 2.42 31.66
N SER A 380 21.05 3.61 32.20
CA SER A 380 20.84 3.75 33.63
C SER A 380 19.59 3.01 34.06
N SER A 381 19.61 2.48 35.27
CA SER A 381 18.48 1.72 35.77
C SER A 381 17.71 2.49 36.82
N SER A 382 18.25 3.62 37.27
CA SER A 382 17.68 4.32 38.43
C SER A 382 16.40 5.12 38.14
N ASP A 383 15.52 5.20 39.14
CA ASP A 383 14.28 5.97 39.03
C ASP A 383 14.55 7.37 38.55
N ILE A 384 13.63 7.89 37.73
CA ILE A 384 13.70 9.27 37.31
C ILE A 384 12.63 10.04 38.06
N ILE A 385 13.04 11.14 38.67
CA ILE A 385 12.12 11.93 39.47
C ILE A 385 11.92 13.31 38.87
N ILE A 386 10.67 13.63 38.53
CA ILE A 386 10.37 14.93 37.96
C ILE A 386 9.46 15.70 38.92
N THR A 387 9.90 16.90 39.26
CA THR A 387 9.15 17.76 40.18
C THR A 387 8.66 18.95 39.39
N TYR A 388 7.34 19.10 39.32
CA TYR A 388 6.69 20.15 38.54
C TYR A 388 6.16 21.24 39.45
N LYS A 389 6.58 22.47 39.23
CA LYS A 389 6.05 23.62 39.97
C LYS A 389 4.94 24.31 39.19
N THR A 390 3.77 24.42 39.81
CA THR A 390 2.68 25.17 39.20
C THR A 390 2.06 26.10 40.25
N ALA A 391 1.19 27.01 39.81
CA ALA A 391 0.43 27.85 40.75
C ALA A 391 -0.97 28.08 40.21
N THR A 392 -1.96 28.10 41.09
CA THR A 392 -3.32 28.38 40.65
C THR A 392 -3.33 29.70 39.88
N ASN A 393 -4.28 29.83 38.96
CA ASN A 393 -4.44 31.06 38.21
C ASN A 393 -5.80 31.71 38.47
N LYS A 394 -6.15 32.67 37.63
CA LYS A 394 -7.36 33.46 37.83
C LYS A 394 -8.64 32.68 37.53
N LYS A 395 -8.50 31.43 37.10
CA LYS A 395 -9.67 30.60 36.80
C LYS A 395 -10.09 29.68 37.93
N VAL A 396 -9.37 29.72 39.05
CA VAL A 396 -9.58 28.72 40.12
C VAL A 396 -10.99 28.55 40.65
N GLU A 397 -11.83 29.57 40.53
CA GLU A 397 -13.13 29.53 41.20
C GLU A 397 -14.28 29.12 40.30
N GLU A 398 -14.00 28.89 39.02
CA GLU A 398 -15.02 28.39 38.10
C GLU A 398 -15.96 27.42 38.80
N SER A 401 -16.05 21.24 39.74
CA SER A 401 -15.12 20.34 40.41
C SER A 401 -14.43 21.05 41.57
N GLU A 402 -14.84 20.74 42.80
CA GLU A 402 -14.27 21.39 43.97
C GLU A 402 -12.88 20.85 44.33
N LYS A 403 -12.24 20.18 43.37
CA LYS A 403 -10.86 19.70 43.53
C LYS A 403 -10.07 19.68 42.21
N ILE A 404 -8.77 19.90 42.31
CA ILE A 404 -7.88 19.81 41.17
C ILE A 404 -7.17 18.45 41.21
N ASP A 405 -7.41 17.64 40.16
CA ASP A 405 -6.87 16.29 40.04
C ASP A 405 -5.71 16.30 39.07
N ASN A 406 -4.75 15.41 39.31
CA ASN A 406 -3.61 15.28 38.42
C ASN A 406 -3.18 13.80 38.23
N THR A 407 -2.75 13.50 37.02
CA THR A 407 -2.16 12.21 36.65
C THR A 407 -1.01 12.50 35.70
N VAL A 408 0.07 11.72 35.79
CA VAL A 408 1.14 11.83 34.80
C VAL A 408 1.35 10.47 34.12
N THR A 409 1.79 10.47 32.88
CA THR A 409 1.91 9.20 32.16
C THR A 409 3.33 8.98 31.65
N LEU A 410 3.86 7.79 31.91
CA LEU A 410 5.19 7.42 31.44
C LEU A 410 5.07 6.72 30.09
N HIS A 411 5.90 7.12 29.14
CA HIS A 411 5.92 6.44 27.84
C HIS A 411 7.30 5.81 27.65
N VAL A 412 7.32 4.54 27.26
CA VAL A 412 8.56 3.82 26.98
C VAL A 412 8.32 3.15 25.63
N ASP A 413 9.06 3.57 24.61
CA ASP A 413 8.69 3.24 23.25
C ASP A 413 7.21 3.59 23.07
N ASN A 414 6.41 2.64 22.60
CA ASN A 414 4.99 2.91 22.38
C ASN A 414 4.14 2.42 23.56
N LEU A 415 4.82 2.06 24.64
CA LEU A 415 4.14 1.61 25.84
C LEU A 415 3.80 2.81 26.71
N SER A 416 2.78 2.70 27.54
CA SER A 416 2.57 3.72 28.53
C SER A 416 2.02 3.15 29.83
N ALA A 417 2.20 3.92 30.91
CA ALA A 417 1.55 3.62 32.16
C ALA A 417 1.28 4.92 32.89
N PRO A 418 0.02 5.11 33.34
CA PRO A 418 -0.38 6.30 34.09
C PRO A 418 0.05 6.13 35.53
N SER A 419 0.34 7.23 36.21
CA SER A 419 0.59 7.21 37.64
C SER A 419 -0.73 7.05 38.35
N ASN A 420 -0.68 6.97 39.68
CA ASN A 420 -1.88 7.19 40.49
C ASN A 420 -2.39 8.59 40.23
N GLN A 421 -3.67 8.82 40.53
CA GLN A 421 -4.25 10.15 40.43
C GLN A 421 -4.18 10.82 41.80
N VAL A 422 -3.81 12.10 41.81
CA VAL A 422 -3.79 12.84 43.06
C VAL A 422 -4.75 14.01 42.95
N SER A 423 -5.10 14.59 44.09
CA SER A 423 -6.01 15.70 44.05
C SER A 423 -5.70 16.68 45.17
N THR A 424 -6.02 17.94 44.88
CA THR A 424 -5.88 19.02 45.84
C THR A 424 -7.24 19.66 46.00
N ALA A 425 -7.74 19.69 47.24
CA ALA A 425 -9.05 20.27 47.53
C ALA A 425 -9.02 21.79 47.45
N LEU A 426 -10.08 22.36 46.89
CA LEU A 426 -10.25 23.81 46.89
C LEU A 426 -11.13 24.26 48.06
N LEU A 427 -10.57 25.07 48.96
CA LEU A 427 -11.31 25.59 50.10
C LEU A 427 -12.00 26.91 49.76
N TYR A 428 -13.34 26.87 49.67
CA TYR A 428 -14.16 28.01 49.25
C TYR A 428 -14.16 28.22 47.73
N PRO B 1 -31.07 10.47 -18.94
CA PRO B 1 -29.63 10.30 -19.13
C PRO B 1 -29.05 9.21 -18.22
N THR B 2 -27.95 8.58 -18.65
CA THR B 2 -27.23 7.62 -17.81
C THR B 2 -25.74 7.97 -17.79
N THR B 3 -25.16 7.94 -16.60
CA THR B 3 -23.74 8.25 -16.44
C THR B 3 -23.06 7.10 -15.72
N GLU B 4 -21.88 6.74 -16.17
CA GLU B 4 -21.14 5.66 -15.53
C GLU B 4 -19.67 6.01 -15.40
N ASN B 5 -19.09 5.68 -14.27
CA ASN B 5 -17.65 5.70 -14.16
C ASN B 5 -17.12 4.48 -13.44
N LEU B 6 -15.91 4.09 -13.79
CA LEU B 6 -15.28 2.92 -13.22
C LEU B 6 -14.06 3.34 -12.45
N TYR B 7 -13.90 2.78 -11.27
CA TYR B 7 -12.78 3.15 -10.42
C TYR B 7 -11.98 1.89 -10.17
N PHE B 8 -10.70 1.93 -10.54
CA PHE B 8 -9.80 0.81 -10.35
C PHE B 8 -8.70 1.20 -9.37
N GLN B 9 -8.93 0.92 -8.10
CA GLN B 9 -7.88 1.10 -7.10
C GLN B 9 -7.22 -0.24 -6.94
N GLY B 10 -5.95 -0.31 -7.27
CA GLY B 10 -5.23 -1.57 -7.16
C GLY B 10 -5.83 -2.58 -8.11
N ALA B 11 -6.08 -3.79 -7.63
CA ALA B 11 -6.66 -4.84 -8.46
C ALA B 11 -8.19 -4.88 -8.34
N MET B 12 -8.78 -3.89 -7.67
CA MET B 12 -10.23 -3.90 -7.46
C MET B 12 -10.97 -3.16 -8.56
N ALA B 13 -12.30 -3.23 -8.52
CA ALA B 13 -13.12 -2.62 -9.56
C ALA B 13 -14.46 -2.15 -8.99
N LEU B 14 -14.64 -0.83 -8.95
CA LEU B 14 -15.87 -0.25 -8.49
C LEU B 14 -16.59 0.36 -9.65
N GLU B 15 -17.86 0.01 -9.80
CA GLU B 15 -18.69 0.61 -10.82
C GLU B 15 -19.63 1.62 -10.16
N GLU B 16 -19.55 2.87 -10.61
CA GLU B 16 -20.43 3.91 -10.09
C GLU B 16 -21.40 4.33 -11.18
N ILE B 17 -22.70 4.19 -10.89
CA ILE B 17 -23.73 4.47 -11.87
C ILE B 17 -24.69 5.53 -11.39
N LYS B 18 -25.10 6.41 -12.30
CA LYS B 18 -26.19 7.34 -12.04
C LYS B 18 -27.15 7.27 -13.21
N ASN B 19 -28.43 7.02 -12.93
CA ASN B 19 -29.41 6.84 -13.98
C ASN B 19 -30.81 7.11 -13.45
N GLY B 20 -31.83 6.71 -14.20
CA GLY B 20 -33.21 7.04 -13.88
C GLY B 20 -33.89 6.05 -12.94
N THR B 21 -33.17 5.00 -12.57
CA THR B 21 -33.72 4.00 -11.67
C THR B 21 -34.26 4.62 -10.39
N ASP B 22 -35.48 4.22 -10.02
CA ASP B 22 -36.11 4.71 -8.79
C ASP B 22 -35.62 3.90 -7.58
N ILE B 23 -34.70 4.47 -6.82
CA ILE B 23 -34.11 3.74 -5.68
C ILE B 23 -35.16 3.33 -4.62
N SER B 24 -36.26 4.09 -4.53
CA SER B 24 -37.31 3.80 -3.56
C SER B 24 -38.18 2.61 -3.93
N THR B 25 -38.13 2.18 -5.19
CA THR B 25 -38.95 1.04 -5.61
C THR B 25 -38.13 -0.20 -6.00
N LEU B 26 -36.86 -0.22 -5.59
CA LEU B 26 -36.03 -1.41 -5.74
C LEU B 26 -36.75 -2.61 -5.15
N ASP B 27 -36.59 -3.77 -5.75
CA ASP B 27 -37.17 -5.00 -5.22
C ASP B 27 -36.11 -5.85 -4.52
N ILE B 28 -35.15 -5.21 -3.86
CA ILE B 28 -34.12 -5.99 -3.19
C ILE B 28 -34.68 -6.61 -1.91
N ARG B 29 -33.98 -7.60 -1.36
CA ARG B 29 -34.46 -8.20 -0.13
C ARG B 29 -33.96 -7.43 1.09
N LYS B 30 -34.88 -7.02 1.94
CA LYS B 30 -34.51 -6.37 3.18
C LYS B 30 -34.55 -7.41 4.30
N PHE B 31 -33.42 -7.60 4.98
CA PHE B 31 -33.37 -8.62 6.01
C PHE B 31 -34.19 -8.23 7.24
N ASN B 32 -34.56 -9.23 8.03
CA ASN B 32 -35.28 -9.00 9.28
C ASN B 32 -34.33 -8.70 10.44
N LEU B 33 -34.29 -7.44 10.83
CA LEU B 33 -33.49 -7.04 11.99
C LEU B 33 -34.42 -6.30 12.92
N ASN B 34 -34.58 -6.81 14.13
CA ASN B 34 -35.53 -6.19 15.03
C ASN B 34 -35.15 -6.43 16.48
N ILE B 35 -35.90 -5.83 17.40
CA ILE B 35 -35.60 -5.96 18.83
C ILE B 35 -35.79 -7.38 19.34
N ASN B 36 -36.41 -8.23 18.54
CA ASN B 36 -36.70 -9.58 18.99
C ASN B 36 -35.66 -10.60 18.55
N ASN B 37 -34.90 -10.29 17.50
CA ASN B 37 -33.87 -11.23 17.11
C ASN B 37 -32.46 -10.72 17.34
N VAL B 38 -32.33 -9.59 18.00
CA VAL B 38 -31.01 -9.04 18.29
C VAL B 38 -30.48 -9.59 19.60
N SER B 39 -29.17 -9.81 19.66
CA SER B 39 -28.49 -10.12 20.92
C SER B 39 -27.20 -9.30 21.02
N VAL B 40 -26.80 -8.99 22.24
CA VAL B 40 -25.58 -8.24 22.46
C VAL B 40 -24.46 -9.24 22.71
N LEU B 41 -23.51 -9.33 21.80
CA LEU B 41 -22.36 -10.23 21.95
C LEU B 41 -21.38 -9.66 22.97
N SER B 42 -21.20 -8.35 22.96
CA SER B 42 -20.47 -7.68 24.02
C SER B 42 -20.81 -6.21 23.99
N LYS B 43 -20.61 -5.53 25.11
CA LYS B 43 -20.75 -4.08 25.14
C LYS B 43 -19.85 -3.56 26.26
N SER B 44 -19.25 -2.40 26.07
CA SER B 44 -18.39 -1.88 27.13
C SER B 44 -19.21 -1.25 28.26
N GLN B 45 -18.59 -0.96 29.40
CA GLN B 45 -19.31 -0.37 30.53
C GLN B 45 -19.79 1.04 30.21
N SER B 46 -19.29 1.58 29.11
CA SER B 46 -19.65 2.93 28.70
C SER B 46 -21.09 2.96 28.20
N VAL B 47 -21.59 1.81 27.79
CA VAL B 47 -22.88 1.76 27.13
C VAL B 47 -24.04 1.58 28.11
N ASP B 48 -25.03 2.47 28.00
CA ASP B 48 -26.28 2.36 28.74
C ASP B 48 -27.32 1.80 27.80
N GLN B 49 -27.73 0.56 28.04
CA GLN B 49 -28.73 -0.10 27.21
C GLN B 49 -30.03 -0.25 27.98
N PHE B 50 -31.14 0.09 27.33
CA PHE B 50 -32.45 -0.02 27.97
C PHE B 50 -33.58 -0.08 26.94
N HIS B 51 -34.66 -0.74 27.31
CA HIS B 51 -35.83 -0.85 26.44
C HIS B 51 -36.74 0.36 26.63
N LEU B 52 -37.28 0.85 25.52
CA LEU B 52 -38.19 1.99 25.56
C LEU B 52 -39.51 1.62 24.89
N SER B 53 -40.62 1.93 25.55
CA SER B 53 -41.94 1.64 24.99
C SER B 53 -42.66 2.95 24.62
N ASN B 54 -42.97 3.13 23.35
CA ASN B 54 -43.51 4.39 22.87
C ASN B 54 -42.63 5.55 23.30
N PRO B 55 -41.40 5.57 22.80
CA PRO B 55 -40.43 6.60 23.19
C PRO B 55 -40.84 7.99 22.70
N HIS B 56 -40.46 9.01 23.45
CA HIS B 56 -40.69 10.39 23.03
C HIS B 56 -39.50 10.85 22.19
N TYR B 57 -39.79 11.51 21.08
CA TYR B 57 -38.75 11.93 20.16
C TYR B 57 -38.00 13.17 20.64
N GLU B 58 -36.70 13.01 20.88
CA GLU B 58 -35.82 14.14 21.21
C GLU B 58 -35.96 14.73 22.63
N TYR B 59 -37.21 14.98 23.05
CA TYR B 59 -37.49 15.55 24.36
C TYR B 59 -38.66 14.82 25.01
N LEU B 60 -38.61 14.68 26.34
CA LEU B 60 -39.71 14.06 27.06
C LEU B 60 -41.04 14.72 26.72
N SER B 61 -41.04 16.05 26.65
CA SER B 61 -42.27 16.77 26.31
C SER B 61 -42.69 16.48 24.87
N GLY B 62 -41.78 15.91 24.09
CA GLY B 62 -42.04 15.62 22.70
C GLY B 62 -43.16 14.61 22.50
N GLY B 63 -43.61 14.48 21.25
CA GLY B 63 -44.68 13.56 20.93
C GLY B 63 -44.20 12.11 20.96
N ALA B 64 -45.00 11.26 21.60
CA ALA B 64 -44.66 9.85 21.69
C ALA B 64 -44.85 9.18 20.34
N TYR B 65 -44.12 8.09 20.12
CA TYR B 65 -44.24 7.32 18.90
C TYR B 65 -44.38 5.84 19.24
N PRO B 66 -45.24 5.12 18.50
CA PRO B 66 -45.42 3.68 18.76
C PRO B 66 -44.47 2.87 17.89
N GLY B 67 -43.91 1.76 18.39
CA GLY B 67 -44.20 1.24 19.71
C GLY B 67 -43.00 0.87 20.57
N GLU B 68 -42.24 -0.16 20.19
CA GLU B 68 -41.17 -0.67 21.06
C GLU B 68 -39.77 -0.48 20.49
N MET B 69 -38.85 -0.09 21.36
CA MET B 69 -37.51 0.29 20.94
C MET B 69 -36.47 -0.25 21.92
N GLU B 70 -35.32 -0.65 21.38
CA GLU B 70 -34.18 -0.93 22.24
C GLU B 70 -33.18 0.18 21.99
N ASN B 71 -32.83 0.89 23.05
CA ASN B 71 -32.04 2.11 22.94
C ASN B 71 -30.66 1.97 23.56
N PHE B 72 -29.68 2.64 22.95
CA PHE B 72 -28.31 2.56 23.43
C PHE B 72 -27.70 3.94 23.51
N THR B 73 -27.19 4.27 24.69
CA THR B 73 -26.49 5.54 24.86
C THR B 73 -25.12 5.31 25.45
N LEU B 74 -24.29 6.36 25.43
CA LEU B 74 -22.93 6.32 25.93
C LEU B 74 -22.80 7.26 27.13
N LYS B 75 -22.28 6.73 28.24
CA LYS B 75 -22.03 7.53 29.44
C LYS B 75 -20.83 8.45 29.27
N VAL B 76 -21.03 9.76 29.36
CA VAL B 76 -19.93 10.69 29.18
C VAL B 76 -19.29 11.10 30.50
N ASP B 77 -18.03 11.54 30.43
CA ASP B 77 -17.41 12.16 31.60
C ASP B 77 -17.85 13.62 31.58
N LYS B 78 -18.74 13.99 32.49
CA LYS B 78 -19.33 15.32 32.48
C LYS B 78 -18.32 16.42 32.83
N SER B 79 -17.16 16.01 33.35
CA SER B 79 -16.16 16.97 33.76
C SER B 79 -15.21 17.30 32.62
N LYS B 80 -15.34 16.57 31.51
CA LYS B 80 -14.42 16.75 30.40
C LYS B 80 -15.11 17.33 29.19
N LYS B 81 -15.05 18.66 29.08
CA LYS B 81 -15.71 19.35 27.99
C LYS B 81 -14.81 19.29 26.76
N GLN B 82 -14.76 18.11 26.15
CA GLN B 82 -13.90 17.86 25.03
C GLN B 82 -14.32 16.57 24.36
N ASP B 83 -13.69 16.26 23.23
CA ASP B 83 -14.03 15.04 22.50
C ASP B 83 -13.83 13.83 23.40
N GLN B 84 -14.70 12.86 23.26
CA GLN B 84 -14.56 11.62 24.01
C GLN B 84 -14.74 10.41 23.08
N VAL B 85 -13.77 9.50 23.15
CA VAL B 85 -13.69 8.36 22.23
C VAL B 85 -14.08 7.06 22.93
N PHE B 86 -14.97 6.31 22.30
CA PHE B 86 -15.41 5.03 22.84
C PHE B 86 -15.10 3.92 21.83
N GLU B 87 -14.04 3.17 22.14
CA GLU B 87 -13.57 2.04 21.34
C GLU B 87 -14.47 0.83 21.56
N ASN B 88 -14.81 0.17 20.46
CA ASN B 88 -15.62 -1.05 20.53
C ASN B 88 -16.68 -1.06 21.62
N PRO B 89 -17.62 -0.10 21.58
CA PRO B 89 -18.59 -0.03 22.69
C PRO B 89 -19.65 -1.11 22.62
N LEU B 90 -19.86 -1.66 21.44
CA LEU B 90 -21.05 -2.47 21.21
C LEU B 90 -20.87 -3.39 20.02
N SER B 91 -21.13 -4.66 20.25
CA SER B 91 -21.12 -5.68 19.21
C SER B 91 -22.44 -6.48 19.26
N LEU B 92 -23.13 -6.56 18.12
CA LEU B 92 -24.45 -7.18 18.09
C LEU B 92 -24.55 -8.34 17.12
N LYS B 93 -25.50 -9.21 17.39
CA LYS B 93 -25.86 -10.22 16.42
C LYS B 93 -27.38 -10.17 16.20
N PHE B 94 -27.81 -10.22 14.94
CA PHE B 94 -29.21 -10.47 14.62
C PHE B 94 -29.29 -11.88 14.08
N THR B 95 -29.98 -12.76 14.79
CA THR B 95 -30.04 -14.17 14.42
C THR B 95 -31.24 -14.50 13.53
N ASN B 96 -31.00 -15.28 12.47
CA ASN B 96 -32.06 -15.70 11.56
C ASN B 96 -32.82 -14.51 11.00
N ILE B 97 -32.13 -13.71 10.18
CA ILE B 97 -32.68 -12.50 9.61
C ILE B 97 -33.37 -12.82 8.31
N GLY B 98 -33.26 -14.08 7.89
CA GLY B 98 -33.91 -14.53 6.68
C GLY B 98 -33.36 -15.87 6.26
N THR B 99 -34.03 -16.50 5.29
CA THR B 99 -33.54 -17.72 4.68
C THR B 99 -33.24 -17.48 3.22
N VAL B 100 -32.02 -17.81 2.81
CA VAL B 100 -31.56 -17.52 1.45
C VAL B 100 -30.87 -18.76 0.87
N ASN B 101 -31.32 -19.18 -0.31
CA ASN B 101 -30.77 -20.37 -0.95
C ASN B 101 -30.84 -21.58 -0.02
N GLY B 102 -31.96 -21.73 0.67
CA GLY B 102 -32.16 -22.80 1.64
C GLY B 102 -31.42 -22.61 2.97
N LYS B 103 -30.61 -21.56 3.08
CA LYS B 103 -29.75 -21.35 4.25
C LYS B 103 -30.19 -20.19 5.16
N GLN B 104 -30.16 -20.42 6.47
CA GLN B 104 -30.37 -19.34 7.41
C GLN B 104 -29.20 -18.34 7.40
N VAL B 105 -29.55 -17.06 7.41
CA VAL B 105 -28.59 -15.96 7.40
C VAL B 105 -28.67 -15.20 8.71
N ASP B 106 -27.49 -14.88 9.26
CA ASP B 106 -27.38 -14.01 10.43
C ASP B 106 -26.69 -12.70 10.08
N ALA B 107 -26.97 -11.66 10.87
CA ALA B 107 -26.26 -10.40 10.72
C ALA B 107 -25.42 -10.10 11.95
N TYR B 108 -24.29 -9.47 11.73
CA TYR B 108 -23.45 -8.99 12.82
C TYR B 108 -23.27 -7.50 12.60
N LEU B 109 -23.42 -6.73 13.67
CA LEU B 109 -23.26 -5.29 13.60
C LEU B 109 -22.30 -4.87 14.71
N ASN B 110 -21.09 -4.50 14.31
CA ASN B 110 -20.08 -4.10 15.29
C ASN B 110 -19.77 -2.61 15.22
N PHE B 111 -19.94 -1.94 16.35
CA PHE B 111 -19.47 -0.58 16.49
C PHE B 111 -18.00 -0.63 16.84
N ASN B 112 -17.16 -0.33 15.85
CA ASN B 112 -15.72 -0.38 16.06
C ASN B 112 -15.29 0.79 16.90
N LYS B 113 -15.97 1.91 16.71
CA LYS B 113 -15.65 3.12 17.44
C LYS B 113 -16.79 4.12 17.30
N VAL B 114 -17.11 4.78 18.39
CA VAL B 114 -17.97 5.96 18.33
C VAL B 114 -17.21 7.08 19.01
N THR B 115 -17.09 8.19 18.31
CA THR B 115 -16.42 9.36 18.85
C THR B 115 -17.45 10.48 19.06
N LEU B 116 -17.51 10.98 20.28
CA LEU B 116 -18.35 12.12 20.63
C LEU B 116 -17.52 13.39 20.48
N HIS B 117 -17.93 14.24 19.55
CA HIS B 117 -17.28 15.53 19.33
C HIS B 117 -18.01 16.61 20.12
N TYR B 118 -17.35 17.11 21.15
CA TYR B 118 -17.92 18.18 21.96
C TYR B 118 -18.25 19.42 21.11
N LEU B 119 -19.46 19.94 21.27
CA LEU B 119 -19.93 21.02 20.41
C LEU B 119 -19.47 22.43 20.84
N ASN B 120 -18.93 22.55 22.05
CA ASN B 120 -18.41 23.85 22.48
C ASN B 120 -19.40 25.01 22.31
N THR B 121 -20.60 24.83 22.85
CA THR B 121 -21.62 25.86 22.80
C THR B 121 -22.19 26.00 24.19
N ALA B 122 -22.98 27.05 24.41
CA ALA B 122 -23.65 27.23 25.69
C ALA B 122 -24.55 26.03 25.96
N GLN B 123 -25.28 25.57 24.95
CA GLN B 123 -26.11 24.38 25.10
C GLN B 123 -25.26 23.19 25.59
N ALA B 124 -24.16 22.93 24.89
CA ALA B 124 -23.27 21.82 25.25
C ALA B 124 -22.79 21.94 26.69
N GLU B 125 -22.36 23.13 27.06
CA GLU B 125 -21.88 23.39 28.42
C GLU B 125 -22.98 23.14 29.44
N SER B 126 -24.17 23.63 29.11
CA SER B 126 -25.32 23.51 29.98
C SER B 126 -25.62 22.04 30.28
N GLU B 127 -25.69 21.22 29.24
CA GLU B 127 -25.93 19.79 29.40
C GLU B 127 -24.85 19.12 30.26
N MET B 128 -23.59 19.45 29.97
CA MET B 128 -22.48 18.86 30.72
C MET B 128 -22.57 19.20 32.20
N ASN B 129 -22.97 20.43 32.51
CA ASN B 129 -23.07 20.86 33.90
C ASN B 129 -24.39 20.49 34.59
N SER B 130 -25.40 20.16 33.79
CA SER B 130 -26.72 19.82 34.34
C SER B 130 -26.62 18.75 35.42
N ALA B 131 -27.68 18.60 36.20
CA ALA B 131 -27.70 17.56 37.21
C ALA B 131 -28.21 16.24 36.64
N GLN B 132 -29.15 16.32 35.70
CA GLN B 132 -29.85 15.13 35.26
C GLN B 132 -29.31 14.46 33.99
N LYS B 133 -28.56 15.19 33.15
CA LYS B 133 -28.09 14.62 31.88
C LYS B 133 -26.72 13.97 32.05
N SER B 134 -26.59 12.73 31.60
CA SER B 134 -25.33 11.99 31.78
C SER B 134 -24.92 11.13 30.59
N THR B 135 -25.78 10.97 29.60
CA THR B 135 -25.44 10.13 28.46
C THR B 135 -25.70 10.81 27.13
N VAL B 136 -25.19 10.20 26.06
CA VAL B 136 -25.40 10.72 24.72
C VAL B 136 -25.92 9.58 23.84
N GLU B 137 -26.90 9.88 23.01
CA GLU B 137 -27.52 8.91 22.12
C GLU B 137 -26.55 8.48 21.01
N PHE B 138 -26.55 7.20 20.65
CA PHE B 138 -25.83 6.81 19.43
C PHE B 138 -26.53 5.77 18.56
N PHE B 139 -27.43 4.99 19.13
CA PHE B 139 -27.98 3.84 18.41
C PHE B 139 -29.27 3.33 19.00
N SER B 140 -30.21 2.96 18.13
CA SER B 140 -31.43 2.32 18.59
C SER B 140 -31.92 1.34 17.57
N ILE B 141 -32.74 0.39 18.03
CA ILE B 141 -33.40 -0.56 17.18
C ILE B 141 -34.91 -0.43 17.39
N SER B 142 -35.64 -0.19 16.31
CA SER B 142 -37.09 -0.07 16.38
C SER B 142 -37.67 -0.05 14.99
N GLU B 143 -38.99 -0.13 14.92
CA GLU B 143 -39.63 0.08 13.64
C GLU B 143 -40.49 1.34 13.64
N LEU B 144 -40.07 2.35 14.39
CA LEU B 144 -40.79 3.63 14.38
C LEU B 144 -40.85 4.25 12.99
N TRP B 145 -39.77 4.08 12.22
CA TRP B 145 -39.59 4.81 10.96
C TRP B 145 -39.73 3.90 9.75
N GLU B 146 -39.03 2.77 9.78
CA GLU B 146 -39.16 1.74 8.75
C GLU B 146 -39.22 0.38 9.44
N SER B 147 -39.70 -0.61 8.70
CA SER B 147 -39.63 -1.99 9.13
C SER B 147 -38.17 -2.47 9.15
N ASN B 148 -37.87 -3.36 10.08
CA ASN B 148 -36.61 -4.10 10.02
C ASN B 148 -35.38 -3.21 9.93
N ALA B 149 -35.31 -2.19 10.76
CA ALA B 149 -34.25 -1.21 10.63
C ALA B 149 -33.62 -0.87 11.96
N PHE B 150 -32.42 -0.31 11.89
CA PHE B 150 -31.80 0.29 13.06
C PHE B 150 -31.50 1.77 12.78
N GLU B 151 -31.30 2.53 13.84
CA GLU B 151 -31.09 3.96 13.74
C GLU B 151 -29.78 4.36 14.40
N ILE B 152 -28.96 5.13 13.68
CA ILE B 152 -27.74 5.66 14.26
C ILE B 152 -27.84 7.19 14.27
N GLY B 153 -27.47 7.81 15.38
CA GLY B 153 -27.63 9.25 15.50
C GLY B 153 -27.63 9.69 16.96
N ASN B 154 -27.70 11.01 17.19
CA ASN B 154 -27.60 11.57 18.53
C ASN B 154 -28.87 12.29 18.97
N VAL B 155 -29.99 11.94 18.35
CA VAL B 155 -31.26 12.44 18.81
C VAL B 155 -31.80 11.49 19.88
N PRO B 156 -31.93 11.98 21.12
CA PRO B 156 -32.43 11.12 22.20
C PRO B 156 -33.81 10.54 21.90
N TYR B 157 -34.02 9.34 22.42
CA TYR B 157 -35.37 8.82 22.62
C TYR B 157 -35.49 8.63 24.11
N VAL B 158 -36.59 9.09 24.69
CA VAL B 158 -36.71 9.10 26.13
C VAL B 158 -38.11 8.73 26.61
N ASP B 159 -38.18 8.33 27.87
CA ASP B 159 -39.43 8.29 28.61
C ASP B 159 -39.16 8.80 30.02
N ALA B 160 -40.19 8.79 30.86
CA ALA B 160 -40.10 9.38 32.20
C ALA B 160 -38.97 8.78 33.02
N ASN B 161 -38.73 7.49 32.82
CA ASN B 161 -37.71 6.79 33.60
C ASN B 161 -36.32 6.86 32.97
N HIS B 162 -36.26 7.32 31.73
CA HIS B 162 -34.99 7.46 31.03
C HIS B 162 -34.88 8.82 30.36
N ASP B 163 -34.69 9.85 31.16
CA ASP B 163 -34.60 11.21 30.66
C ASP B 163 -33.28 11.85 31.08
N TYR B 164 -32.18 11.15 30.84
CA TYR B 164 -30.86 11.65 31.20
C TYR B 164 -29.93 11.77 30.00
N ILE B 165 -30.51 11.84 28.80
CA ILE B 165 -29.72 11.94 27.58
C ILE B 165 -29.52 13.39 27.16
N MET B 166 -28.26 13.76 26.92
CA MET B 166 -27.93 15.13 26.52
C MET B 166 -28.43 15.49 25.14
N ASN B 167 -28.99 16.69 25.01
CA ASN B 167 -29.37 17.23 23.71
C ASN B 167 -28.34 18.22 23.20
N LYS B 168 -27.88 18.01 21.98
CA LYS B 168 -27.04 18.99 21.31
C LYS B 168 -25.79 19.29 22.12
N ALA B 169 -25.22 18.28 22.73
CA ALA B 169 -23.98 18.43 23.49
C ALA B 169 -22.75 17.94 22.71
N PHE B 170 -22.90 16.84 21.99
CA PHE B 170 -21.83 16.32 21.14
C PHE B 170 -22.45 15.90 19.82
N TRP B 171 -21.72 16.09 18.71
CA TRP B 171 -22.09 15.37 17.49
C TRP B 171 -21.31 14.06 17.49
N ILE B 172 -21.80 13.06 16.75
CA ILE B 172 -21.20 11.75 16.83
C ILE B 172 -20.63 11.29 15.48
N ASP B 173 -19.65 10.40 15.57
CA ASP B 173 -19.08 9.73 14.42
C ASP B 173 -19.01 8.25 14.77
N ALA B 174 -19.87 7.46 14.16
CA ALA B 174 -19.89 6.03 14.43
C ALA B 174 -19.26 5.25 13.29
N ASP B 175 -18.25 4.46 13.64
CA ASP B 175 -17.53 3.59 12.70
C ASP B 175 -18.02 2.16 12.94
N VAL B 176 -18.66 1.58 11.93
CA VAL B 176 -19.45 0.38 12.10
C VAL B 176 -19.18 -0.63 11.01
N THR B 177 -19.21 -1.90 11.37
CA THR B 177 -19.05 -2.94 10.39
C THR B 177 -20.28 -3.84 10.45
N ALA B 178 -20.96 -3.99 9.30
CA ALA B 178 -22.09 -4.87 9.19
C ALA B 178 -21.66 -6.05 8.35
N GLU B 179 -22.16 -7.22 8.70
CA GLU B 179 -21.79 -8.43 7.99
C GLU B 179 -22.94 -9.41 8.04
N ILE B 180 -23.20 -10.06 6.92
CA ILE B 180 -24.17 -11.15 6.85
C ILE B 180 -23.40 -12.46 6.64
N ARG B 181 -23.94 -13.55 7.17
CA ARG B 181 -23.20 -14.79 7.31
C ARG B 181 -24.19 -15.95 7.31
N TYR B 182 -23.92 -17.01 6.55
CA TYR B 182 -24.70 -18.22 6.71
C TYR B 182 -24.46 -18.83 8.11
N ALA B 183 -25.54 -19.14 8.80
CA ALA B 183 -25.44 -19.74 10.12
C ALA B 183 -24.77 -21.10 10.06
N ASP B 184 -24.96 -21.84 8.96
CA ASP B 184 -24.43 -23.20 8.90
C ASP B 184 -22.90 -23.27 8.74
N GLY B 185 -22.27 -22.12 8.49
CA GLY B 185 -20.82 -22.05 8.43
C GLY B 185 -20.21 -22.24 7.06
N THR B 186 -21.06 -22.42 6.05
CA THR B 186 -20.60 -22.46 4.66
C THR B 186 -20.21 -21.07 4.19
N GLU B 187 -19.43 -21.01 3.12
CA GLU B 187 -18.93 -19.75 2.60
C GLU B 187 -20.08 -18.83 2.21
N THR B 188 -20.03 -17.58 2.65
CA THR B 188 -21.12 -16.64 2.37
C THR B 188 -20.85 -15.91 1.05
N ASP B 189 -21.57 -16.34 0.01
CA ASP B 189 -21.46 -15.76 -1.34
C ASP B 189 -22.33 -14.51 -1.50
N LEU B 190 -23.11 -14.18 -0.48
CA LEU B 190 -23.99 -13.01 -0.54
C LEU B 190 -23.21 -11.71 -0.55
N LYS B 191 -23.68 -10.74 -1.33
CA LYS B 191 -23.03 -9.44 -1.40
C LYS B 191 -23.88 -8.41 -0.68
N LEU B 192 -23.39 -7.95 0.46
CA LEU B 192 -24.16 -7.07 1.32
C LEU B 192 -24.53 -5.81 0.56
N VAL B 193 -25.79 -5.41 0.65
CA VAL B 193 -26.22 -4.13 0.11
C VAL B 193 -26.70 -3.20 1.22
N MET B 194 -26.30 -1.95 1.12
CA MET B 194 -26.81 -0.92 2.02
C MET B 194 -27.44 0.20 1.21
N LYS B 195 -28.46 0.83 1.77
CA LYS B 195 -29.15 1.90 1.07
C LYS B 195 -29.44 3.08 2.00
N PRO B 196 -28.43 3.93 2.22
CA PRO B 196 -28.65 5.09 3.09
C PRO B 196 -29.70 5.99 2.45
N THR B 197 -30.60 6.56 3.24
CA THR B 197 -31.58 7.49 2.71
C THR B 197 -31.68 8.73 3.59
N ASP B 198 -32.24 9.80 3.03
CA ASP B 198 -32.54 10.98 3.84
C ASP B 198 -31.31 11.56 4.48
N ILE B 199 -30.19 11.55 3.79
CA ILE B 199 -29.00 12.22 4.28
C ILE B 199 -29.13 13.71 3.96
N ASP B 200 -29.64 14.48 4.92
CA ASP B 200 -30.14 15.83 4.60
C ASP B 200 -30.10 16.83 5.73
N ALA B 201 -29.54 16.45 6.88
CA ALA B 201 -29.51 17.37 8.01
C ALA B 201 -28.30 18.28 7.96
N ILE B 202 -28.54 19.57 8.22
CA ILE B 202 -27.48 20.56 8.34
C ILE B 202 -27.87 21.52 9.45
N ASP B 203 -26.95 21.78 10.39
CA ASP B 203 -27.29 22.66 11.49
C ASP B 203 -26.59 24.02 11.37
N ALA B 204 -26.77 24.89 12.36
CA ALA B 204 -26.13 26.20 12.33
C ALA B 204 -24.65 26.16 12.73
N ASN B 205 -24.13 24.98 13.08
CA ASN B 205 -22.70 24.84 13.34
C ASN B 205 -22.01 24.51 12.03
N ASN B 206 -22.79 24.57 10.96
CA ASN B 206 -22.40 24.08 9.64
C ASN B 206 -21.86 22.65 9.66
N LEU B 207 -22.34 21.86 10.61
CA LEU B 207 -22.13 20.43 10.57
C LEU B 207 -23.11 19.86 9.57
N LYS B 208 -22.74 18.77 8.91
CA LYS B 208 -23.61 18.19 7.91
C LYS B 208 -23.69 16.68 8.10
N GLU B 209 -24.90 16.16 8.03
CA GLU B 209 -25.13 14.74 8.12
C GLU B 209 -24.36 14.00 7.03
N THR B 210 -23.59 13.00 7.45
CA THR B 210 -22.67 12.31 6.55
C THR B 210 -22.73 10.80 6.74
N PHE B 211 -22.87 10.08 5.63
CA PHE B 211 -22.70 8.62 5.59
C PHE B 211 -21.39 8.35 4.87
N TYR B 212 -20.58 7.42 5.38
CA TYR B 212 -19.37 7.08 4.68
C TYR B 212 -19.04 5.60 4.65
N VAL B 213 -18.21 5.22 3.70
CA VAL B 213 -17.72 3.86 3.60
C VAL B 213 -16.20 3.94 3.61
N LYS B 214 -15.59 3.30 4.58
CA LYS B 214 -14.14 3.21 4.66
C LYS B 214 -13.62 2.27 3.57
N ASN B 215 -12.44 2.56 3.02
CA ASN B 215 -11.85 1.70 2.00
C ASN B 215 -12.83 1.49 0.84
N TYR B 216 -13.56 2.56 0.55
CA TYR B 216 -14.67 2.51 -0.41
C TYR B 216 -14.37 1.81 -1.74
N GLN B 217 -13.35 2.29 -2.46
CA GLN B 217 -13.07 1.79 -3.81
C GLN B 217 -12.51 0.36 -3.76
N ASN B 218 -11.89 -0.01 -2.65
CA ASN B 218 -11.44 -1.39 -2.48
C ASN B 218 -12.54 -2.36 -2.02
N ASP B 219 -13.60 -1.84 -1.43
CA ASP B 219 -14.60 -2.70 -0.75
C ASP B 219 -15.97 -2.76 -1.42
N VAL B 220 -16.24 -1.80 -2.31
CA VAL B 220 -17.54 -1.73 -2.94
C VAL B 220 -17.46 -2.08 -4.42
N ASN B 221 -18.39 -2.92 -4.86
CA ASN B 221 -18.48 -3.35 -6.24
C ASN B 221 -19.33 -2.40 -7.08
N LEU B 222 -20.45 -1.94 -6.53
CA LEU B 222 -21.36 -1.09 -7.30
C LEU B 222 -22.04 -0.02 -6.46
N ARG B 223 -21.97 1.22 -6.92
CA ARG B 223 -22.66 2.32 -6.26
C ARG B 223 -23.69 2.95 -7.19
N LEU B 224 -24.95 2.84 -6.81
CA LEU B 224 -26.01 3.39 -7.65
C LEU B 224 -26.56 4.69 -7.09
N MET B 225 -26.69 5.69 -7.95
CA MET B 225 -27.41 6.91 -7.62
C MET B 225 -28.49 7.16 -8.65
N ASN B 226 -29.52 7.89 -8.25
CA ASN B 226 -30.51 8.37 -9.19
C ASN B 226 -30.06 9.74 -9.69
N ASN B 227 -30.42 10.07 -10.93
CA ASN B 227 -30.07 11.33 -11.56
C ASN B 227 -30.30 12.56 -10.67
N ALA B 228 -31.27 12.48 -9.77
CA ALA B 228 -31.64 13.64 -8.96
C ALA B 228 -30.82 13.79 -7.70
N ASN B 229 -29.86 12.89 -7.49
CA ASN B 229 -29.02 12.96 -6.29
C ASN B 229 -28.29 14.31 -6.14
N VAL B 230 -28.31 14.87 -4.93
CA VAL B 230 -27.72 16.17 -4.64
C VAL B 230 -26.67 16.09 -3.54
N LEU B 231 -26.32 14.88 -3.12
CA LEU B 231 -25.30 14.71 -2.08
C LEU B 231 -23.94 15.05 -2.65
N VAL B 232 -23.08 15.65 -1.83
CA VAL B 232 -21.71 15.80 -2.26
C VAL B 232 -20.97 14.49 -1.98
N GLN B 233 -20.29 13.95 -2.99
CA GLN B 233 -19.50 12.75 -2.81
C GLN B 233 -18.04 13.17 -2.66
N GLU B 234 -17.47 12.84 -1.52
CA GLU B 234 -16.17 13.33 -1.19
C GLU B 234 -15.24 12.16 -0.94
N GLU B 235 -14.26 11.99 -1.81
CA GLU B 235 -13.34 10.87 -1.71
C GLU B 235 -12.02 11.26 -1.07
N ALA B 236 -11.78 10.75 0.13
CA ALA B 236 -10.49 10.91 0.80
C ALA B 236 -9.75 9.59 0.63
N SER B 237 -8.50 9.55 1.08
CA SER B 237 -7.70 8.33 0.86
C SER B 237 -8.23 7.12 1.63
N ASP B 238 -8.80 7.36 2.80
CA ASP B 238 -9.23 6.25 3.67
C ASP B 238 -10.73 5.93 3.59
N ARG B 239 -11.50 6.77 2.91
CA ARG B 239 -12.96 6.69 2.99
C ARG B 239 -13.59 7.62 1.97
N THR B 240 -14.81 7.28 1.56
CA THR B 240 -15.59 8.16 0.72
C THR B 240 -16.87 8.51 1.48
N SER B 241 -17.23 9.79 1.49
CA SER B 241 -18.37 10.26 2.27
C SER B 241 -19.44 10.83 1.37
N TRP B 242 -20.69 10.68 1.78
CA TRP B 242 -21.81 11.30 1.09
C TRP B 242 -22.43 12.33 2.02
N ILE B 243 -22.37 13.59 1.61
CA ILE B 243 -22.62 14.69 2.52
C ILE B 243 -23.88 15.46 2.15
N ALA B 244 -24.73 15.71 3.14
CA ALA B 244 -26.00 16.40 2.93
C ALA B 244 -25.83 17.78 2.32
N THR B 245 -26.74 18.15 1.42
CA THR B 245 -26.74 19.52 0.89
C THR B 245 -28.09 20.22 1.05
N GLN B 246 -29.17 19.46 1.25
CA GLN B 246 -30.48 20.08 1.34
C GLN B 246 -31.53 19.18 1.99
N ILE B 247 -32.59 19.81 2.49
CA ILE B 247 -33.71 19.09 3.05
C ILE B 247 -34.40 18.26 1.97
N THR B 248 -34.80 17.05 2.31
CA THR B 248 -35.56 16.19 1.42
C THR B 248 -36.70 15.58 2.20
N GLY B 249 -37.91 15.61 1.63
CA GLY B 249 -39.04 15.01 2.30
C GLY B 249 -39.71 13.96 1.43
N GLY B 250 -40.32 12.98 2.08
CA GLY B 250 -40.99 11.90 1.38
C GLY B 250 -40.05 10.81 0.90
N SER B 251 -40.56 9.59 0.85
CA SER B 251 -39.79 8.42 0.44
C SER B 251 -39.02 8.59 -0.86
N TYR B 252 -39.71 9.03 -1.91
CA TYR B 252 -39.08 9.20 -3.22
C TYR B 252 -37.82 10.06 -3.14
N ASN B 253 -37.94 11.26 -2.60
CA ASN B 253 -36.80 12.15 -2.51
C ASN B 253 -35.72 11.65 -1.56
N GLU B 254 -36.13 11.03 -0.46
CA GLU B 254 -35.17 10.53 0.53
C GLU B 254 -34.26 9.44 -0.04
N ASN B 255 -34.81 8.64 -0.94
CA ASN B 255 -34.05 7.60 -1.63
C ASN B 255 -33.29 8.15 -2.82
N ASN B 256 -33.99 8.92 -3.66
CA ASN B 256 -33.42 9.38 -4.93
C ASN B 256 -32.61 10.67 -4.86
N VAL B 257 -33.05 11.62 -4.05
CA VAL B 257 -32.35 12.89 -3.93
C VAL B 257 -31.27 12.88 -2.84
N SER B 258 -31.58 12.27 -1.69
CA SER B 258 -30.65 12.28 -0.58
C SER B 258 -30.23 10.87 -0.14
N GLY B 259 -30.33 9.88 -1.03
CA GLY B 259 -29.92 8.53 -0.71
C GLY B 259 -29.17 7.84 -1.84
N LEU B 260 -28.76 6.60 -1.62
CA LEU B 260 -28.03 5.87 -2.65
C LEU B 260 -27.98 4.39 -2.28
N ALA B 261 -27.49 3.57 -3.20
CA ALA B 261 -27.40 2.14 -2.99
C ALA B 261 -25.99 1.65 -3.28
N LEU B 262 -25.51 0.76 -2.41
CA LEU B 262 -24.15 0.25 -2.46
C LEU B 262 -24.14 -1.27 -2.33
N ARG B 263 -23.55 -1.93 -3.32
CA ARG B 263 -23.34 -3.37 -3.29
C ARG B 263 -21.88 -3.65 -2.98
N SER B 264 -21.62 -4.30 -1.86
CA SER B 264 -20.26 -4.63 -1.44
C SER B 264 -19.57 -5.65 -2.36
N ASN B 265 -18.24 -5.69 -2.30
CA ASN B 265 -17.48 -6.80 -2.86
C ASN B 265 -17.67 -8.09 -2.06
N SER B 266 -18.15 -7.97 -0.82
CA SER B 266 -18.19 -9.14 0.07
C SER B 266 -19.49 -9.20 0.84
N ASN B 267 -19.52 -10.04 1.87
CA ASN B 267 -20.69 -10.13 2.73
C ASN B 267 -20.62 -9.07 3.86
N SER B 268 -19.66 -8.17 3.78
CA SER B 268 -19.56 -7.11 4.78
C SER B 268 -19.31 -5.72 4.24
N MET B 269 -19.47 -4.74 5.11
CA MET B 269 -19.19 -3.36 4.77
C MET B 269 -18.82 -2.61 6.05
N ASN B 270 -17.72 -1.87 5.99
CA ASN B 270 -17.35 -0.99 7.10
C ASN B 270 -17.78 0.42 6.74
N PHE B 271 -18.93 0.82 7.27
CA PHE B 271 -19.48 2.16 6.99
C PHE B 271 -19.35 3.03 8.21
N GLY B 272 -19.79 4.27 8.07
CA GLY B 272 -19.72 5.22 9.16
C GLY B 272 -20.88 6.19 8.99
N TYR B 273 -21.17 6.93 10.03
CA TYR B 273 -22.21 7.94 9.99
C TYR B 273 -21.78 9.03 10.94
N SER B 274 -21.90 10.28 10.52
CA SER B 274 -21.68 11.38 11.46
C SER B 274 -22.87 12.32 11.44
N SER B 275 -23.17 12.88 12.60
CA SER B 275 -24.39 13.66 12.81
C SER B 275 -24.11 15.14 12.86
N THR B 276 -25.20 15.90 12.91
CA THR B 276 -25.14 17.31 13.28
C THR B 276 -25.33 17.35 14.79
N GLU B 277 -25.60 18.52 15.33
CA GLU B 277 -25.86 18.65 16.76
C GLU B 277 -27.08 17.83 17.12
N THR B 278 -27.91 17.53 16.13
CA THR B 278 -29.06 16.66 16.38
C THR B 278 -29.68 16.07 15.12
N CYS B 279 -29.26 14.86 14.76
CA CYS B 279 -29.93 14.14 13.67
C CYS B 279 -29.61 12.67 13.75
N SER B 280 -30.35 11.87 12.99
CA SER B 280 -30.09 10.45 12.94
C SER B 280 -30.56 9.94 11.59
N ALA B 281 -30.12 8.73 11.25
CA ALA B 281 -30.53 8.09 10.02
C ALA B 281 -30.90 6.64 10.30
N VAL B 282 -31.69 6.08 9.39
CA VAL B 282 -32.26 4.76 9.59
C VAL B 282 -31.71 3.84 8.52
N PHE B 283 -31.34 2.63 8.91
CA PHE B 283 -30.71 1.70 8.00
C PHE B 283 -31.31 0.31 8.09
N GLY B 284 -31.40 -0.35 6.94
CA GLY B 284 -31.65 -1.79 6.91
C GLY B 284 -30.46 -2.47 6.28
N LEU B 285 -30.47 -3.80 6.21
CA LEU B 285 -29.45 -4.49 5.46
C LEU B 285 -30.13 -5.31 4.38
N TYR B 286 -29.52 -5.38 3.21
CA TYR B 286 -30.20 -5.97 2.06
C TYR B 286 -29.29 -6.91 1.29
N ILE B 287 -29.90 -7.69 0.41
CA ILE B 287 -29.22 -8.29 -0.72
C ILE B 287 -30.12 -8.19 -1.93
N GLU B 288 -29.51 -8.27 -3.10
CA GLU B 288 -30.27 -8.30 -4.33
C GLU B 288 -30.89 -9.68 -4.51
N LYS B 289 -31.87 -9.78 -5.40
CA LYS B 289 -32.66 -11.01 -5.56
C LYS B 289 -32.31 -11.80 -6.80
N ILE B 290 -31.96 -13.06 -6.63
CA ILE B 290 -31.93 -13.98 -7.76
C ILE B 290 -32.92 -15.06 -7.42
N ASP B 291 -34.17 -14.83 -7.81
CA ASP B 291 -35.27 -15.64 -7.32
C ASP B 291 -36.36 -15.71 -8.39
N PRO B 292 -36.69 -16.92 -8.85
CA PRO B 292 -36.18 -18.20 -8.33
C PRO B 292 -34.70 -18.48 -8.58
N ARG B 293 -34.12 -19.31 -7.73
CA ARG B 293 -32.77 -19.82 -7.95
C ARG B 293 -32.77 -20.66 -9.22
N PRO B 294 -31.57 -20.94 -9.76
CA PRO B 294 -31.54 -21.84 -10.91
C PRO B 294 -32.16 -23.19 -10.58
N VAL B 295 -32.85 -23.76 -11.55
CA VAL B 295 -33.47 -25.07 -11.42
C VAL B 295 -32.67 -26.11 -12.19
N LEU B 296 -32.20 -27.12 -11.48
CA LEU B 296 -31.36 -28.13 -12.08
C LEU B 296 -32.08 -29.46 -12.09
N GLU B 297 -32.01 -30.16 -13.22
CA GLU B 297 -32.64 -31.45 -13.37
C GLU B 297 -31.64 -32.42 -13.98
N VAL B 298 -31.76 -33.69 -13.66
CA VAL B 298 -30.88 -34.71 -14.20
C VAL B 298 -31.69 -35.86 -14.78
N ASP B 299 -31.22 -36.39 -15.90
CA ASP B 299 -31.80 -37.58 -16.52
C ASP B 299 -30.66 -38.53 -16.85
N PRO B 300 -30.65 -39.72 -16.22
CA PRO B 300 -31.68 -40.28 -15.33
C PRO B 300 -31.38 -40.17 -13.84
N ALA B 301 -32.34 -40.64 -13.05
CA ALA B 301 -32.23 -40.62 -11.59
C ALA B 301 -31.28 -41.69 -11.10
N GLU B 302 -31.05 -42.69 -11.95
CA GLU B 302 -30.21 -43.82 -11.56
C GLU B 302 -29.62 -44.46 -12.80
N ILE B 303 -28.43 -45.01 -12.65
CA ILE B 303 -27.76 -45.71 -13.73
C ILE B 303 -27.00 -46.90 -13.17
N PRO B 304 -26.73 -47.90 -14.02
CA PRO B 304 -25.75 -48.93 -13.68
C PRO B 304 -24.38 -48.29 -13.50
N ALA B 305 -23.64 -48.79 -12.52
CA ALA B 305 -22.31 -48.28 -12.24
C ALA B 305 -21.32 -48.76 -13.29
N LYS B 306 -21.58 -48.38 -14.54
CA LYS B 306 -20.75 -48.80 -15.66
C LYS B 306 -20.29 -47.62 -16.50
N ASP B 307 -19.15 -47.79 -17.16
CA ASP B 307 -18.64 -46.82 -18.12
C ASP B 307 -19.67 -46.54 -19.24
N GLY B 308 -19.58 -45.36 -19.86
CA GLY B 308 -20.43 -45.02 -20.99
C GLY B 308 -21.93 -44.94 -20.72
N GLN B 309 -22.31 -44.49 -19.53
CA GLN B 309 -23.72 -44.24 -19.23
C GLN B 309 -24.04 -42.75 -19.33
N ASP B 310 -24.91 -42.39 -20.27
CA ASP B 310 -25.30 -40.99 -20.42
C ASP B 310 -25.89 -40.44 -19.13
N VAL B 311 -25.52 -39.20 -18.80
CA VAL B 311 -26.25 -38.45 -17.80
C VAL B 311 -26.34 -37.02 -18.30
N THR B 312 -27.55 -36.50 -18.31
CA THR B 312 -27.83 -35.22 -18.95
C THR B 312 -28.39 -34.26 -17.93
N TYR B 313 -27.79 -33.07 -17.85
CA TYR B 313 -28.22 -32.06 -16.91
C TYR B 313 -28.94 -30.92 -17.62
N LYS B 314 -30.13 -30.58 -17.13
CA LYS B 314 -30.86 -29.44 -17.65
C LYS B 314 -30.92 -28.38 -16.57
N ALA B 315 -30.38 -27.21 -16.89
CA ALA B 315 -30.39 -26.12 -15.93
C ALA B 315 -31.15 -24.92 -16.48
N THR B 316 -32.09 -24.43 -15.70
CA THR B 316 -32.89 -23.28 -16.09
C THR B 316 -32.55 -22.07 -15.22
N PHE B 317 -32.08 -21.01 -15.85
CA PHE B 317 -31.61 -19.85 -15.10
C PHE B 317 -32.57 -18.68 -15.25
N LYS B 318 -33.15 -18.23 -14.15
CA LYS B 318 -33.95 -17.01 -14.19
C LYS B 318 -33.03 -15.81 -14.12
N VAL B 319 -33.26 -14.85 -15.00
CA VAL B 319 -32.44 -13.65 -15.07
C VAL B 319 -33.03 -12.50 -14.26
N PRO B 320 -32.25 -11.95 -13.31
CA PRO B 320 -32.71 -10.83 -12.48
C PRO B 320 -32.99 -9.59 -13.31
N VAL B 321 -34.03 -8.84 -12.95
CA VAL B 321 -34.37 -7.62 -13.65
C VAL B 321 -33.60 -6.42 -13.11
N PRO B 322 -32.83 -5.74 -13.98
CA PRO B 322 -31.99 -4.61 -13.59
C PRO B 322 -32.84 -3.43 -13.14
N GLY B 323 -32.45 -2.78 -12.05
CA GLY B 323 -33.21 -1.67 -11.52
C GLY B 323 -34.35 -2.17 -10.67
N LYS B 324 -34.47 -3.48 -10.54
CA LYS B 324 -35.57 -4.07 -9.78
C LYS B 324 -35.04 -5.12 -8.80
N ASP B 325 -34.57 -6.25 -9.33
CA ASP B 325 -33.99 -7.32 -8.52
C ASP B 325 -32.54 -7.04 -8.16
N ILE B 326 -31.80 -6.49 -9.12
CA ILE B 326 -30.41 -6.08 -8.95
C ILE B 326 -30.29 -4.58 -9.23
N LEU B 327 -29.24 -3.95 -8.69
CA LEU B 327 -29.14 -2.50 -8.70
C LEU B 327 -29.02 -1.89 -10.08
N ALA B 328 -28.44 -2.63 -11.01
CA ALA B 328 -28.25 -2.13 -12.37
C ALA B 328 -27.93 -3.26 -13.32
N ALA B 329 -27.96 -2.95 -14.61
CA ALA B 329 -27.71 -3.94 -15.64
C ALA B 329 -26.35 -4.60 -15.40
N PRO B 330 -26.28 -5.92 -15.56
CA PRO B 330 -25.05 -6.65 -15.28
C PRO B 330 -24.00 -6.43 -16.35
N SER B 331 -22.74 -6.53 -15.96
CA SER B 331 -21.63 -6.48 -16.88
C SER B 331 -21.26 -7.89 -17.35
N SER B 332 -21.61 -8.89 -16.56
CA SER B 332 -21.36 -10.26 -16.96
C SER B 332 -22.41 -11.21 -16.39
N ILE B 333 -22.71 -12.25 -17.15
CA ILE B 333 -23.52 -13.34 -16.66
C ILE B 333 -22.85 -14.64 -17.08
N GLU B 334 -22.66 -15.54 -16.12
CA GLU B 334 -22.01 -16.80 -16.40
C GLU B 334 -22.69 -17.90 -15.59
N MET B 335 -22.59 -19.12 -16.09
CA MET B 335 -23.09 -20.28 -15.39
C MET B 335 -21.92 -21.25 -15.31
N VAL B 336 -21.65 -21.71 -14.10
CA VAL B 336 -20.49 -22.54 -13.82
C VAL B 336 -20.97 -23.93 -13.45
N GLN B 337 -20.58 -24.92 -14.25
CA GLN B 337 -20.82 -26.32 -13.93
C GLN B 337 -19.54 -26.96 -13.45
N LYS B 338 -19.64 -27.98 -12.61
CA LYS B 338 -18.48 -28.80 -12.32
C LYS B 338 -18.94 -30.23 -12.18
N PHE B 339 -18.35 -31.12 -12.96
CA PHE B 339 -18.85 -32.48 -13.05
C PHE B 339 -18.08 -33.45 -12.20
N ASP B 340 -18.81 -34.31 -11.50
CA ASP B 340 -18.19 -35.42 -10.78
C ASP B 340 -17.15 -36.09 -11.68
N GLU B 341 -16.01 -36.46 -11.08
CA GLU B 341 -14.87 -37.02 -11.83
C GLU B 341 -15.20 -38.31 -12.58
N ARG B 342 -16.30 -38.95 -12.18
CA ARG B 342 -16.74 -40.18 -12.84
C ARG B 342 -17.49 -39.89 -14.14
N LEU B 343 -17.58 -38.62 -14.50
CA LEU B 343 -18.27 -38.20 -15.72
C LEU B 343 -17.32 -37.53 -16.70
N ASP B 344 -17.50 -37.82 -17.98
CA ASP B 344 -16.87 -37.04 -19.03
C ASP B 344 -17.89 -36.04 -19.62
N TYR B 345 -17.52 -34.77 -19.66
CA TYR B 345 -18.32 -33.75 -20.33
C TYR B 345 -18.29 -33.97 -21.84
N LYS B 346 -19.47 -34.02 -22.46
CA LYS B 346 -19.55 -34.22 -23.92
C LYS B 346 -19.79 -32.93 -24.70
N GLU B 347 -20.91 -32.26 -24.41
CA GLU B 347 -21.24 -31.01 -25.09
C GLU B 347 -22.44 -30.40 -24.38
N LEU B 348 -22.83 -29.20 -24.79
CA LEU B 348 -24.00 -28.55 -24.21
C LEU B 348 -24.69 -27.64 -25.22
N LYS B 349 -25.93 -27.29 -24.96
CA LYS B 349 -26.64 -26.31 -25.77
C LYS B 349 -27.32 -25.30 -24.86
N VAL B 350 -27.56 -24.11 -25.38
CA VAL B 350 -28.14 -23.01 -24.61
C VAL B 350 -29.35 -22.48 -25.33
N GLU B 351 -30.49 -22.41 -24.64
CA GLU B 351 -31.74 -21.94 -25.24
C GLU B 351 -32.34 -20.84 -24.37
N SER B 352 -33.08 -19.94 -25.00
CA SER B 352 -33.85 -18.94 -24.28
C SER B 352 -34.98 -18.42 -25.16
N GLY B 353 -36.18 -18.38 -24.60
CA GLY B 353 -37.32 -17.85 -25.34
C GLY B 353 -37.59 -18.64 -26.60
N GLY B 354 -37.42 -19.96 -26.54
CA GLY B 354 -37.72 -20.83 -27.67
C GLY B 354 -36.71 -20.79 -28.80
N VAL B 355 -35.63 -20.03 -28.60
CA VAL B 355 -34.55 -19.97 -29.57
C VAL B 355 -33.30 -20.67 -29.04
N THR B 356 -32.68 -21.48 -29.89
CA THR B 356 -31.39 -22.10 -29.58
C THR B 356 -30.31 -21.05 -29.79
N LEU B 357 -29.61 -20.72 -28.71
CA LEU B 357 -28.56 -19.72 -28.77
C LEU B 357 -27.32 -20.25 -29.47
N GLN B 358 -26.53 -19.34 -30.04
CA GLN B 358 -25.36 -19.73 -30.82
C GLN B 358 -24.06 -19.45 -30.10
N GLU B 359 -23.19 -20.47 -30.04
CA GLU B 359 -21.86 -20.30 -29.46
C GLU B 359 -21.10 -19.28 -30.29
N GLY B 360 -20.31 -18.44 -29.63
CA GLY B 360 -19.62 -17.36 -30.31
C GLY B 360 -20.44 -16.08 -30.33
N ARG B 361 -21.66 -16.15 -30.87
CA ARG B 361 -22.54 -14.99 -30.90
C ARG B 361 -23.18 -14.65 -29.55
N ASP B 362 -23.82 -15.63 -28.94
CA ASP B 362 -24.63 -15.42 -27.75
C ASP B 362 -23.89 -15.79 -26.47
N TYR B 363 -23.05 -16.81 -26.56
CA TYR B 363 -22.30 -17.26 -25.40
C TYR B 363 -20.97 -17.87 -25.82
N THR B 364 -20.08 -18.02 -24.85
CA THR B 364 -18.84 -18.76 -25.04
C THR B 364 -18.71 -19.81 -23.96
N ILE B 365 -17.86 -20.80 -24.21
CA ILE B 365 -17.73 -21.94 -23.32
C ILE B 365 -16.27 -22.07 -22.94
N GLU B 366 -16.03 -22.11 -21.64
CA GLU B 366 -14.68 -22.29 -21.13
C GLU B 366 -14.66 -23.58 -20.35
N LYS B 367 -13.72 -24.46 -20.69
CA LYS B 367 -13.57 -25.71 -19.96
C LYS B 367 -12.20 -25.79 -19.29
N THR B 368 -12.20 -26.05 -18.00
CA THR B 368 -10.97 -26.34 -17.28
C THR B 368 -11.15 -27.62 -16.48
N GLY B 369 -10.59 -28.72 -16.97
CA GLY B 369 -10.76 -30.00 -16.31
C GLY B 369 -12.22 -30.39 -16.30
N GLN B 370 -12.75 -30.65 -15.10
CA GLN B 370 -14.16 -30.97 -14.89
C GLN B 370 -15.08 -29.74 -14.79
N THR B 371 -14.52 -28.54 -14.80
CA THR B 371 -15.35 -27.34 -14.75
C THR B 371 -15.67 -26.80 -16.14
N VAL B 372 -16.96 -26.57 -16.39
CA VAL B 372 -17.39 -25.98 -17.66
C VAL B 372 -18.20 -24.71 -17.42
N THR B 373 -17.74 -23.62 -18.01
CA THR B 373 -18.32 -22.31 -17.73
C THR B 373 -18.93 -21.69 -18.98
N VAL B 374 -20.20 -21.33 -18.89
CA VAL B 374 -20.85 -20.61 -19.98
C VAL B 374 -20.90 -19.12 -19.65
N LYS B 375 -20.44 -18.29 -20.59
CA LYS B 375 -20.42 -16.85 -20.40
C LYS B 375 -21.24 -16.22 -21.50
N MET B 376 -22.29 -15.49 -21.13
CA MET B 376 -23.09 -14.77 -22.12
C MET B 376 -22.22 -13.66 -22.64
N THR B 377 -22.31 -13.37 -23.94
CA THR B 377 -21.52 -12.31 -24.54
C THR B 377 -22.08 -10.92 -24.23
N PRO B 378 -21.24 -9.89 -24.38
CA PRO B 378 -21.69 -8.50 -24.24
C PRO B 378 -22.90 -8.22 -25.14
N GLU B 379 -22.88 -8.72 -26.38
CA GLU B 379 -24.00 -8.54 -27.31
C GLU B 379 -25.29 -9.12 -26.73
N TYR B 380 -25.22 -10.29 -26.11
CA TYR B 380 -26.41 -10.89 -25.55
C TYR B 380 -26.92 -10.03 -24.40
N LEU B 381 -26.01 -9.59 -23.54
CA LEU B 381 -26.37 -8.71 -22.44
C LEU B 381 -27.01 -7.41 -22.93
N LYS B 382 -26.47 -6.85 -23.99
CA LYS B 382 -26.93 -5.57 -24.53
C LYS B 382 -28.39 -5.66 -25.00
N GLY B 383 -28.77 -6.83 -25.49
CA GLY B 383 -30.11 -7.05 -26.00
C GLY B 383 -31.16 -7.04 -24.92
N ASN B 384 -30.73 -7.14 -23.67
CA ASN B 384 -31.65 -7.12 -22.54
C ASN B 384 -32.80 -8.14 -22.65
N SER B 385 -32.46 -9.40 -22.97
CA SER B 385 -33.43 -10.49 -23.01
C SER B 385 -33.80 -10.87 -21.58
N SER B 386 -35.08 -11.00 -21.31
CA SER B 386 -35.54 -11.23 -19.94
C SER B 386 -35.85 -12.69 -19.66
N SER B 387 -36.00 -13.49 -20.70
CA SER B 387 -36.46 -14.87 -20.51
C SER B 387 -35.38 -15.77 -19.92
N ASP B 388 -35.82 -16.83 -19.25
CA ASP B 388 -34.91 -17.81 -18.67
C ASP B 388 -33.90 -18.29 -19.69
N ILE B 389 -32.69 -18.58 -19.22
CA ILE B 389 -31.70 -19.20 -20.07
C ILE B 389 -31.62 -20.66 -19.66
N ILE B 390 -31.66 -21.56 -20.64
CA ILE B 390 -31.71 -22.98 -20.36
C ILE B 390 -30.48 -23.63 -20.95
N ILE B 391 -29.70 -24.30 -20.10
CA ILE B 391 -28.49 -24.95 -20.59
C ILE B 391 -28.60 -26.44 -20.37
N THR B 392 -28.42 -27.20 -21.45
CA THR B 392 -28.48 -28.65 -21.35
C THR B 392 -27.09 -29.26 -21.56
N TYR B 393 -26.59 -29.95 -20.54
CA TYR B 393 -25.25 -30.52 -20.59
C TYR B 393 -25.31 -32.03 -20.79
N LYS B 394 -24.69 -32.50 -21.85
CA LYS B 394 -24.57 -33.93 -22.08
C LYS B 394 -23.25 -34.42 -21.50
N THR B 395 -23.33 -35.41 -20.61
CA THR B 395 -22.14 -36.09 -20.12
C THR B 395 -22.34 -37.60 -20.20
N ALA B 396 -21.28 -38.36 -19.93
CA ALA B 396 -21.40 -39.81 -19.80
C ALA B 396 -20.36 -40.34 -18.82
N THR B 397 -20.76 -41.30 -17.99
CA THR B 397 -19.83 -41.91 -17.05
C THR B 397 -18.60 -42.44 -17.78
N ASN B 398 -17.46 -42.43 -17.08
CA ASN B 398 -16.22 -43.01 -17.62
C ASN B 398 -15.84 -44.23 -16.80
N LYS B 399 -14.66 -44.78 -17.05
CA LYS B 399 -14.23 -45.99 -16.37
C LYS B 399 -14.23 -45.85 -14.85
N LYS B 400 -13.96 -44.64 -14.36
CA LYS B 400 -13.82 -44.42 -12.92
C LYS B 400 -15.10 -44.63 -12.15
N VAL B 401 -16.23 -44.70 -12.84
CA VAL B 401 -17.50 -44.91 -12.16
C VAL B 401 -17.48 -46.29 -11.52
N GLU B 402 -16.80 -47.21 -12.17
CA GLU B 402 -16.74 -48.60 -11.73
C GLU B 402 -15.81 -48.74 -10.53
N GLU B 403 -15.07 -47.68 -10.25
CA GLU B 403 -14.24 -47.60 -9.05
C GLU B 403 -15.04 -46.96 -7.93
N LYS B 404 -15.35 -47.75 -6.91
CA LYS B 404 -16.18 -47.30 -5.80
C LYS B 404 -15.32 -47.02 -4.56
N GLY B 405 -14.92 -45.77 -4.39
CA GLY B 405 -15.30 -44.71 -5.32
C GLY B 405 -16.79 -44.51 -5.39
N SER B 406 -17.38 -44.16 -4.25
CA SER B 406 -18.83 -44.04 -4.14
C SER B 406 -19.26 -42.69 -3.58
N GLU B 407 -20.57 -42.46 -3.50
CA GLU B 407 -21.56 -43.34 -4.12
C GLU B 407 -22.24 -42.62 -5.25
N LYS B 408 -23.37 -41.98 -4.93
CA LYS B 408 -24.22 -41.32 -5.92
C LYS B 408 -23.46 -40.18 -6.60
N ILE B 409 -23.84 -39.87 -7.82
CA ILE B 409 -23.22 -38.75 -8.50
C ILE B 409 -24.08 -37.54 -8.26
N ASP B 410 -23.49 -36.54 -7.60
CA ASP B 410 -24.16 -35.27 -7.29
C ASP B 410 -23.80 -34.21 -8.32
N ASN B 411 -24.65 -33.19 -8.43
CA ASN B 411 -24.34 -32.06 -9.29
C ASN B 411 -25.06 -30.78 -8.83
N THR B 412 -24.38 -29.65 -8.98
CA THR B 412 -24.92 -28.34 -8.65
C THR B 412 -24.38 -27.37 -9.68
N VAL B 413 -25.21 -26.42 -10.12
CA VAL B 413 -24.70 -25.43 -11.04
C VAL B 413 -24.90 -24.08 -10.40
N THR B 414 -24.05 -23.11 -10.76
CA THR B 414 -24.09 -21.79 -10.13
C THR B 414 -24.18 -20.65 -11.13
N LEU B 415 -25.17 -19.79 -10.95
CA LEU B 415 -25.32 -18.61 -11.79
C LEU B 415 -24.53 -17.48 -11.18
N HIS B 416 -23.77 -16.80 -12.03
CA HIS B 416 -23.13 -15.56 -11.65
C HIS B 416 -23.68 -14.40 -12.46
N VAL B 417 -23.94 -13.30 -11.78
CA VAL B 417 -24.38 -12.05 -12.39
C VAL B 417 -23.53 -11.00 -11.69
N ASP B 418 -22.67 -10.31 -12.45
CA ASP B 418 -21.56 -9.54 -11.85
C ASP B 418 -20.88 -10.40 -10.77
N ASN B 419 -20.74 -9.88 -9.54
CA ASN B 419 -20.14 -10.65 -8.46
C ASN B 419 -21.17 -11.40 -7.60
N LEU B 420 -22.43 -11.39 -8.01
CA LEU B 420 -23.47 -12.15 -7.31
C LEU B 420 -23.38 -13.62 -7.65
N SER B 421 -23.95 -14.46 -6.78
CA SER B 421 -23.94 -15.88 -6.97
C SER B 421 -25.28 -16.44 -6.59
N ALA B 422 -25.75 -17.44 -7.33
CA ALA B 422 -26.92 -18.21 -6.93
C ALA B 422 -26.76 -19.66 -7.36
N PRO B 423 -26.53 -20.55 -6.39
CA PRO B 423 -26.45 -21.96 -6.75
C PRO B 423 -27.82 -22.57 -6.99
N SER B 424 -27.87 -23.56 -7.87
CA SER B 424 -29.09 -24.30 -8.13
C SER B 424 -29.38 -25.25 -6.97
N ASN B 425 -30.50 -25.94 -7.02
CA ASN B 425 -30.70 -27.09 -6.16
C ASN B 425 -29.68 -28.13 -6.57
N GLN B 426 -29.32 -29.02 -5.64
CA GLN B 426 -28.46 -30.15 -5.95
C GLN B 426 -29.28 -31.34 -6.46
N VAL B 427 -28.75 -32.06 -7.44
CA VAL B 427 -29.43 -33.26 -7.93
C VAL B 427 -28.56 -34.48 -7.76
N SER B 428 -29.16 -35.65 -7.91
CA SER B 428 -28.44 -36.88 -7.65
C SER B 428 -28.77 -37.97 -8.66
N THR B 429 -27.73 -38.65 -9.13
CA THR B 429 -27.91 -39.88 -9.89
C THR B 429 -27.35 -41.06 -9.09
N ALA B 430 -28.24 -41.96 -8.68
CA ALA B 430 -27.85 -43.13 -7.91
C ALA B 430 -27.15 -44.16 -8.77
N LEU B 431 -26.18 -44.85 -8.18
CA LEU B 431 -25.42 -45.88 -8.90
C LEU B 431 -25.96 -47.27 -8.60
N LEU B 432 -26.14 -48.07 -9.64
CA LEU B 432 -26.64 -49.43 -9.49
C LEU B 432 -25.54 -50.46 -9.81
N TYR B 433 -25.28 -51.35 -8.87
CA TYR B 433 -24.26 -52.38 -9.06
C TYR B 433 -24.90 -53.74 -9.38
N GLU B 434 -24.54 -54.28 -10.54
CA GLU B 434 -25.09 -55.56 -10.98
C GLU B 434 -24.14 -56.27 -11.94
N LYS B 435 -24.42 -57.55 -12.20
CA LYS B 435 -23.61 -58.33 -13.11
C LYS B 435 -22.95 -59.51 -12.42
N ILE C 1 9.69 11.38 0.91
CA ILE C 1 8.71 10.67 0.10
C ILE C 1 8.13 9.49 0.89
N PRO C 2 6.92 9.05 0.53
CA PRO C 2 6.26 7.98 1.29
C PRO C 2 7.09 6.69 1.25
N THR C 3 7.53 6.26 2.43
CA THR C 3 8.44 5.12 2.51
C THR C 3 8.09 4.20 3.67
N THR C 4 8.33 2.91 3.48
CA THR C 4 8.19 1.92 4.52
C THR C 4 9.60 1.59 5.00
N GLU C 5 9.85 1.74 6.30
CA GLU C 5 11.20 1.53 6.81
C GLU C 5 11.21 0.48 7.90
N ASN C 6 12.33 -0.23 7.94
CA ASN C 6 12.50 -1.40 8.76
C ASN C 6 13.94 -1.29 9.27
N LEU C 7 14.15 -1.35 10.59
CA LEU C 7 15.51 -1.28 11.11
C LEU C 7 15.84 -2.56 11.86
N TYR C 8 16.97 -3.16 11.50
CA TYR C 8 17.36 -4.44 12.05
C TYR C 8 18.65 -4.30 12.84
N PHE C 9 18.56 -4.55 14.14
CA PHE C 9 19.73 -4.43 15.00
C PHE C 9 20.19 -5.81 15.42
N GLN C 10 21.24 -6.30 14.77
CA GLN C 10 21.82 -7.58 15.16
C GLN C 10 23.12 -7.27 15.87
N GLY C 11 23.23 -7.70 17.12
CA GLY C 11 24.39 -7.38 17.93
C GLY C 11 24.69 -5.89 17.88
N ALA C 12 25.91 -5.54 17.48
CA ALA C 12 26.32 -4.16 17.44
C ALA C 12 25.96 -3.48 16.12
N MET C 13 25.35 -4.23 15.21
CA MET C 13 25.16 -3.73 13.84
C MET C 13 23.81 -3.02 13.64
N ALA C 14 23.72 -2.26 12.56
CA ALA C 14 22.47 -1.60 12.20
C ALA C 14 22.22 -1.70 10.69
N LEU C 15 21.13 -2.36 10.33
CA LEU C 15 20.71 -2.45 8.94
C LEU C 15 19.45 -1.65 8.72
N GLU C 16 19.43 -0.84 7.67
CA GLU C 16 18.25 -0.08 7.32
C GLU C 16 17.61 -0.67 6.04
N GLU C 17 16.37 -1.11 6.14
CA GLU C 17 15.68 -1.63 4.98
C GLU C 17 14.64 -0.62 4.57
N ILE C 18 14.74 -0.17 3.33
CA ILE C 18 13.88 0.91 2.87
C ILE C 18 13.08 0.41 1.69
N LYS C 19 11.81 0.81 1.65
CA LYS C 19 11.02 0.57 0.45
C LYS C 19 10.26 1.84 0.11
N ASN C 20 10.50 2.38 -1.08
CA ASN C 20 9.84 3.60 -1.49
C ASN C 20 9.74 3.67 -3.01
N GLY C 21 9.43 4.86 -3.53
CA GLY C 21 9.16 5.03 -4.95
C GLY C 21 10.38 5.37 -5.78
N THR C 22 11.56 5.31 -5.19
CA THR C 22 12.79 5.50 -5.95
C THR C 22 12.86 4.53 -7.13
N ASP C 23 13.16 5.05 -8.32
CA ASP C 23 13.29 4.20 -9.50
C ASP C 23 14.69 3.61 -9.61
N ILE C 24 14.79 2.33 -9.30
CA ILE C 24 16.08 1.69 -9.20
C ILE C 24 16.81 1.60 -10.54
N SER C 25 16.06 1.68 -11.64
CA SER C 25 16.64 1.61 -12.98
C SER C 25 17.37 2.89 -13.38
N THR C 26 17.10 3.99 -12.68
CA THR C 26 17.74 5.25 -13.03
C THR C 26 18.61 5.83 -11.90
N LEU C 27 19.09 4.97 -11.01
CA LEU C 27 20.05 5.41 -10.01
C LEU C 27 21.22 6.02 -10.77
N ASP C 28 21.95 6.94 -10.15
CA ASP C 28 23.14 7.50 -10.80
C ASP C 28 24.40 6.99 -10.12
N ILE C 29 24.40 5.73 -9.71
CA ILE C 29 25.56 5.19 -9.01
C ILE C 29 26.64 4.81 -10.00
N ARG C 30 27.87 4.68 -9.50
CA ARG C 30 29.01 4.38 -10.36
C ARG C 30 29.14 2.87 -10.56
N LYS C 31 29.12 2.44 -11.82
CA LYS C 31 29.29 1.04 -12.14
C LYS C 31 30.75 0.78 -12.50
N PHE C 32 31.40 -0.13 -11.79
CA PHE C 32 32.80 -0.39 -12.07
C PHE C 32 32.99 -1.16 -13.38
N ASN C 33 34.16 -0.99 -13.98
CA ASN C 33 34.49 -1.67 -15.22
C ASN C 33 35.02 -3.07 -14.98
N LEU C 34 34.18 -4.08 -15.21
CA LEU C 34 34.60 -5.47 -15.11
C LEU C 34 34.36 -6.14 -16.45
N ASN C 35 35.42 -6.70 -17.03
CA ASN C 35 35.33 -7.25 -18.36
C ASN C 35 36.38 -8.32 -18.65
N ILE C 36 36.26 -8.93 -19.83
CA ILE C 36 37.13 -10.02 -20.24
C ILE C 36 38.58 -9.58 -20.37
N ASN C 37 38.79 -8.30 -20.65
CA ASN C 37 40.13 -7.76 -20.86
C ASN C 37 40.89 -7.35 -19.60
N ASN C 38 40.19 -7.12 -18.51
CA ASN C 38 40.92 -6.74 -17.30
C ASN C 38 40.82 -7.79 -16.19
N VAL C 39 40.31 -8.96 -16.53
CA VAL C 39 40.22 -10.06 -15.56
C VAL C 39 41.46 -10.95 -15.57
N SER C 40 41.79 -11.50 -14.40
CA SER C 40 42.89 -12.45 -14.25
C SER C 40 42.36 -13.57 -13.40
N VAL C 41 42.71 -14.81 -13.76
CA VAL C 41 42.38 -15.95 -12.91
C VAL C 41 43.49 -16.21 -11.90
N LEU C 42 43.27 -15.76 -10.66
CA LEU C 42 44.20 -16.02 -9.57
C LEU C 42 44.38 -17.53 -9.37
N SER C 43 43.26 -18.25 -9.35
CA SER C 43 43.29 -19.70 -9.31
C SER C 43 41.98 -20.28 -9.80
N LYS C 44 42.03 -21.54 -10.21
CA LYS C 44 40.87 -22.32 -10.54
C LYS C 44 41.18 -23.78 -10.25
N SER C 45 40.20 -24.51 -9.77
CA SER C 45 40.40 -25.93 -9.48
C SER C 45 40.39 -26.73 -10.77
N GLN C 46 40.77 -27.99 -10.67
CA GLN C 46 40.87 -28.87 -11.83
C GLN C 46 39.51 -29.10 -12.50
N SER C 47 38.44 -28.88 -11.76
CA SER C 47 37.10 -29.12 -12.28
C SER C 47 36.64 -28.04 -13.27
N VAL C 48 37.31 -26.89 -13.22
CA VAL C 48 36.89 -25.75 -14.03
C VAL C 48 37.37 -25.83 -15.47
N ASP C 49 36.43 -25.81 -16.40
CA ASP C 49 36.75 -25.75 -17.82
C ASP C 49 36.49 -24.33 -18.33
N GLN C 50 37.56 -23.60 -18.59
CA GLN C 50 37.46 -22.22 -19.01
C GLN C 50 37.79 -22.05 -20.49
N PHE C 51 36.94 -21.34 -21.22
CA PHE C 51 37.19 -21.11 -22.63
C PHE C 51 36.54 -19.83 -23.16
N HIS C 52 37.11 -19.29 -24.23
CA HIS C 52 36.61 -18.08 -24.85
C HIS C 52 35.57 -18.40 -25.92
N LEU C 53 34.71 -17.44 -26.22
CA LEU C 53 33.68 -17.62 -27.23
C LEU C 53 33.34 -16.30 -27.92
N SER C 54 33.02 -16.38 -29.21
CA SER C 54 32.64 -15.20 -29.96
C SER C 54 31.20 -15.33 -30.43
N ASN C 55 30.39 -14.32 -30.11
CA ASN C 55 29.00 -14.30 -30.51
C ASN C 55 28.37 -15.65 -30.24
N PRO C 56 28.44 -16.09 -28.99
CA PRO C 56 27.99 -17.42 -28.60
C PRO C 56 26.50 -17.67 -28.79
N HIS C 57 26.13 -18.95 -28.83
CA HIS C 57 24.74 -19.35 -28.97
C HIS C 57 24.13 -19.54 -27.58
N TYR C 58 22.89 -19.12 -27.43
CA TYR C 58 22.20 -19.18 -26.14
C TYR C 58 21.57 -20.53 -25.83
N GLU C 59 22.10 -21.20 -24.82
CA GLU C 59 21.55 -22.46 -24.34
C GLU C 59 21.84 -23.69 -25.24
N TYR C 60 21.62 -23.55 -26.54
CA TYR C 60 21.86 -24.63 -27.50
C TYR C 60 22.63 -24.14 -28.72
N LEU C 61 23.52 -24.99 -29.24
CA LEU C 61 24.25 -24.69 -30.47
C LEU C 61 23.26 -24.26 -31.55
N SER C 62 22.11 -24.93 -31.58
CA SER C 62 21.02 -24.53 -32.44
C SER C 62 20.65 -23.09 -32.13
N GLY C 63 20.52 -22.79 -30.84
CA GLY C 63 19.98 -21.53 -30.36
C GLY C 63 20.49 -20.29 -31.06
N GLY C 64 19.77 -19.19 -30.90
CA GLY C 64 20.20 -17.93 -31.46
C GLY C 64 21.60 -17.58 -31.01
N ALA C 65 22.31 -16.84 -31.85
CA ALA C 65 23.63 -16.35 -31.49
C ALA C 65 23.48 -14.91 -31.04
N TYR C 66 24.19 -14.53 -29.99
CA TYR C 66 24.19 -13.14 -29.53
C TYR C 66 25.56 -12.49 -29.69
N PRO C 67 25.59 -11.25 -30.20
CA PRO C 67 26.85 -10.57 -30.53
C PRO C 67 27.67 -10.24 -29.28
N GLY C 68 28.99 -10.35 -29.36
CA GLY C 68 29.87 -10.01 -28.27
C GLY C 68 30.85 -11.12 -27.91
N GLU C 69 32.02 -10.74 -27.43
CA GLU C 69 33.02 -11.69 -26.95
C GLU C 69 32.72 -12.10 -25.51
N MET C 70 33.06 -13.33 -25.17
CA MET C 70 32.74 -13.88 -23.85
C MET C 70 33.85 -14.79 -23.35
N GLU C 71 34.00 -14.86 -22.02
CA GLU C 71 34.87 -15.83 -21.39
C GLU C 71 34.00 -16.71 -20.51
N ASN C 72 33.97 -18.00 -20.81
CA ASN C 72 32.99 -18.88 -20.21
C ASN C 72 33.63 -19.88 -19.27
N PHE C 73 32.92 -20.21 -18.20
CA PHE C 73 33.41 -21.12 -17.20
C PHE C 73 32.37 -22.19 -16.92
N THR C 74 32.83 -23.44 -16.92
CA THR C 74 31.94 -24.55 -16.63
C THR C 74 32.64 -25.48 -15.67
N LEU C 75 31.87 -26.36 -15.04
CA LEU C 75 32.39 -27.31 -14.10
C LEU C 75 32.31 -28.73 -14.66
N LYS C 76 33.41 -29.46 -14.59
CA LYS C 76 33.45 -30.86 -15.02
C LYS C 76 32.69 -31.76 -14.05
N VAL C 77 31.68 -32.43 -14.58
CA VAL C 77 30.82 -33.31 -13.78
C VAL C 77 31.37 -34.74 -13.70
N ASP C 78 31.15 -35.40 -12.58
CA ASP C 78 31.40 -36.83 -12.48
C ASP C 78 30.16 -37.54 -12.99
N LYS C 79 30.17 -37.90 -14.27
CA LYS C 79 28.97 -38.45 -14.92
C LYS C 79 28.44 -39.73 -14.24
N SER C 80 29.28 -40.39 -13.45
CA SER C 80 28.85 -41.64 -12.81
C SER C 80 28.08 -41.40 -11.52
N LYS C 81 28.20 -40.19 -10.97
CA LYS C 81 27.50 -39.85 -9.74
C LYS C 81 26.27 -39.01 -10.04
N LYS C 82 25.12 -39.66 -10.19
CA LYS C 82 23.86 -38.95 -10.47
C LYS C 82 23.26 -38.42 -9.19
N GLN C 83 23.89 -37.38 -8.64
CA GLN C 83 23.52 -36.83 -7.35
C GLN C 83 24.24 -35.52 -7.20
N ASP C 84 23.93 -34.78 -6.13
CA ASP C 84 24.54 -33.46 -5.94
C ASP C 84 26.07 -33.55 -5.88
N GLN C 85 26.73 -32.63 -6.57
CA GLN C 85 28.19 -32.54 -6.55
C GLN C 85 28.62 -31.15 -6.10
N VAL C 86 29.56 -31.11 -5.16
CA VAL C 86 30.02 -29.88 -4.56
C VAL C 86 31.43 -29.52 -5.05
N PHE C 87 31.63 -28.26 -5.38
CA PHE C 87 32.95 -27.81 -5.78
C PHE C 87 33.40 -26.68 -4.86
N GLU C 88 34.39 -26.96 -4.03
CA GLU C 88 34.94 -25.96 -3.12
C GLU C 88 35.94 -25.07 -3.84
N ASN C 89 35.90 -23.77 -3.55
CA ASN C 89 36.88 -22.82 -4.07
C ASN C 89 37.34 -23.06 -5.50
N PRO C 90 36.40 -23.17 -6.45
CA PRO C 90 36.75 -23.55 -7.82
C PRO C 90 37.36 -22.42 -8.65
N LEU C 91 37.17 -21.18 -8.24
CA LEU C 91 37.56 -20.07 -9.11
C LEU C 91 37.74 -18.78 -8.34
N SER C 92 38.88 -18.14 -8.55
CA SER C 92 39.18 -16.89 -7.90
C SER C 92 39.70 -15.90 -8.94
N LEU C 93 39.08 -14.72 -8.96
CA LEU C 93 39.33 -13.74 -10.02
C LEU C 93 39.78 -12.41 -9.48
N LYS C 94 40.49 -11.66 -10.31
CA LYS C 94 40.80 -10.27 -10.05
C LYS C 94 40.48 -9.47 -11.28
N PHE C 95 39.95 -8.28 -11.09
CA PHE C 95 39.76 -7.36 -12.20
C PHE C 95 40.60 -6.16 -11.88
N THR C 96 41.59 -5.88 -12.71
CA THR C 96 42.53 -4.81 -12.43
C THR C 96 42.07 -3.48 -12.99
N ASN C 97 42.13 -2.46 -12.16
CA ASN C 97 41.76 -1.12 -12.58
C ASN C 97 40.32 -1.03 -13.08
N ILE C 98 39.37 -1.30 -12.19
CA ILE C 98 37.96 -1.25 -12.53
C ILE C 98 37.44 0.18 -12.50
N GLY C 99 38.28 1.12 -12.08
CA GLY C 99 37.88 2.51 -12.00
C GLY C 99 38.80 3.33 -11.11
N THR C 100 38.56 4.63 -11.06
CA THR C 100 39.40 5.54 -10.29
C THR C 100 38.53 6.34 -9.32
N VAL C 101 38.81 6.20 -8.03
CA VAL C 101 37.99 6.85 -7.00
C VAL C 101 38.89 7.64 -6.07
N ASN C 102 38.59 8.93 -5.90
CA ASN C 102 39.40 9.81 -5.06
C ASN C 102 40.84 9.81 -5.53
N GLY C 103 41.03 9.78 -6.85
CA GLY C 103 42.36 9.76 -7.44
C GLY C 103 43.06 8.42 -7.40
N LYS C 104 42.40 7.39 -6.86
CA LYS C 104 43.05 6.12 -6.60
C LYS C 104 42.53 4.94 -7.45
N GLN C 105 43.44 4.16 -8.03
CA GLN C 105 43.04 2.94 -8.74
C GLN C 105 42.34 1.90 -7.85
N VAL C 106 41.18 1.44 -8.30
CA VAL C 106 40.41 0.42 -7.58
C VAL C 106 40.50 -0.87 -8.38
N ASP C 107 40.66 -1.99 -7.69
CA ASP C 107 40.62 -3.33 -8.27
C ASP C 107 39.44 -4.06 -7.64
N ALA C 108 38.94 -5.08 -8.34
CA ALA C 108 37.91 -5.93 -7.76
C ALA C 108 38.39 -7.37 -7.67
N TYR C 109 37.83 -8.10 -6.72
CA TYR C 109 38.15 -9.50 -6.55
C TYR C 109 36.82 -10.20 -6.49
N LEU C 110 36.74 -11.32 -7.19
CA LEU C 110 35.53 -12.12 -7.19
C LEU C 110 35.92 -13.57 -6.91
N ASN C 111 35.49 -14.07 -5.76
CA ASN C 111 35.92 -15.38 -5.32
C ASN C 111 34.73 -16.31 -5.21
N PHE C 112 34.73 -17.40 -5.99
CA PHE C 112 33.74 -18.43 -5.79
C PHE C 112 34.13 -19.33 -4.62
N ASN C 113 33.50 -19.10 -3.48
CA ASN C 113 33.77 -19.86 -2.27
C ASN C 113 33.34 -21.29 -2.41
N LYS C 114 32.26 -21.49 -3.15
CA LYS C 114 31.72 -22.82 -3.36
C LYS C 114 30.70 -22.74 -4.47
N VAL C 115 30.65 -23.78 -5.28
CA VAL C 115 29.55 -23.93 -6.23
C VAL C 115 28.98 -25.32 -6.10
N THR C 116 27.68 -25.38 -5.83
CA THR C 116 27.01 -26.64 -5.60
C THR C 116 26.07 -26.97 -6.77
N LEU C 117 26.33 -28.11 -7.39
CA LEU C 117 25.49 -28.62 -8.48
C LEU C 117 24.45 -29.59 -7.92
N HIS C 118 23.18 -29.18 -8.00
CA HIS C 118 22.07 -29.99 -7.49
C HIS C 118 21.45 -30.82 -8.60
N TYR C 119 21.58 -32.14 -8.51
CA TYR C 119 21.05 -33.04 -9.54
C TYR C 119 19.53 -32.95 -9.59
N LEU C 120 19.01 -32.71 -10.80
CA LEU C 120 17.56 -32.55 -10.99
C LEU C 120 16.75 -33.84 -10.90
N ASN C 121 17.42 -34.99 -11.08
CA ASN C 121 16.71 -36.27 -11.10
C ASN C 121 15.52 -36.31 -12.05
N THR C 122 15.71 -35.80 -13.27
CA THR C 122 14.69 -35.89 -14.31
C THR C 122 15.19 -36.74 -15.48
N ALA C 123 14.26 -37.24 -16.28
CA ALA C 123 14.64 -37.97 -17.49
C ALA C 123 15.65 -37.15 -18.27
N GLN C 124 15.38 -35.85 -18.39
CA GLN C 124 16.30 -34.96 -19.08
C GLN C 124 17.69 -35.00 -18.47
N ALA C 125 17.75 -34.88 -17.14
CA ALA C 125 19.03 -34.89 -16.44
C ALA C 125 19.75 -36.21 -16.64
N GLU C 126 19.02 -37.32 -16.52
CA GLU C 126 19.61 -38.64 -16.68
C GLU C 126 20.17 -38.79 -18.09
N SER C 127 19.36 -38.38 -19.07
CA SER C 127 19.79 -38.42 -20.46
C SER C 127 21.10 -37.64 -20.64
N GLU C 128 21.14 -36.43 -20.09
CA GLU C 128 22.36 -35.60 -20.18
C GLU C 128 23.55 -36.31 -19.56
N MET C 129 23.33 -36.95 -18.41
CA MET C 129 24.39 -37.63 -17.71
C MET C 129 24.94 -38.84 -18.48
N ASN C 130 24.10 -39.48 -19.28
CA ASN C 130 24.52 -40.63 -20.06
C ASN C 130 25.03 -40.31 -21.47
N SER C 131 24.84 -39.07 -21.92
CA SER C 131 25.38 -38.67 -23.20
C SER C 131 26.90 -38.73 -23.19
N ALA C 132 27.47 -39.39 -24.18
CA ALA C 132 28.93 -39.47 -24.28
C ALA C 132 29.47 -38.10 -24.67
N GLN C 133 28.58 -37.22 -25.11
CA GLN C 133 29.00 -35.92 -25.60
C GLN C 133 29.03 -34.82 -24.54
N LYS C 134 28.30 -35.01 -23.45
CA LYS C 134 28.15 -33.95 -22.44
C LYS C 134 29.05 -34.23 -21.24
N SER C 135 29.72 -33.20 -20.74
CA SER C 135 30.66 -33.37 -19.64
C SER C 135 30.65 -32.28 -18.55
N THR C 136 30.21 -31.08 -18.89
CA THR C 136 30.26 -29.96 -17.96
C THR C 136 28.90 -29.29 -17.72
N VAL C 137 28.83 -28.48 -16.66
CA VAL C 137 27.66 -27.67 -16.35
C VAL C 137 28.07 -26.19 -16.29
N GLU C 138 27.28 -25.32 -16.92
CA GLU C 138 27.53 -23.88 -16.91
C GLU C 138 27.45 -23.32 -15.49
N PHE C 139 28.33 -22.40 -15.14
CA PHE C 139 28.14 -21.68 -13.87
C PHE C 139 28.41 -20.17 -13.89
N PHE C 140 29.23 -19.71 -14.82
CA PHE C 140 29.69 -18.33 -14.75
C PHE C 140 30.27 -17.90 -16.09
N SER C 141 30.06 -16.64 -16.44
CA SER C 141 30.69 -16.07 -17.62
C SER C 141 30.89 -14.57 -17.47
N ILE C 142 31.83 -14.03 -18.24
CA ILE C 142 32.07 -12.61 -18.27
C ILE C 142 31.86 -12.15 -19.70
N SER C 143 31.01 -11.15 -19.89
CA SER C 143 30.75 -10.62 -21.22
C SER C 143 29.88 -9.39 -21.09
N GLU C 144 29.72 -8.66 -22.20
CA GLU C 144 28.73 -7.61 -22.25
C GLU C 144 27.60 -7.91 -23.23
N LEU C 145 27.23 -9.18 -23.31
CA LEU C 145 26.10 -9.58 -24.15
C LEU C 145 24.82 -8.86 -23.71
N TRP C 146 24.63 -8.70 -22.41
CA TRP C 146 23.36 -8.21 -21.86
C TRP C 146 23.45 -6.80 -21.26
N GLU C 147 24.54 -6.56 -20.53
CA GLU C 147 24.80 -5.27 -19.91
C GLU C 147 26.29 -4.98 -19.97
N SER C 148 26.65 -3.70 -19.84
CA SER C 148 28.04 -3.31 -19.89
C SER C 148 28.77 -3.71 -18.60
N ASN C 149 30.08 -3.89 -18.71
CA ASN C 149 30.91 -4.26 -17.57
C ASN C 149 30.16 -5.08 -16.53
N ALA C 150 29.81 -6.31 -16.90
CA ALA C 150 29.09 -7.19 -15.99
C ALA C 150 29.50 -8.64 -16.14
N PHE C 151 29.15 -9.45 -15.15
CA PHE C 151 29.41 -10.88 -15.21
C PHE C 151 28.09 -11.63 -14.99
N GLU C 152 28.07 -12.89 -15.39
CA GLU C 152 26.84 -13.68 -15.32
C GLU C 152 27.02 -14.98 -14.54
N ILE C 153 26.01 -15.33 -13.74
CA ILE C 153 26.04 -16.57 -12.98
C ILE C 153 24.74 -17.32 -13.26
N GLY C 154 24.86 -18.62 -13.47
CA GLY C 154 23.72 -19.43 -13.85
C GLY C 154 24.13 -20.69 -14.61
N ASN C 155 23.14 -21.49 -15.02
CA ASN C 155 23.42 -22.77 -15.65
C ASN C 155 22.89 -22.86 -17.07
N VAL C 156 22.72 -21.70 -17.72
CA VAL C 156 22.36 -21.66 -19.13
C VAL C 156 23.63 -21.68 -19.99
N PRO C 157 23.85 -22.78 -20.74
CA PRO C 157 25.09 -22.91 -21.52
C PRO C 157 25.24 -21.82 -22.56
N TYR C 158 26.48 -21.39 -22.75
CA TYR C 158 26.84 -20.61 -23.92
C TYR C 158 27.78 -21.49 -24.73
N VAL C 159 27.46 -21.70 -26.01
CA VAL C 159 28.16 -22.70 -26.79
C VAL C 159 28.53 -22.25 -28.19
N ASP C 160 29.49 -22.97 -28.76
CA ASP C 160 29.72 -22.96 -30.19
C ASP C 160 30.07 -24.40 -30.63
N ALA C 161 30.28 -24.58 -31.93
CA ALA C 161 30.56 -25.91 -32.47
C ALA C 161 31.71 -26.58 -31.71
N ASN C 162 32.75 -25.80 -31.45
CA ASN C 162 33.95 -26.32 -30.81
C ASN C 162 33.81 -26.57 -29.31
N HIS C 163 32.66 -26.21 -28.75
CA HIS C 163 32.38 -26.42 -27.32
C HIS C 163 30.90 -26.72 -27.14
N ASP C 164 30.49 -27.96 -27.41
CA ASP C 164 29.08 -28.31 -27.31
C ASP C 164 28.90 -29.46 -26.33
N TYR C 165 29.55 -29.36 -25.18
CA TYR C 165 29.55 -30.44 -24.20
C TYR C 165 28.95 -30.04 -22.85
N ILE C 166 28.11 -29.02 -22.84
CA ILE C 166 27.55 -28.55 -21.58
C ILE C 166 26.13 -29.07 -21.39
N MET C 167 25.85 -29.62 -20.22
CA MET C 167 24.54 -30.20 -19.96
C MET C 167 23.45 -29.14 -19.88
N ASN C 168 22.33 -29.42 -20.55
CA ASN C 168 21.15 -28.60 -20.39
C ASN C 168 20.26 -29.27 -19.36
N LYS C 169 19.95 -28.53 -18.29
CA LYS C 169 18.95 -28.98 -17.31
C LYS C 169 19.27 -30.28 -16.60
N ALA C 170 20.54 -30.52 -16.31
CA ALA C 170 20.95 -31.69 -15.54
C ALA C 170 21.09 -31.35 -14.04
N PHE C 171 21.65 -30.17 -13.78
CA PHE C 171 21.77 -29.65 -12.42
C PHE C 171 21.31 -28.20 -12.35
N TRP C 172 20.66 -27.81 -11.25
CA TRP C 172 20.60 -26.40 -10.90
C TRP C 172 21.79 -26.08 -9.98
N ILE C 173 22.22 -24.83 -9.96
CA ILE C 173 23.44 -24.50 -9.25
C ILE C 173 23.15 -23.54 -8.10
N ASP C 174 24.04 -23.55 -7.12
CA ASP C 174 24.07 -22.57 -6.04
C ASP C 174 25.51 -22.15 -5.90
N ALA C 175 25.80 -20.91 -6.27
CA ALA C 175 27.14 -20.35 -6.16
C ALA C 175 27.21 -19.46 -4.93
N ASP C 176 28.25 -19.64 -4.14
CA ASP C 176 28.53 -18.81 -2.96
C ASP C 176 29.76 -17.97 -3.31
N VAL C 177 29.58 -16.65 -3.37
CA VAL C 177 30.55 -15.77 -4.00
C VAL C 177 30.89 -14.56 -3.13
N THR C 178 32.15 -14.18 -3.12
CA THR C 178 32.54 -12.99 -2.36
C THR C 178 33.12 -11.98 -3.31
N ALA C 179 32.53 -10.78 -3.32
CA ALA C 179 33.03 -9.70 -4.13
C ALA C 179 33.64 -8.68 -3.20
N GLU C 180 34.79 -8.15 -3.60
CA GLU C 180 35.47 -7.15 -2.79
C GLU C 180 36.11 -6.13 -3.72
N ILE C 181 36.04 -4.85 -3.37
CA ILE C 181 36.78 -3.85 -4.09
C ILE C 181 37.89 -3.32 -3.17
N ARG C 182 39.06 -3.09 -3.75
CA ARG C 182 40.23 -2.64 -2.98
C ARG C 182 41.00 -1.57 -3.75
N TYR C 183 41.53 -0.58 -3.02
CA TYR C 183 42.45 0.36 -3.63
C TYR C 183 43.70 -0.41 -4.05
N ALA C 184 44.13 -0.22 -5.29
CA ALA C 184 45.30 -0.94 -5.79
C ALA C 184 46.56 -0.65 -4.97
N ASP C 185 46.69 0.58 -4.46
CA ASP C 185 47.94 0.99 -3.80
C ASP C 185 48.09 0.44 -2.39
N GLY C 186 47.08 -0.28 -1.91
CA GLY C 186 47.17 -0.91 -0.61
C GLY C 186 46.57 -0.11 0.54
N THR C 187 46.19 1.14 0.30
CA THR C 187 45.61 1.93 1.38
C THR C 187 44.23 1.41 1.79
N GLU C 188 43.82 1.81 2.98
CA GLU C 188 42.54 1.42 3.58
C GLU C 188 41.37 1.70 2.66
N THR C 189 40.65 0.66 2.28
CA THR C 189 39.52 0.87 1.37
C THR C 189 38.27 1.26 2.16
N ASP C 190 37.93 2.54 2.11
CA ASP C 190 36.73 3.04 2.79
C ASP C 190 35.51 3.04 1.87
N LEU C 191 35.64 2.36 0.73
CA LEU C 191 34.52 2.28 -0.20
C LEU C 191 33.49 1.28 0.30
N LYS C 192 32.24 1.59 0.05
CA LYS C 192 31.12 0.77 0.48
C LYS C 192 30.49 0.10 -0.73
N LEU C 193 30.80 -1.18 -0.93
CA LEU C 193 30.37 -1.91 -2.12
C LEU C 193 28.86 -1.93 -2.24
N VAL C 194 28.36 -1.68 -3.44
CA VAL C 194 26.93 -1.78 -3.70
C VAL C 194 26.68 -2.84 -4.76
N MET C 195 25.70 -3.69 -4.52
CA MET C 195 25.23 -4.60 -5.55
C MET C 195 23.78 -4.26 -5.87
N LYS C 196 23.39 -4.50 -7.11
CA LYS C 196 22.02 -4.25 -7.54
C LYS C 196 21.56 -5.41 -8.43
N PRO C 197 21.20 -6.54 -7.82
CA PRO C 197 20.72 -7.64 -8.65
C PRO C 197 19.40 -7.25 -9.29
N THR C 198 19.12 -7.80 -10.48
CA THR C 198 17.91 -7.49 -11.21
C THR C 198 17.34 -8.75 -11.87
N ASP C 199 16.08 -8.64 -12.29
CA ASP C 199 15.48 -9.68 -13.11
C ASP C 199 15.52 -11.02 -12.44
N ILE C 200 15.32 -11.03 -11.12
CA ILE C 200 15.21 -12.27 -10.39
C ILE C 200 13.79 -12.78 -10.55
N ASP C 201 13.53 -13.52 -11.62
CA ASP C 201 12.15 -13.77 -12.01
C ASP C 201 11.88 -15.15 -12.61
N ALA C 202 12.83 -16.07 -12.52
CA ALA C 202 12.64 -17.40 -13.11
C ALA C 202 12.10 -18.44 -12.14
N ILE C 203 11.03 -19.11 -12.58
CA ILE C 203 10.43 -20.23 -11.87
C ILE C 203 10.15 -21.32 -12.91
N ASP C 204 10.62 -22.54 -12.67
CA ASP C 204 10.48 -23.60 -13.67
C ASP C 204 9.39 -24.60 -13.28
N ALA C 205 9.10 -25.56 -14.16
CA ALA C 205 8.05 -26.53 -13.93
C ALA C 205 8.28 -27.33 -12.64
N ASN C 206 9.53 -27.38 -12.21
CA ASN C 206 9.88 -28.07 -10.96
C ASN C 206 9.52 -27.24 -9.72
N ASN C 207 9.03 -26.03 -9.96
CA ASN C 207 8.85 -25.06 -8.88
C ASN C 207 10.15 -24.63 -8.20
N LEU C 208 11.28 -24.87 -8.85
CA LEU C 208 12.54 -24.28 -8.42
C LEU C 208 12.48 -22.80 -8.76
N LYS C 209 13.03 -21.96 -7.90
CA LYS C 209 12.91 -20.52 -8.09
C LYS C 209 14.26 -19.82 -8.06
N GLU C 210 14.50 -18.97 -9.06
CA GLU C 210 15.72 -18.20 -9.13
C GLU C 210 15.86 -17.39 -7.85
N THR C 211 17.07 -17.35 -7.29
CA THR C 211 17.30 -16.75 -5.97
C THR C 211 18.61 -15.99 -5.91
N PHE C 212 18.58 -14.78 -5.35
CA PHE C 212 19.78 -14.05 -5.02
C PHE C 212 19.89 -14.02 -3.48
N TYR C 213 21.09 -14.13 -2.95
CA TYR C 213 21.19 -14.08 -1.51
C TYR C 213 22.43 -13.38 -1.01
N VAL C 214 22.42 -13.02 0.27
CA VAL C 214 23.57 -12.40 0.90
C VAL C 214 23.82 -13.15 2.19
N LYS C 215 25.04 -13.64 2.35
CA LYS C 215 25.38 -14.33 3.57
C LYS C 215 25.64 -13.31 4.67
N ASN C 216 25.26 -13.61 5.91
CA ASN C 216 25.55 -12.75 7.07
C ASN C 216 24.92 -11.37 6.85
N TYR C 217 23.72 -11.38 6.25
CA TYR C 217 23.04 -10.19 5.76
C TYR C 217 22.90 -9.06 6.77
N GLN C 218 22.29 -9.31 7.92
CA GLN C 218 22.07 -8.22 8.89
C GLN C 218 23.37 -7.73 9.52
N ASN C 219 24.44 -8.53 9.41
CA ASN C 219 25.75 -8.11 9.92
C ASN C 219 26.59 -7.35 8.89
N ASP C 220 26.38 -7.64 7.61
CA ASP C 220 27.25 -7.13 6.54
C ASP C 220 26.68 -6.03 5.68
N VAL C 221 25.36 -5.82 5.74
CA VAL C 221 24.72 -4.84 4.86
C VAL C 221 24.23 -3.61 5.63
N ASN C 222 24.52 -2.44 5.10
CA ASN C 222 24.16 -1.20 5.78
C ASN C 222 22.77 -0.73 5.39
N LEU C 223 22.43 -0.88 4.12
CA LEU C 223 21.17 -0.36 3.60
C LEU C 223 20.64 -1.23 2.46
N ARG C 224 19.39 -1.63 2.56
CA ARG C 224 18.75 -2.42 1.53
C ARG C 224 17.54 -1.67 0.96
N LEU C 225 17.65 -1.27 -0.31
CA LEU C 225 16.62 -0.46 -0.96
C LEU C 225 15.76 -1.30 -1.91
N MET C 226 14.44 -1.23 -1.74
CA MET C 226 13.50 -1.79 -2.69
C MET C 226 12.55 -0.72 -3.22
N ASN C 227 12.08 -0.92 -4.45
CA ASN C 227 11.02 -0.08 -4.97
C ASN C 227 9.66 -0.57 -4.43
N ASN C 228 8.69 0.33 -4.33
CA ASN C 228 7.36 -0.05 -3.83
C ASN C 228 6.76 -1.25 -4.55
N ALA C 229 7.11 -1.40 -5.82
CA ALA C 229 6.52 -2.42 -6.65
C ALA C 229 7.20 -3.78 -6.50
N ASN C 230 8.19 -3.87 -5.60
CA ASN C 230 8.92 -5.13 -5.46
C ASN C 230 8.04 -6.35 -5.13
N VAL C 231 8.21 -7.44 -5.85
CA VAL C 231 7.42 -8.64 -5.59
C VAL C 231 8.25 -9.83 -5.17
N LEU C 232 9.52 -9.62 -4.84
CA LEU C 232 10.36 -10.74 -4.41
C LEU C 232 9.96 -11.18 -3.01
N VAL C 233 10.16 -12.45 -2.72
CA VAL C 233 10.02 -12.91 -1.34
C VAL C 233 11.38 -12.79 -0.67
N GLN C 234 11.43 -12.09 0.47
CA GLN C 234 12.65 -11.96 1.26
C GLN C 234 12.66 -13.00 2.38
N GLU C 235 13.58 -13.95 2.31
CA GLU C 235 13.66 -14.99 3.35
C GLU C 235 14.93 -14.92 4.17
N GLU C 236 14.78 -14.53 5.43
CA GLU C 236 15.90 -14.35 6.34
C GLU C 236 16.12 -15.62 7.13
N ALA C 237 17.22 -16.29 6.83
CA ALA C 237 17.63 -17.47 7.56
C ALA C 237 18.75 -17.06 8.53
N SER C 238 19.18 -17.97 9.40
CA SER C 238 20.18 -17.60 10.40
C SER C 238 21.50 -17.16 9.76
N ASP C 239 21.86 -17.75 8.64
CA ASP C 239 23.17 -17.43 8.09
C ASP C 239 23.12 -16.69 6.76
N ARG C 240 21.92 -16.46 6.25
CA ARG C 240 21.80 -15.82 4.95
C ARG C 240 20.38 -15.32 4.73
N THR C 241 20.27 -14.27 3.93
CA THR C 241 18.97 -13.78 3.53
C THR C 241 18.87 -13.88 2.00
N SER C 242 17.76 -14.44 1.53
CA SER C 242 17.52 -14.66 0.10
C SER C 242 16.36 -13.85 -0.44
N TRP C 243 16.47 -13.45 -1.70
CA TRP C 243 15.37 -12.80 -2.39
C TRP C 243 14.94 -13.73 -3.54
N ILE C 244 13.68 -14.13 -3.50
CA ILE C 244 13.20 -15.25 -4.27
C ILE C 244 12.17 -14.79 -5.30
N ALA C 245 12.35 -15.27 -6.53
CA ALA C 245 11.46 -14.93 -7.64
C ALA C 245 10.01 -15.30 -7.34
N THR C 246 9.07 -14.47 -7.77
CA THR C 246 7.66 -14.84 -7.69
C THR C 246 6.92 -14.67 -9.02
N GLN C 247 7.49 -13.93 -9.95
CA GLN C 247 6.81 -13.72 -11.23
C GLN C 247 7.70 -13.10 -12.29
N ILE C 248 7.35 -13.36 -13.55
CA ILE C 248 8.13 -12.88 -14.69
C ILE C 248 8.11 -11.37 -14.74
N THR C 249 9.26 -10.78 -15.09
CA THR C 249 9.36 -9.34 -15.27
C THR C 249 10.17 -9.10 -16.53
N GLY C 250 9.73 -8.16 -17.36
CA GLY C 250 10.43 -7.84 -18.58
C GLY C 250 10.70 -6.35 -18.71
N GLY C 251 11.82 -6.02 -19.33
CA GLY C 251 12.19 -4.63 -19.50
C GLY C 251 12.95 -4.15 -18.28
N SER C 252 13.74 -3.11 -18.47
CA SER C 252 14.66 -2.62 -17.46
C SER C 252 13.96 -2.08 -16.21
N TYR C 253 12.91 -1.28 -16.41
CA TYR C 253 12.18 -0.74 -15.28
C TYR C 253 11.76 -1.86 -14.33
N ASN C 254 11.08 -2.87 -14.86
CA ASN C 254 10.52 -3.94 -14.03
C ASN C 254 11.59 -4.87 -13.45
N GLU C 255 12.66 -5.08 -14.20
CA GLU C 255 13.72 -5.95 -13.76
C GLU C 255 14.46 -5.35 -12.57
N ASN C 256 14.50 -4.02 -12.51
CA ASN C 256 15.07 -3.30 -11.37
C ASN C 256 14.08 -3.12 -10.24
N ASN C 257 12.89 -2.61 -10.56
CA ASN C 257 11.94 -2.18 -9.54
C ASN C 257 11.02 -3.27 -9.04
N VAL C 258 10.67 -4.22 -9.92
CA VAL C 258 9.76 -5.31 -9.54
C VAL C 258 10.52 -6.55 -9.04
N SER C 259 11.62 -6.90 -9.71
CA SER C 259 12.32 -8.13 -9.37
C SER C 259 13.81 -7.89 -9.16
N GLY C 260 14.13 -6.71 -8.63
CA GLY C 260 15.50 -6.34 -8.32
C GLY C 260 15.56 -5.53 -7.05
N LEU C 261 16.76 -5.22 -6.59
CA LEU C 261 16.94 -4.36 -5.42
C LEU C 261 18.35 -3.83 -5.37
N ALA C 262 18.62 -2.94 -4.43
CA ALA C 262 19.96 -2.39 -4.29
C ALA C 262 20.45 -2.58 -2.86
N LEU C 263 21.73 -2.91 -2.73
CA LEU C 263 22.30 -3.21 -1.40
C LEU C 263 23.61 -2.47 -1.20
N ARG C 264 23.68 -1.67 -0.14
CA ARG C 264 24.92 -1.04 0.23
C ARG C 264 25.59 -1.79 1.39
N SER C 265 26.82 -2.25 1.17
CA SER C 265 27.53 -3.01 2.19
C SER C 265 28.06 -2.13 3.32
N ASN C 266 28.40 -2.77 4.44
CA ASN C 266 28.97 -2.06 5.57
C ASN C 266 30.46 -1.85 5.33
N SER C 267 30.99 -2.60 4.36
CA SER C 267 32.41 -2.53 4.03
C SER C 267 32.64 -2.51 2.52
N ASN C 268 33.85 -2.87 2.13
CA ASN C 268 34.24 -2.90 0.74
C ASN C 268 34.00 -4.28 0.13
N SER C 269 33.33 -5.17 0.86
CA SER C 269 33.00 -6.47 0.31
C SER C 269 31.60 -6.95 0.65
N MET C 270 31.23 -8.05 0.02
CA MET C 270 29.91 -8.62 0.24
C MET C 270 30.00 -10.08 -0.18
N ASN C 271 29.52 -10.95 0.69
CA ASN C 271 29.46 -12.35 0.36
C ASN C 271 28.03 -12.62 -0.08
N PHE C 272 27.82 -12.66 -1.38
CA PHE C 272 26.48 -12.89 -1.92
C PHE C 272 26.44 -14.28 -2.50
N GLY C 273 25.30 -14.61 -3.09
CA GLY C 273 25.08 -15.92 -3.65
C GLY C 273 23.96 -15.88 -4.68
N TYR C 274 23.85 -16.97 -5.42
CA TYR C 274 22.85 -17.08 -6.48
C TYR C 274 22.54 -18.54 -6.72
N SER C 275 21.25 -18.88 -6.75
CA SER C 275 20.87 -20.23 -7.14
C SER C 275 19.91 -20.16 -8.32
N SER C 276 20.00 -21.14 -9.21
CA SER C 276 19.25 -21.10 -10.48
C SER C 276 18.07 -22.03 -10.47
N THR C 277 17.33 -22.03 -11.57
CA THR C 277 16.33 -23.06 -11.83
C THR C 277 17.00 -24.13 -12.69
N GLU C 278 16.21 -24.97 -13.32
CA GLU C 278 16.78 -25.95 -14.23
C GLU C 278 17.49 -25.21 -15.35
N THR C 279 17.04 -24.00 -15.65
CA THR C 279 17.70 -23.16 -16.64
C THR C 279 17.44 -21.66 -16.51
N CYS C 280 18.32 -20.98 -15.79
CA CYS C 280 18.30 -19.52 -15.78
C CYS C 280 19.65 -18.99 -15.37
N SER C 281 19.83 -17.69 -15.54
CA SER C 281 21.01 -17.02 -15.03
C SER C 281 20.70 -15.53 -14.81
N ALA C 282 21.59 -14.88 -14.08
CA ALA C 282 21.42 -13.47 -13.75
C ALA C 282 22.72 -12.74 -14.03
N VAL C 283 22.58 -11.45 -14.29
CA VAL C 283 23.69 -10.61 -14.67
C VAL C 283 23.98 -9.60 -13.56
N PHE C 284 25.25 -9.39 -13.26
CA PHE C 284 25.63 -8.56 -12.11
C PHE C 284 26.71 -7.54 -12.45
N GLY C 285 26.62 -6.37 -11.83
CA GLY C 285 27.71 -5.41 -11.84
C GLY C 285 28.16 -5.14 -10.41
N LEU C 286 29.29 -4.48 -10.24
CA LEU C 286 29.71 -4.00 -8.93
C LEU C 286 29.71 -2.49 -8.98
N TYR C 287 29.27 -1.84 -7.90
CA TYR C 287 29.00 -0.41 -7.92
C TYR C 287 29.48 0.27 -6.66
N ILE C 288 29.55 1.59 -6.71
CA ILE C 288 29.58 2.40 -5.50
C ILE C 288 28.71 3.62 -5.72
N GLU C 289 28.25 4.20 -4.62
CA GLU C 289 27.52 5.44 -4.67
C GLU C 289 28.48 6.57 -5.00
N LYS C 290 27.92 7.66 -5.50
CA LYS C 290 28.73 8.80 -5.92
C LYS C 290 28.42 10.04 -5.09
N ILE C 291 29.44 10.57 -4.42
CA ILE C 291 29.28 11.90 -3.85
C ILE C 291 29.93 12.90 -4.79
N ASP C 292 29.10 13.59 -5.56
CA ASP C 292 29.56 14.30 -6.74
C ASP C 292 28.57 15.43 -7.02
N PRO C 293 29.03 16.68 -6.89
CA PRO C 293 30.43 17.07 -6.65
C PRO C 293 30.88 16.89 -5.20
N ARG C 294 32.16 16.57 -5.06
CA ARG C 294 32.82 16.47 -3.77
C ARG C 294 32.80 17.82 -3.05
N PRO C 295 32.90 17.80 -1.71
CA PRO C 295 32.96 19.07 -0.95
C PRO C 295 34.03 19.98 -1.55
N VAL C 296 33.75 21.29 -1.57
CA VAL C 296 34.71 22.29 -2.04
C VAL C 296 35.29 23.05 -0.84
N LEU C 297 36.61 23.14 -0.79
CA LEU C 297 37.31 23.74 0.32
C LEU C 297 38.11 24.94 -0.15
N GLU C 298 38.01 26.04 0.58
CA GLU C 298 38.78 27.25 0.29
C GLU C 298 39.48 27.67 1.57
N VAL C 299 40.67 28.27 1.45
CA VAL C 299 41.34 28.86 2.60
C VAL C 299 41.70 30.31 2.28
N ASP C 300 41.56 31.17 3.28
CA ASP C 300 41.88 32.59 3.15
C ASP C 300 42.65 33.01 4.39
N PRO C 301 43.90 33.47 4.23
CA PRO C 301 44.62 33.65 2.96
C PRO C 301 45.40 32.39 2.55
N ALA C 302 45.86 32.34 1.30
CA ALA C 302 46.60 31.17 0.82
C ALA C 302 48.09 31.36 1.01
N GLU C 303 48.45 32.46 1.65
CA GLU C 303 49.83 32.80 1.94
C GLU C 303 49.89 33.75 3.14
N ILE C 304 50.70 33.40 4.14
CA ILE C 304 50.82 34.23 5.34
C ILE C 304 52.24 34.26 5.86
N PRO C 305 52.61 35.33 6.60
CA PRO C 305 53.92 35.34 7.24
C PRO C 305 53.95 34.19 8.21
N ALA C 306 55.10 33.54 8.36
CA ALA C 306 55.23 32.48 9.34
C ALA C 306 55.36 33.10 10.72
N LYS C 307 54.33 33.83 11.13
CA LYS C 307 54.32 34.43 12.46
C LYS C 307 53.11 33.99 13.29
N ASP C 308 53.29 33.99 14.60
CA ASP C 308 52.24 33.66 15.56
C ASP C 308 51.04 34.54 15.32
N GLY C 309 49.85 34.03 15.63
CA GLY C 309 48.64 34.84 15.61
C GLY C 309 48.13 35.36 14.27
N GLN C 310 48.47 34.70 13.17
CA GLN C 310 47.90 35.08 11.87
C GLN C 310 46.59 34.33 11.64
N ASP C 311 45.53 35.07 11.33
CA ASP C 311 44.22 34.46 11.06
C ASP C 311 44.26 33.57 9.83
N VAL C 312 43.59 32.42 9.91
CA VAL C 312 43.46 31.49 8.79
C VAL C 312 42.04 30.94 8.78
N THR C 313 41.30 31.24 7.73
CA THR C 313 39.90 30.88 7.69
C THR C 313 39.64 29.88 6.58
N TYR C 314 38.95 28.79 6.92
CA TYR C 314 38.61 27.76 5.96
C TYR C 314 37.12 27.80 5.70
N LYS C 315 36.74 27.80 4.43
CA LYS C 315 35.35 27.76 4.05
C LYS C 315 35.09 26.51 3.21
N ALA C 316 34.22 25.65 3.72
CA ALA C 316 33.96 24.36 3.11
C ALA C 316 32.51 24.25 2.69
N THR C 317 32.29 24.01 1.40
CA THR C 317 30.96 23.89 0.87
C THR C 317 30.68 22.42 0.61
N PHE C 318 29.62 21.91 1.22
CA PHE C 318 29.23 20.52 1.09
C PHE C 318 27.92 20.42 0.32
N LYS C 319 27.92 19.76 -0.83
CA LYS C 319 26.65 19.46 -1.48
C LYS C 319 26.18 18.09 -1.06
N VAL C 320 24.99 18.04 -0.46
CA VAL C 320 24.41 16.79 -0.02
C VAL C 320 23.97 15.98 -1.24
N PRO C 321 24.37 14.71 -1.29
CA PRO C 321 24.03 13.85 -2.45
C PRO C 321 22.51 13.70 -2.60
N VAL C 322 22.04 13.64 -3.84
CA VAL C 322 20.62 13.49 -4.12
C VAL C 322 20.16 12.08 -3.80
N PRO C 323 19.26 11.94 -2.82
CA PRO C 323 18.71 10.63 -2.46
C PRO C 323 17.97 10.01 -3.62
N GLY C 324 18.26 8.74 -3.90
CA GLY C 324 17.61 8.04 -4.98
C GLY C 324 18.32 8.27 -6.30
N LYS C 325 19.33 9.13 -6.31
CA LYS C 325 20.19 9.31 -7.49
C LYS C 325 21.67 9.08 -7.16
N ASP C 326 22.27 9.98 -6.38
CA ASP C 326 23.68 9.85 -6.00
C ASP C 326 23.86 8.76 -4.96
N ILE C 327 22.94 8.71 -4.00
CA ILE C 327 23.01 7.71 -2.95
C ILE C 327 21.68 7.00 -2.92
N LEU C 328 21.65 5.79 -2.34
CA LEU C 328 20.47 4.95 -2.42
C LEU C 328 19.22 5.51 -1.73
N ALA C 329 19.42 6.20 -0.63
CA ALA C 329 18.28 6.74 0.10
C ALA C 329 18.68 7.95 0.95
N ALA C 330 17.69 8.55 1.60
CA ALA C 330 17.94 9.75 2.41
C ALA C 330 18.88 9.42 3.54
N PRO C 331 19.91 10.26 3.72
CA PRO C 331 20.91 10.08 4.77
C PRO C 331 20.26 9.99 6.14
N SER C 332 20.73 9.06 6.98
CA SER C 332 20.31 9.02 8.37
C SER C 332 21.31 9.76 9.23
N SER C 333 22.46 10.10 8.64
CA SER C 333 23.44 10.88 9.35
C SER C 333 24.39 11.60 8.40
N ILE C 334 24.81 12.78 8.81
CA ILE C 334 25.73 13.59 8.05
C ILE C 334 26.69 14.25 9.01
N GLU C 335 27.98 14.17 8.71
CA GLU C 335 28.99 14.78 9.55
C GLU C 335 30.08 15.28 8.63
N MET C 336 30.83 16.27 9.11
CA MET C 336 31.91 16.86 8.35
C MET C 336 33.12 16.85 9.27
N VAL C 337 34.20 16.21 8.85
CA VAL C 337 35.37 16.08 9.70
C VAL C 337 36.51 16.93 9.21
N GLN C 338 36.98 17.78 10.09
CA GLN C 338 38.07 18.70 9.81
C GLN C 338 39.22 18.30 10.75
N LYS C 339 40.46 18.40 10.28
CA LYS C 339 41.63 18.25 11.17
C LYS C 339 42.60 19.35 10.84
N PHE C 340 43.02 20.08 11.85
CA PHE C 340 43.84 21.25 11.61
C PHE C 340 45.30 20.95 11.88
N ASP C 341 46.15 21.48 11.02
CA ASP C 341 47.60 21.43 11.21
C ASP C 341 47.94 21.88 12.65
N GLU C 342 48.89 21.19 13.28
CA GLU C 342 49.21 21.45 14.70
C GLU C 342 49.61 22.91 14.92
N ARG C 343 50.00 23.58 13.84
CA ARG C 343 50.46 24.96 13.95
C ARG C 343 49.31 25.95 13.96
N LEU C 344 48.09 25.42 14.03
CA LEU C 344 46.91 26.26 14.08
C LEU C 344 46.13 26.04 15.37
N ASP C 345 45.61 27.14 15.91
CA ASP C 345 44.63 27.07 16.99
C ASP C 345 43.25 27.25 16.37
N TYR C 346 42.38 26.29 16.61
CA TYR C 346 40.99 26.40 16.22
C TYR C 346 40.23 27.32 17.17
N LYS C 347 39.52 28.27 16.60
CA LYS C 347 38.81 29.26 17.41
C LYS C 347 37.32 28.95 17.47
N GLU C 348 36.64 28.96 16.33
CA GLU C 348 35.21 28.72 16.27
C GLU C 348 34.81 28.43 14.84
N LEU C 349 33.54 28.11 14.63
CA LEU C 349 33.02 27.91 13.29
C LEU C 349 31.57 28.34 13.17
N LYS C 350 31.15 28.55 11.93
CA LYS C 350 29.77 28.88 11.63
C LYS C 350 29.27 27.90 10.58
N VAL C 351 28.02 27.47 10.70
CA VAL C 351 27.39 26.62 9.70
C VAL C 351 26.19 27.35 9.09
N GLU C 352 26.14 27.39 7.77
CA GLU C 352 25.04 28.05 7.07
C GLU C 352 24.38 27.09 6.10
N SER C 353 23.07 27.25 5.91
CA SER C 353 22.39 26.53 4.85
C SER C 353 21.20 27.32 4.33
N GLY C 354 20.93 27.17 3.03
CA GLY C 354 19.90 27.95 2.39
C GLY C 354 20.34 29.39 2.30
N GLY C 355 19.90 30.20 3.26
CA GLY C 355 20.37 31.57 3.37
C GLY C 355 20.51 31.96 4.82
N VAL C 356 20.41 30.97 5.70
CA VAL C 356 20.42 31.24 7.13
C VAL C 356 21.60 30.59 7.81
N THR C 357 21.94 31.12 8.98
CA THR C 357 22.98 30.55 9.81
C THR C 357 22.36 29.53 10.74
N LEU C 358 22.74 28.27 10.57
CA LEU C 358 22.22 27.21 11.41
C LEU C 358 22.62 27.43 12.84
N GLN C 359 21.85 26.85 13.75
CA GLN C 359 22.08 27.04 15.18
C GLN C 359 22.70 25.80 15.79
N GLU C 360 23.78 26.00 16.54
CA GLU C 360 24.41 24.90 17.24
C GLU C 360 23.43 24.37 18.29
N GLY C 361 23.40 23.05 18.46
CA GLY C 361 22.45 22.42 19.37
C GLY C 361 21.24 21.91 18.63
N ARG C 362 20.52 22.83 17.99
CA ARG C 362 19.30 22.52 17.27
C ARG C 362 19.57 21.83 15.93
N ASP C 363 20.40 22.46 15.10
CA ASP C 363 20.66 21.98 13.75
C ASP C 363 21.90 21.08 13.66
N TYR C 364 22.86 21.29 14.56
CA TYR C 364 24.11 20.53 14.50
C TYR C 364 24.83 20.59 15.82
N THR C 365 25.68 19.59 16.08
CA THR C 365 26.55 19.65 17.25
C THR C 365 28.00 19.67 16.79
N ILE C 366 28.89 20.00 17.72
CA ILE C 366 30.33 20.01 17.45
C ILE C 366 31.07 19.12 18.44
N GLU C 367 31.99 18.34 17.92
CA GLU C 367 32.86 17.49 18.72
C GLU C 367 34.31 17.80 18.38
N LYS C 368 35.07 18.16 19.40
CA LYS C 368 36.47 18.42 19.21
C LYS C 368 37.29 17.47 20.05
N THR C 369 38.22 16.80 19.40
CA THR C 369 39.22 16.00 20.08
C THR C 369 40.58 16.33 19.46
N GLY C 370 41.51 16.81 20.29
CA GLY C 370 42.77 17.32 19.78
C GLY C 370 42.52 18.30 18.64
N GLN C 371 43.14 18.07 17.49
CA GLN C 371 43.01 18.99 16.36
C GLN C 371 41.86 18.64 15.40
N THR C 372 41.13 17.58 15.71
CA THR C 372 39.99 17.16 14.90
C THR C 372 38.70 17.76 15.41
N VAL C 373 38.03 18.52 14.55
CA VAL C 373 36.78 19.13 14.90
C VAL C 373 35.71 18.55 13.96
N THR C 374 34.69 17.93 14.54
CA THR C 374 33.64 17.30 13.77
C THR C 374 32.30 18.00 13.96
N VAL C 375 31.65 18.34 12.85
CA VAL C 375 30.26 18.83 12.86
C VAL C 375 29.32 17.68 12.53
N LYS C 376 28.27 17.53 13.33
CA LYS C 376 27.25 16.52 13.06
C LYS C 376 25.90 17.19 12.91
N MET C 377 25.28 17.05 11.75
CA MET C 377 23.92 17.54 11.56
C MET C 377 22.98 16.73 12.47
N THR C 378 22.03 17.40 13.12
CA THR C 378 21.10 16.70 14.01
C THR C 378 20.03 15.93 13.25
N PRO C 379 19.52 14.86 13.86
CA PRO C 379 18.43 14.07 13.27
C PRO C 379 17.27 14.98 12.90
N GLU C 380 17.04 15.99 13.72
CA GLU C 380 15.96 16.94 13.45
C GLU C 380 16.24 17.66 12.15
N TYR C 381 17.48 18.11 11.98
CA TYR C 381 17.84 18.82 10.76
C TYR C 381 17.67 17.93 9.55
N LEU C 382 18.04 16.66 9.70
CA LEU C 382 17.98 15.72 8.58
C LEU C 382 16.55 15.46 8.12
N LYS C 383 15.60 15.47 9.04
CA LYS C 383 14.18 15.42 8.68
C LYS C 383 13.84 16.72 7.96
N GLY C 384 13.71 16.63 6.65
CA GLY C 384 13.51 17.80 5.82
C GLY C 384 14.11 17.60 4.44
N ASN C 385 13.30 17.81 3.42
CA ASN C 385 13.74 17.76 2.03
C ASN C 385 14.81 18.81 1.74
N SER C 386 15.58 19.18 2.77
CA SER C 386 16.48 20.31 2.69
C SER C 386 17.33 20.28 1.43
N SER C 387 18.26 19.33 1.37
CA SER C 387 19.12 19.15 0.20
C SER C 387 19.94 20.39 -0.16
N SER C 388 19.68 21.51 0.52
CA SER C 388 20.45 22.72 0.30
C SER C 388 21.88 22.50 0.76
N ASP C 389 22.82 23.17 0.11
CA ASP C 389 24.23 23.10 0.50
C ASP C 389 24.43 23.51 1.95
N ILE C 390 25.42 22.90 2.59
CA ILE C 390 25.81 23.27 3.94
C ILE C 390 27.21 23.85 3.89
N ILE C 391 27.37 25.08 4.38
CA ILE C 391 28.63 25.77 4.27
C ILE C 391 29.21 26.02 5.65
N ILE C 392 30.35 25.41 5.93
CA ILE C 392 30.98 25.56 7.24
C ILE C 392 32.20 26.44 7.12
N THR C 393 32.26 27.46 7.98
CA THR C 393 33.38 28.38 7.99
C THR C 393 34.14 28.26 9.30
N TYR C 394 35.39 27.83 9.21
CA TYR C 394 36.22 27.57 10.38
C TYR C 394 37.21 28.70 10.61
N LYS C 395 37.18 29.31 11.77
CA LYS C 395 38.18 30.32 12.11
C LYS C 395 39.31 29.70 12.90
N THR C 396 40.53 29.92 12.45
CA THR C 396 41.68 29.47 13.17
C THR C 396 42.70 30.60 13.15
N ALA C 397 43.78 30.44 13.89
CA ALA C 397 44.86 31.40 13.84
C ALA C 397 46.13 30.64 14.14
N THR C 398 47.23 31.02 13.50
CA THR C 398 48.51 30.35 13.75
C THR C 398 48.89 30.50 15.22
N ASN C 399 49.66 29.53 15.70
CA ASN C 399 50.27 29.63 17.03
C ASN C 399 51.79 29.73 16.89
N LYS C 400 52.49 29.86 18.01
CA LYS C 400 53.93 30.08 17.99
C LYS C 400 54.70 28.97 17.27
N LYS C 401 54.11 27.77 17.22
CA LYS C 401 54.74 26.66 16.51
C LYS C 401 55.03 26.98 15.04
N VAL C 402 54.26 27.91 14.48
CA VAL C 402 54.44 28.27 13.08
C VAL C 402 55.80 28.91 12.86
N GLU C 403 56.31 29.57 13.90
CA GLU C 403 57.61 30.22 13.84
C GLU C 403 58.74 29.22 13.99
N GLU C 404 58.42 28.05 14.54
CA GLU C 404 59.41 26.98 14.60
C GLU C 404 59.74 26.53 13.18
N LYS C 405 60.18 25.30 13.04
CA LYS C 405 60.68 24.87 11.75
C LYS C 405 59.91 23.67 11.24
N GLY C 406 59.89 23.52 9.93
CA GLY C 406 59.16 22.45 9.30
C GLY C 406 58.65 22.88 7.94
N SER C 407 57.62 22.21 7.47
CA SER C 407 57.06 22.47 6.15
C SER C 407 56.82 23.96 5.96
N GLU C 408 57.06 24.46 4.75
CA GLU C 408 56.83 25.87 4.48
C GLU C 408 55.40 26.13 4.00
N LYS C 409 54.49 25.22 4.36
CA LYS C 409 53.07 25.42 4.08
C LYS C 409 52.14 24.62 5.00
N ILE C 410 50.94 25.14 5.15
CA ILE C 410 49.92 24.48 5.96
C ILE C 410 48.83 23.93 5.05
N ASP C 411 48.81 22.61 4.90
CA ASP C 411 47.79 21.94 4.09
C ASP C 411 46.52 21.72 4.90
N ASN C 412 45.42 21.58 4.19
CA ASN C 412 44.15 21.25 4.80
C ASN C 412 43.23 20.52 3.83
N THR C 413 42.45 19.59 4.38
CA THR C 413 41.43 18.84 3.65
C THR C 413 40.29 18.56 4.63
N VAL C 414 39.05 18.54 4.15
CA VAL C 414 37.93 18.20 5.02
C VAL C 414 37.21 16.97 4.45
N THR C 415 36.48 16.22 5.27
CA THR C 415 35.80 15.02 4.79
C THR C 415 34.32 15.03 5.18
N LEU C 416 33.48 14.76 4.19
CA LEU C 416 32.03 14.63 4.38
C LEU C 416 31.66 13.19 4.60
N HIS C 417 30.85 12.94 5.62
CA HIS C 417 30.32 11.61 5.88
C HIS C 417 28.82 11.67 5.68
N VAL C 418 28.29 10.71 4.92
CA VAL C 418 26.85 10.55 4.71
C VAL C 418 26.59 9.09 5.02
N ASP C 419 25.79 8.83 6.05
CA ASP C 419 25.73 7.49 6.62
C ASP C 419 27.15 6.94 6.79
N ASN C 420 27.43 5.77 6.22
CA ASN C 420 28.76 5.16 6.30
C ASN C 420 29.66 5.49 5.09
N LEU C 421 29.22 6.43 4.24
CA LEU C 421 30.02 6.89 3.11
C LEU C 421 30.89 8.09 3.46
N SER C 422 31.99 8.26 2.75
CA SER C 422 32.76 9.49 2.89
C SER C 422 33.32 9.98 1.57
N ALA C 423 33.60 11.28 1.54
CA ALA C 423 34.17 11.93 0.38
C ALA C 423 35.04 13.07 0.88
N PRO C 424 36.33 13.02 0.57
CA PRO C 424 37.21 14.16 0.86
C PRO C 424 36.91 15.37 -0.03
N SER C 425 37.20 16.57 0.47
CA SER C 425 37.15 17.78 -0.31
C SER C 425 38.42 17.80 -1.14
N ASN C 426 38.57 18.83 -1.98
CA ASN C 426 39.87 19.08 -2.57
C ASN C 426 40.81 19.48 -1.45
N GLN C 427 42.12 19.38 -1.68
CA GLN C 427 43.08 19.92 -0.75
C GLN C 427 43.22 21.44 -0.93
N VAL C 428 43.53 22.14 0.15
CA VAL C 428 43.95 23.53 0.07
C VAL C 428 45.31 23.70 0.76
N SER C 429 45.94 24.85 0.58
CA SER C 429 47.26 25.04 1.16
C SER C 429 47.54 26.50 1.44
N THR C 430 48.18 26.77 2.57
CA THR C 430 48.59 28.13 2.89
C THR C 430 50.10 28.15 2.97
N ALA C 431 50.72 28.91 2.07
CA ALA C 431 52.16 29.02 2.03
C ALA C 431 52.66 30.04 3.05
N LEU C 432 53.74 29.68 3.72
CA LEU C 432 54.35 30.53 4.74
C LEU C 432 55.52 31.33 4.16
N LEU C 433 55.51 32.64 4.39
CA LEU C 433 56.56 33.51 3.88
C LEU C 433 57.81 33.57 4.79
N ALA D 1 -16.99 5.27 -20.41
CA ALA D 1 -17.14 5.63 -19.01
C ALA D 1 -15.88 6.32 -18.50
N LEU D 2 -16.04 7.46 -17.82
CA LEU D 2 -14.90 8.05 -17.14
C LEU D 2 -14.19 6.96 -16.36
N GLU D 3 -12.87 6.95 -16.44
CA GLU D 3 -12.11 5.90 -15.80
C GLU D 3 -11.20 6.56 -14.77
N GLU D 4 -11.33 6.15 -13.52
CA GLU D 4 -10.48 6.67 -12.47
C GLU D 4 -9.60 5.56 -11.96
N ILE D 5 -8.30 5.84 -11.84
CA ILE D 5 -7.30 4.85 -11.47
C ILE D 5 -6.50 5.33 -10.28
N LYS D 6 -6.32 4.46 -9.28
CA LYS D 6 -5.37 4.73 -8.22
C LYS D 6 -4.44 3.54 -8.11
N ASN D 7 -3.15 3.75 -8.39
CA ASN D 7 -2.22 2.64 -8.40
C ASN D 7 -0.79 3.11 -8.14
N GLY D 8 0.15 2.21 -8.32
CA GLY D 8 1.54 2.46 -7.97
C GLY D 8 2.33 3.33 -8.94
N THR D 9 1.70 3.75 -10.04
CA THR D 9 2.40 4.54 -11.05
C THR D 9 2.97 5.83 -10.51
N ASP D 10 4.23 6.09 -10.83
CA ASP D 10 4.92 7.29 -10.38
C ASP D 10 4.62 8.42 -11.36
N ILE D 11 3.76 9.35 -10.92
CA ILE D 11 3.31 10.42 -11.80
C ILE D 11 4.43 11.41 -12.15
N SER D 12 5.44 11.51 -11.29
CA SER D 12 6.54 12.43 -11.55
C SER D 12 7.53 11.94 -12.62
N THR D 13 7.44 10.67 -13.00
CA THR D 13 8.33 10.12 -14.02
C THR D 13 7.56 9.60 -15.26
N LEU D 14 6.35 10.10 -15.46
CA LEU D 14 5.61 9.84 -16.70
C LEU D 14 6.46 10.34 -17.85
N ASP D 15 6.34 9.69 -19.00
CA ASP D 15 7.09 10.15 -20.17
C ASP D 15 6.15 10.77 -21.21
N ILE D 16 5.20 11.57 -20.72
CA ILE D 16 4.26 12.26 -21.60
C ILE D 16 4.97 13.47 -22.21
N ARG D 17 4.42 14.00 -23.30
CA ARG D 17 5.04 15.14 -23.99
C ARG D 17 4.52 16.48 -23.45
N LYS D 18 5.41 17.29 -22.88
CA LYS D 18 5.02 18.63 -22.44
C LYS D 18 5.15 19.65 -23.57
N PHE D 19 4.06 20.35 -23.88
CA PHE D 19 4.07 21.36 -24.95
C PHE D 19 4.86 22.62 -24.57
N ASN D 20 5.36 23.33 -25.57
CA ASN D 20 6.14 24.54 -25.31
C ASN D 20 5.22 25.75 -25.15
N LEU D 21 5.11 26.24 -23.92
CA LEU D 21 4.33 27.45 -23.66
C LEU D 21 5.20 28.41 -22.89
N ASN D 22 5.45 29.57 -23.48
CA ASN D 22 6.34 30.53 -22.85
C ASN D 22 6.07 31.97 -23.28
N ILE D 23 6.79 32.89 -22.64
CA ILE D 23 6.62 34.31 -22.89
C ILE D 23 6.92 34.68 -24.34
N ASN D 24 7.69 33.83 -25.02
CA ASN D 24 8.10 34.14 -26.39
C ASN D 24 7.18 33.62 -27.49
N ASN D 25 6.26 32.73 -27.17
CA ASN D 25 5.31 32.31 -28.20
C ASN D 25 3.86 32.63 -27.86
N VAL D 26 3.66 33.46 -26.85
CA VAL D 26 2.31 33.80 -26.44
C VAL D 26 1.84 35.09 -27.09
N SER D 27 0.56 35.12 -27.47
CA SER D 27 -0.11 36.32 -27.96
C SER D 27 -1.31 36.61 -27.07
N VAL D 28 -1.46 37.86 -26.65
CA VAL D 28 -2.67 38.27 -25.96
C VAL D 28 -3.72 38.58 -27.02
N LEU D 29 -4.70 37.69 -27.19
CA LEU D 29 -5.75 37.88 -28.18
C LEU D 29 -6.68 38.99 -27.73
N SER D 30 -7.04 38.96 -26.45
CA SER D 30 -7.81 40.04 -25.84
C SER D 30 -7.52 40.09 -24.35
N LYS D 31 -7.73 41.27 -23.78
CA LYS D 31 -7.64 41.45 -22.34
C LYS D 31 -8.52 42.63 -21.98
N SER D 32 -9.25 42.49 -20.87
CA SER D 32 -10.15 43.54 -20.46
C SER D 32 -9.37 44.71 -19.87
N GLN D 33 -10.07 45.82 -19.68
CA GLN D 33 -9.49 47.04 -19.16
C GLN D 33 -8.93 46.83 -17.75
N SER D 34 -9.51 45.89 -17.02
CA SER D 34 -9.07 45.59 -15.66
C SER D 34 -7.69 44.93 -15.59
N VAL D 35 -7.22 44.38 -16.70
CA VAL D 35 -5.94 43.64 -16.68
C VAL D 35 -4.72 44.55 -16.79
N ASP D 36 -3.83 44.43 -15.82
CA ASP D 36 -2.55 45.13 -15.86
C ASP D 36 -1.48 44.11 -16.22
N GLN D 37 -0.98 44.19 -17.44
CA GLN D 37 0.02 43.27 -17.93
C GLN D 37 1.38 43.93 -18.04
N PHE D 38 2.41 43.28 -17.52
CA PHE D 38 3.74 43.86 -17.61
C PHE D 38 4.82 42.80 -17.48
N HIS D 39 6.02 43.16 -17.93
CA HIS D 39 7.15 42.25 -17.95
C HIS D 39 8.00 42.48 -16.71
N LEU D 40 8.54 41.39 -16.18
CA LEU D 40 9.46 41.47 -15.06
C LEU D 40 10.69 40.64 -15.39
N SER D 41 11.84 41.10 -14.92
CA SER D 41 13.09 40.40 -15.16
C SER D 41 13.73 40.09 -13.80
N ASN D 42 13.83 38.81 -13.47
CA ASN D 42 14.26 38.37 -12.15
C ASN D 42 13.40 39.01 -11.06
N PRO D 43 12.10 38.66 -11.03
CA PRO D 43 11.13 39.30 -10.13
C PRO D 43 11.34 38.91 -8.67
N HIS D 44 10.93 39.79 -7.77
CA HIS D 44 10.96 39.50 -6.35
C HIS D 44 9.69 38.75 -5.99
N TYR D 45 9.83 37.80 -5.09
CA TYR D 45 8.73 36.91 -4.78
C TYR D 45 7.85 37.45 -3.66
N GLU D 46 6.57 37.69 -3.99
CA GLU D 46 5.58 38.13 -3.03
C GLU D 46 5.76 39.57 -2.54
N TYR D 47 6.97 39.89 -2.05
CA TYR D 47 7.28 41.22 -1.52
C TYR D 47 8.53 41.80 -2.18
N LEU D 48 8.55 43.11 -2.36
CA LEU D 48 9.71 43.77 -2.95
C LEU D 48 10.99 43.43 -2.20
N SER D 49 10.92 43.40 -0.87
CA SER D 49 12.11 43.06 -0.08
C SER D 49 12.37 41.56 -0.06
N GLY D 50 11.50 40.78 -0.71
CA GLY D 50 11.67 39.34 -0.77
C GLY D 50 12.80 38.94 -1.70
N GLY D 51 13.16 37.66 -1.67
CA GLY D 51 14.22 37.16 -2.53
C GLY D 51 13.87 37.31 -4.00
N ALA D 52 14.87 37.63 -4.81
CA ALA D 52 14.67 37.73 -6.26
C ALA D 52 15.04 36.42 -6.94
N TYR D 53 14.19 35.96 -7.85
CA TYR D 53 14.41 34.69 -8.55
C TYR D 53 14.72 34.94 -10.02
N PRO D 54 15.79 34.32 -10.52
CA PRO D 54 16.23 34.58 -11.89
C PRO D 54 15.16 34.15 -12.89
N GLY D 55 15.07 34.85 -14.02
CA GLY D 55 14.14 34.50 -15.09
C GLY D 55 13.34 35.69 -15.58
N GLU D 56 12.93 35.62 -16.86
CA GLU D 56 12.06 36.63 -17.45
C GLU D 56 10.62 36.19 -17.28
N MET D 57 9.73 37.15 -17.01
CA MET D 57 8.34 36.84 -16.70
C MET D 57 7.36 37.83 -17.34
N GLU D 58 6.25 37.31 -17.84
CA GLU D 58 5.14 38.17 -18.25
C GLU D 58 4.07 38.04 -17.16
N ASN D 59 3.76 39.15 -16.52
CA ASN D 59 2.91 39.10 -15.33
C ASN D 59 1.58 39.79 -15.57
N PHE D 60 0.52 39.25 -14.98
CA PHE D 60 -0.82 39.75 -15.18
C PHE D 60 -1.54 39.91 -13.85
N THR D 61 -2.04 41.11 -13.60
CA THR D 61 -2.76 41.43 -12.38
C THR D 61 -4.09 42.14 -12.72
N LEU D 62 -5.02 42.16 -11.77
CA LEU D 62 -6.32 42.80 -12.00
C LEU D 62 -6.47 44.08 -11.17
N LYS D 63 -6.80 45.17 -11.86
CA LYS D 63 -7.09 46.44 -11.19
C LYS D 63 -8.34 46.31 -10.32
N VAL D 64 -8.20 46.51 -9.01
CA VAL D 64 -9.36 46.43 -8.13
C VAL D 64 -9.93 47.80 -7.78
N ASP D 65 -11.24 47.84 -7.55
CA ASP D 65 -11.91 49.05 -7.04
C ASP D 65 -11.66 49.12 -5.53
N LYS D 66 -10.69 49.93 -5.14
CA LYS D 66 -10.23 49.97 -3.75
C LYS D 66 -11.29 50.48 -2.77
N SER D 67 -12.42 50.97 -3.29
CA SER D 67 -13.47 51.48 -2.41
C SER D 67 -14.48 50.39 -2.11
N LYS D 68 -14.43 49.32 -2.91
CA LYS D 68 -15.35 48.20 -2.74
C LYS D 68 -14.67 47.03 -2.01
N LYS D 69 -14.84 47.00 -0.69
CA LYS D 69 -14.26 45.93 0.12
C LYS D 69 -15.21 44.75 0.16
N GLN D 70 -15.44 44.18 -1.01
CA GLN D 70 -16.36 43.07 -1.21
C GLN D 70 -15.84 42.29 -2.42
N ASP D 71 -16.48 41.17 -2.73
CA ASP D 71 -16.05 40.38 -3.88
C ASP D 71 -16.09 41.19 -5.17
N GLN D 72 -15.17 40.91 -6.09
CA GLN D 72 -15.16 41.57 -7.40
C GLN D 72 -14.99 40.52 -8.50
N VAL D 73 -15.89 40.55 -9.46
CA VAL D 73 -15.93 39.58 -10.53
C VAL D 73 -15.35 40.18 -11.82
N PHE D 74 -14.52 39.41 -12.52
CA PHE D 74 -13.97 39.87 -13.80
C PHE D 74 -14.28 38.86 -14.90
N GLU D 75 -15.14 39.26 -15.83
CA GLU D 75 -15.56 38.41 -16.93
C GLU D 75 -14.53 38.46 -18.03
N ASN D 76 -14.31 37.32 -18.69
CA ASN D 76 -13.29 37.18 -19.74
C ASN D 76 -12.13 38.17 -19.71
N PRO D 77 -11.38 38.17 -18.61
CA PRO D 77 -10.28 39.12 -18.40
C PRO D 77 -9.16 38.95 -19.42
N LEU D 78 -8.96 37.75 -19.92
CA LEU D 78 -7.73 37.47 -20.66
C LEU D 78 -7.87 36.27 -21.59
N SER D 79 -7.50 36.45 -22.85
CA SER D 79 -7.52 35.38 -23.84
C SER D 79 -6.15 35.30 -24.49
N LEU D 80 -5.60 34.09 -24.57
CA LEU D 80 -4.21 33.92 -25.00
C LEU D 80 -4.08 32.87 -26.08
N LYS D 81 -3.07 33.02 -26.92
CA LYS D 81 -2.72 31.97 -27.86
C LYS D 81 -1.24 31.69 -27.71
N PHE D 82 -0.87 30.42 -27.74
CA PHE D 82 0.54 30.04 -27.81
C PHE D 82 0.80 29.38 -29.16
N THR D 83 1.67 29.96 -29.96
CA THR D 83 1.88 29.48 -31.32
C THR D 83 3.02 28.48 -31.41
N ASN D 84 2.78 27.37 -32.13
CA ASN D 84 3.78 26.34 -32.32
C ASN D 84 4.29 25.82 -30.98
N ILE D 85 3.42 25.13 -30.26
CA ILE D 85 3.75 24.59 -28.94
C ILE D 85 4.40 23.22 -29.08
N GLY D 86 4.39 22.69 -30.29
CA GLY D 86 4.98 21.39 -30.57
C GLY D 86 4.52 20.90 -31.92
N THR D 87 5.03 19.74 -32.33
CA THR D 87 4.68 19.12 -33.60
C THR D 87 4.25 17.70 -33.34
N VAL D 88 3.06 17.34 -33.82
CA VAL D 88 2.48 16.04 -33.52
C VAL D 88 1.85 15.49 -34.79
N ASN D 89 2.29 14.30 -35.19
CA ASN D 89 1.83 13.66 -36.42
C ASN D 89 2.18 14.52 -37.64
N GLY D 90 3.31 15.21 -37.55
CA GLY D 90 3.77 16.09 -38.62
C GLY D 90 3.05 17.44 -38.66
N LYS D 91 2.09 17.65 -37.76
CA LYS D 91 1.29 18.88 -37.76
C LYS D 91 1.68 19.83 -36.63
N GLN D 92 1.74 21.12 -36.95
CA GLN D 92 2.04 22.10 -35.92
C GLN D 92 0.85 22.19 -34.97
N VAL D 93 1.15 22.27 -33.68
CA VAL D 93 0.09 22.40 -32.68
C VAL D 93 0.17 23.77 -32.02
N ASP D 94 -0.98 24.38 -31.77
CA ASP D 94 -1.06 25.65 -31.04
C ASP D 94 -1.84 25.43 -29.76
N ALA D 95 -1.64 26.30 -28.77
CA ALA D 95 -2.49 26.28 -27.58
C ALA D 95 -3.30 27.57 -27.41
N TYR D 96 -4.53 27.41 -26.93
CA TYR D 96 -5.36 28.52 -26.53
C TYR D 96 -5.65 28.38 -25.05
N LEU D 97 -5.48 29.48 -24.32
CA LEU D 97 -5.78 29.54 -22.90
C LEU D 97 -6.66 30.76 -22.66
N ASN D 98 -7.88 30.50 -22.20
CA ASN D 98 -8.84 31.58 -22.02
C ASN D 98 -9.36 31.60 -20.60
N PHE D 99 -9.13 32.72 -19.92
CA PHE D 99 -9.72 32.98 -18.61
C PHE D 99 -11.17 33.44 -18.78
N ASN D 100 -12.08 32.48 -18.67
CA ASN D 100 -13.50 32.71 -18.73
C ASN D 100 -13.96 33.69 -17.67
N LYS D 101 -13.42 33.56 -16.48
CA LYS D 101 -13.83 34.39 -15.36
C LYS D 101 -12.83 34.27 -14.23
N VAL D 102 -12.60 35.40 -13.57
CA VAL D 102 -11.79 35.43 -12.37
C VAL D 102 -12.55 36.14 -11.29
N THR D 103 -12.74 35.45 -10.18
CA THR D 103 -13.45 36.04 -9.06
C THR D 103 -12.45 36.33 -7.96
N LEU D 104 -12.48 37.57 -7.49
CA LEU D 104 -11.66 38.00 -6.37
C LEU D 104 -12.52 37.98 -5.11
N HIS D 105 -12.17 37.11 -4.16
CA HIS D 105 -12.90 36.98 -2.90
C HIS D 105 -12.25 37.80 -1.80
N TYR D 106 -12.93 38.84 -1.35
CA TYR D 106 -12.37 39.71 -0.31
C TYR D 106 -12.17 38.94 1.00
N LEU D 107 -11.00 39.14 1.62
CA LEU D 107 -10.60 38.35 2.79
C LEU D 107 -11.03 38.91 4.15
N ASN D 108 -11.59 40.12 4.17
CA ASN D 108 -12.17 40.68 5.40
C ASN D 108 -11.24 40.66 6.60
N THR D 109 -10.00 41.11 6.43
CA THR D 109 -9.07 41.19 7.53
C THR D 109 -8.53 42.60 7.64
N ALA D 110 -7.80 42.86 8.72
CA ALA D 110 -7.12 44.12 8.90
C ALA D 110 -6.11 44.29 7.77
N GLN D 111 -5.41 43.20 7.46
CA GLN D 111 -4.47 43.21 6.35
C GLN D 111 -5.16 43.53 5.02
N ALA D 112 -6.30 42.88 4.78
CA ALA D 112 -7.06 43.14 3.56
C ALA D 112 -7.47 44.60 3.46
N GLU D 113 -8.17 45.10 4.46
CA GLU D 113 -8.61 46.50 4.46
C GLU D 113 -7.43 47.46 4.30
N SER D 114 -6.35 47.19 5.04
CA SER D 114 -5.14 48.00 4.94
C SER D 114 -4.64 48.08 3.49
N GLU D 115 -4.55 46.94 2.81
CA GLU D 115 -4.15 46.93 1.42
C GLU D 115 -5.07 47.81 0.58
N MET D 116 -6.36 47.63 0.75
CA MET D 116 -7.35 48.38 -0.02
C MET D 116 -7.20 49.87 0.21
N ASN D 117 -6.93 50.24 1.46
CA ASN D 117 -6.87 51.63 1.87
C ASN D 117 -5.52 52.26 1.64
N SER D 118 -4.54 51.46 1.24
CA SER D 118 -3.19 51.98 1.07
C SER D 118 -3.16 52.92 -0.13
N ALA D 119 -2.09 53.69 -0.22
CA ALA D 119 -1.88 54.59 -1.35
C ALA D 119 -1.24 53.81 -2.49
N GLN D 120 -0.36 52.88 -2.13
CA GLN D 120 0.49 52.22 -3.13
C GLN D 120 -0.12 51.01 -3.84
N LYS D 121 -1.05 50.30 -3.20
CA LYS D 121 -1.58 49.07 -3.79
C LYS D 121 -2.83 49.32 -4.63
N SER D 122 -2.90 48.68 -5.80
CA SER D 122 -4.04 48.86 -6.68
C SER D 122 -4.46 47.62 -7.49
N THR D 123 -3.61 46.58 -7.51
CA THR D 123 -3.95 45.36 -8.26
C THR D 123 -3.84 44.09 -7.40
N VAL D 124 -4.44 43.02 -7.91
CA VAL D 124 -4.30 41.68 -7.33
C VAL D 124 -3.73 40.74 -8.39
N GLU D 125 -2.75 39.94 -7.99
CA GLU D 125 -2.12 38.97 -8.87
C GLU D 125 -3.09 37.85 -9.27
N PHE D 126 -3.01 37.37 -10.51
CA PHE D 126 -3.77 36.16 -10.86
C PHE D 126 -3.08 35.20 -11.85
N PHE D 127 -2.08 35.67 -12.57
CA PHE D 127 -1.51 34.86 -13.63
C PHE D 127 -0.17 35.39 -14.10
N SER D 128 0.73 34.47 -14.39
CA SER D 128 1.99 34.86 -14.98
C SER D 128 2.50 33.72 -15.84
N ILE D 129 3.39 34.05 -16.76
CA ILE D 129 4.04 33.08 -17.61
C ILE D 129 5.53 33.25 -17.38
N SER D 130 6.22 32.15 -17.09
CA SER D 130 7.63 32.17 -16.77
C SER D 130 8.12 30.77 -16.56
N GLU D 131 9.43 30.63 -16.50
CA GLU D 131 10.02 29.35 -16.19
C GLU D 131 10.81 29.46 -14.91
N LEU D 132 10.29 30.26 -13.98
CA LEU D 132 10.89 30.35 -12.65
C LEU D 132 10.90 28.97 -12.00
N TRP D 133 9.78 28.25 -12.11
CA TRP D 133 9.57 27.01 -11.35
C TRP D 133 9.66 25.72 -12.17
N GLU D 134 9.01 25.71 -13.34
CA GLU D 134 9.11 24.61 -14.29
C GLU D 134 9.34 25.22 -15.67
N SER D 135 9.90 24.42 -16.58
CA SER D 135 9.96 24.83 -17.98
C SER D 135 8.56 24.87 -18.59
N ASN D 136 8.35 25.78 -19.55
CA ASN D 136 7.16 25.73 -20.39
C ASN D 136 5.86 25.68 -19.63
N ALA D 137 5.77 26.50 -18.60
CA ALA D 137 4.65 26.44 -17.70
C ALA D 137 4.03 27.83 -17.60
N PHE D 138 2.81 27.88 -17.06
CA PHE D 138 2.23 29.12 -16.61
C PHE D 138 1.78 28.90 -15.17
N GLU D 139 1.42 29.98 -14.50
CA GLU D 139 1.17 29.96 -13.07
C GLU D 139 -0.11 30.73 -12.79
N ILE D 140 -0.96 30.18 -11.93
CA ILE D 140 -2.17 30.87 -11.54
C ILE D 140 -2.17 30.98 -10.04
N GLY D 141 -2.50 32.15 -9.52
CA GLY D 141 -2.43 32.38 -8.10
C GLY D 141 -2.37 33.85 -7.76
N ASN D 142 -2.32 34.16 -6.46
CA ASN D 142 -2.38 35.53 -6.01
C ASN D 142 -1.13 35.94 -5.22
N VAL D 143 -0.05 35.21 -5.43
CA VAL D 143 1.23 35.60 -4.84
C VAL D 143 1.86 36.59 -5.80
N PRO D 144 2.09 37.83 -5.34
CA PRO D 144 2.60 38.85 -6.26
C PRO D 144 4.01 38.57 -6.73
N TYR D 145 4.30 38.97 -7.95
CA TYR D 145 5.68 39.10 -8.41
C TYR D 145 5.91 40.58 -8.66
N VAL D 146 6.97 41.13 -8.06
CA VAL D 146 7.18 42.57 -8.10
C VAL D 146 8.65 43.00 -8.34
N ASP D 147 8.79 44.24 -8.80
CA ASP D 147 10.06 44.96 -8.77
C ASP D 147 9.77 46.39 -8.32
N ALA D 148 10.78 47.24 -8.31
CA ALA D 148 10.64 48.58 -7.73
C ALA D 148 9.58 49.42 -8.47
N ASN D 149 9.47 49.20 -9.78
CA ASN D 149 8.54 49.97 -10.60
C ASN D 149 7.12 49.40 -10.69
N HIS D 150 6.93 48.21 -10.11
CA HIS D 150 5.61 47.57 -10.11
C HIS D 150 5.33 47.01 -8.73
N ASP D 151 5.43 47.86 -7.71
CA ASP D 151 5.25 47.40 -6.36
C ASP D 151 3.88 47.83 -5.86
N TYR D 152 2.86 47.54 -6.65
CA TYR D 152 1.51 47.99 -6.34
C TYR D 152 0.52 46.84 -6.27
N ILE D 153 1.04 45.64 -6.02
CA ILE D 153 0.17 44.46 -5.96
C ILE D 153 -0.19 44.15 -4.52
N MET D 154 -1.45 43.85 -4.27
CA MET D 154 -1.92 43.59 -2.91
C MET D 154 -1.50 42.22 -2.40
N ASN D 155 -0.95 42.18 -1.18
CA ASN D 155 -0.66 40.93 -0.51
C ASN D 155 -1.81 40.55 0.42
N LYS D 156 -2.36 39.36 0.21
CA LYS D 156 -3.37 38.81 1.10
C LYS D 156 -4.59 39.71 1.28
N ALA D 157 -5.07 40.29 0.19
CA ALA D 157 -6.29 41.08 0.25
C ALA D 157 -7.47 40.30 -0.31
N PHE D 158 -7.22 39.47 -1.33
CA PHE D 158 -8.24 38.62 -1.94
C PHE D 158 -7.67 37.24 -2.19
N TRP D 159 -8.50 36.20 -2.07
CA TRP D 159 -8.17 34.92 -2.68
C TRP D 159 -8.90 34.86 -4.01
N ILE D 160 -8.33 34.14 -4.97
CA ILE D 160 -8.88 34.14 -6.32
C ILE D 160 -9.45 32.79 -6.70
N ASP D 161 -10.44 32.82 -7.58
CA ASP D 161 -11.00 31.63 -8.19
C ASP D 161 -10.97 31.88 -9.70
N ALA D 162 -10.12 31.15 -10.40
CA ALA D 162 -9.98 31.33 -11.84
C ALA D 162 -10.66 30.20 -12.60
N ASP D 163 -11.56 30.57 -13.51
CA ASP D 163 -12.24 29.63 -14.38
C ASP D 163 -11.61 29.71 -15.75
N VAL D 164 -11.03 28.59 -16.20
CA VAL D 164 -10.11 28.62 -17.32
C VAL D 164 -10.41 27.51 -18.32
N THR D 165 -10.19 27.79 -19.60
CA THR D 165 -10.34 26.77 -20.62
C THR D 165 -9.05 26.68 -21.42
N ALA D 166 -8.53 25.48 -21.55
CA ALA D 166 -7.30 25.24 -22.28
C ALA D 166 -7.64 24.34 -23.46
N GLU D 167 -7.02 24.62 -24.61
CA GLU D 167 -7.32 23.88 -25.82
C GLU D 167 -6.06 23.77 -26.63
N ILE D 168 -5.84 22.62 -27.24
CA ILE D 168 -4.79 22.49 -28.23
C ILE D 168 -5.44 22.26 -29.58
N ARG D 169 -4.83 22.80 -30.63
CA ARG D 169 -5.37 22.71 -31.98
C ARG D 169 -4.27 22.53 -33.01
N TYR D 170 -4.54 21.73 -34.03
CA TYR D 170 -3.67 21.73 -35.20
C TYR D 170 -3.72 23.12 -35.83
N ALA D 171 -2.58 23.77 -35.98
CA ALA D 171 -2.54 25.04 -36.71
C ALA D 171 -3.21 24.88 -38.08
N ASP D 172 -3.06 23.70 -38.67
CA ASP D 172 -3.77 23.25 -39.88
C ASP D 172 -5.16 23.81 -40.02
N GLY D 173 -5.91 23.80 -38.92
CA GLY D 173 -7.33 24.03 -38.97
C GLY D 173 -8.04 22.70 -39.12
N THR D 174 -7.28 21.63 -39.29
CA THR D 174 -7.87 20.30 -39.42
C THR D 174 -8.31 19.74 -38.07
N GLU D 175 -9.16 18.73 -38.13
CA GLU D 175 -9.79 18.12 -36.95
C GLU D 175 -8.77 17.67 -35.90
N THR D 176 -8.78 18.32 -34.75
CA THR D 176 -7.82 17.98 -33.68
C THR D 176 -8.29 16.78 -32.85
N ASP D 177 -7.63 15.63 -33.06
CA ASP D 177 -7.96 14.40 -32.36
C ASP D 177 -7.01 14.15 -31.19
N LEU D 178 -6.18 15.15 -30.90
CA LEU D 178 -5.27 15.07 -29.76
C LEU D 178 -6.05 15.14 -28.47
N LYS D 179 -5.66 14.32 -27.51
CA LYS D 179 -6.34 14.29 -26.22
C LYS D 179 -5.48 14.97 -25.16
N LEU D 180 -5.93 16.17 -24.78
CA LEU D 180 -5.21 17.05 -23.86
C LEU D 180 -5.03 16.44 -22.47
N VAL D 181 -3.80 16.50 -21.98
CA VAL D 181 -3.52 16.02 -20.64
C VAL D 181 -3.05 17.18 -19.78
N MET D 182 -3.54 17.24 -18.56
CA MET D 182 -3.06 18.20 -17.58
C MET D 182 -2.60 17.39 -16.40
N LYS D 183 -1.65 17.94 -15.65
CA LYS D 183 -1.07 17.25 -14.51
C LYS D 183 -0.78 18.20 -13.37
N PRO D 184 -1.83 18.59 -12.63
CA PRO D 184 -1.75 19.50 -11.48
C PRO D 184 -0.81 18.89 -10.46
N THR D 185 -0.02 19.69 -9.77
CA THR D 185 0.89 19.16 -8.76
C THR D 185 0.96 20.13 -7.60
N ASP D 186 1.46 19.63 -6.48
CA ASP D 186 1.68 20.47 -5.32
C ASP D 186 0.42 21.23 -4.93
N ILE D 187 -0.73 20.58 -4.97
CA ILE D 187 -1.93 21.19 -4.43
C ILE D 187 -1.90 20.96 -2.92
N ASP D 188 -1.30 21.88 -2.18
CA ASP D 188 -0.95 21.61 -0.78
C ASP D 188 -1.09 22.79 0.18
N ALA D 189 -1.59 23.93 -0.28
CA ALA D 189 -1.63 25.11 0.57
C ALA D 189 -2.91 25.19 1.37
N ILE D 190 -2.76 25.39 2.67
CA ILE D 190 -3.90 25.64 3.54
C ILE D 190 -3.48 26.78 4.46
N ASP D 191 -4.24 27.86 4.48
CA ASP D 191 -3.82 29.04 5.26
C ASP D 191 -4.47 29.10 6.63
N ALA D 192 -4.04 30.08 7.44
CA ALA D 192 -4.45 30.17 8.84
C ALA D 192 -5.96 30.25 9.00
N ASN D 193 -6.65 30.71 7.97
CA ASN D 193 -8.09 30.85 8.02
C ASN D 193 -8.79 29.65 7.41
N ASN D 194 -8.01 28.58 7.23
CA ASN D 194 -8.51 27.33 6.68
C ASN D 194 -9.04 27.40 5.26
N LEU D 195 -8.54 28.36 4.48
CA LEU D 195 -8.77 28.35 3.04
C LEU D 195 -7.88 27.25 2.50
N LYS D 196 -8.36 26.51 1.51
CA LYS D 196 -7.61 25.40 0.96
C LYS D 196 -7.39 25.56 -0.55
N GLU D 197 -6.14 25.44 -0.97
CA GLU D 197 -5.79 25.44 -2.38
C GLU D 197 -6.57 24.33 -3.10
N THR D 198 -7.13 24.66 -4.25
CA THR D 198 -8.08 23.77 -4.90
C THR D 198 -7.94 23.80 -6.40
N PHE D 199 -7.89 22.61 -7.00
CA PHE D 199 -7.90 22.50 -8.45
C PHE D 199 -9.19 21.82 -8.84
N TYR D 200 -9.82 22.29 -9.91
CA TYR D 200 -11.05 21.64 -10.34
C TYR D 200 -11.24 21.58 -11.83
N VAL D 201 -12.16 20.71 -12.22
CA VAL D 201 -12.53 20.53 -13.61
C VAL D 201 -14.04 20.60 -13.70
N LYS D 202 -14.54 21.53 -14.50
CA LYS D 202 -15.97 21.65 -14.69
C LYS D 202 -16.45 20.55 -15.64
N ASN D 203 -17.64 20.02 -15.41
CA ASN D 203 -18.21 19.02 -16.31
C ASN D 203 -17.30 17.79 -16.37
N TYR D 204 -16.70 17.50 -15.22
CA TYR D 204 -15.69 16.46 -15.09
C TYR D 204 -16.16 15.10 -15.62
N GLN D 205 -17.36 14.68 -15.24
CA GLN D 205 -17.84 13.33 -15.57
C GLN D 205 -17.84 13.00 -17.06
N ASN D 206 -18.23 13.93 -17.92
CA ASN D 206 -18.18 13.60 -19.34
C ASN D 206 -17.11 14.31 -20.17
N ASP D 207 -16.33 15.19 -19.55
CA ASP D 207 -15.22 15.84 -20.27
C ASP D 207 -13.88 15.11 -20.12
N VAL D 208 -13.76 14.27 -19.10
CA VAL D 208 -12.49 13.60 -18.82
C VAL D 208 -12.62 12.12 -19.10
N ASN D 209 -11.59 11.58 -19.73
CA ASN D 209 -11.53 10.17 -20.09
C ASN D 209 -10.87 9.30 -19.01
N LEU D 210 -9.84 9.85 -18.37
CA LEU D 210 -9.09 9.06 -17.42
C LEU D 210 -8.45 9.96 -16.37
N ARG D 211 -8.65 9.60 -15.11
CA ARG D 211 -8.02 10.34 -14.03
C ARG D 211 -7.11 9.40 -13.24
N LEU D 212 -5.82 9.72 -13.21
CA LEU D 212 -4.83 8.88 -12.55
C LEU D 212 -4.36 9.51 -11.26
N MET D 213 -4.39 8.72 -10.18
CA MET D 213 -3.72 9.05 -8.93
C MET D 213 -2.70 7.99 -8.60
N ASN D 214 -1.64 8.41 -7.92
CA ASN D 214 -0.76 7.48 -7.25
C ASN D 214 -1.43 7.03 -5.94
N ASN D 215 -1.05 5.85 -5.45
CA ASN D 215 -1.54 5.31 -4.16
C ASN D 215 -1.40 6.22 -2.94
N ALA D 216 -0.40 7.11 -2.95
CA ALA D 216 -0.12 7.98 -1.79
C ALA D 216 -0.88 9.29 -1.84
N ASN D 217 -1.84 9.40 -2.75
CA ASN D 217 -2.56 10.65 -2.89
C ASN D 217 -3.39 10.98 -1.65
N VAL D 218 -3.22 12.18 -1.10
CA VAL D 218 -3.97 12.59 0.11
C VAL D 218 -4.92 13.76 -0.15
N LEU D 219 -5.15 14.05 -1.43
CA LEU D 219 -6.08 15.10 -1.79
C LEU D 219 -7.50 14.66 -1.53
N VAL D 220 -8.40 15.61 -1.33
CA VAL D 220 -9.80 15.26 -1.23
C VAL D 220 -10.47 15.50 -2.58
N GLN D 221 -11.00 14.44 -3.19
CA GLN D 221 -11.74 14.60 -4.43
C GLN D 221 -13.20 14.83 -4.14
N GLU D 222 -13.66 16.05 -4.41
CA GLU D 222 -15.00 16.43 -4.04
C GLU D 222 -15.88 16.58 -5.27
N GLU D 223 -16.90 15.74 -5.34
CA GLU D 223 -17.75 15.69 -6.50
C GLU D 223 -19.04 16.45 -6.22
N ALA D 224 -19.20 17.57 -6.93
CA ALA D 224 -20.46 18.32 -6.90
C ALA D 224 -21.14 18.16 -8.26
N SER D 225 -22.27 18.82 -8.46
CA SER D 225 -23.02 18.63 -9.71
C SER D 225 -22.35 19.27 -10.92
N ASP D 226 -21.71 20.41 -10.72
CA ASP D 226 -21.15 21.17 -11.84
C ASP D 226 -19.67 20.91 -12.04
N ARG D 227 -19.01 20.32 -11.04
CA ARG D 227 -17.57 20.17 -11.07
C ARG D 227 -17.07 19.06 -10.15
N THR D 228 -15.81 18.69 -10.34
CA THR D 228 -15.11 17.86 -9.37
C THR D 228 -13.84 18.59 -8.98
N SER D 229 -13.58 18.67 -7.68
CA SER D 229 -12.43 19.42 -7.17
C SER D 229 -11.47 18.50 -6.47
N TRP D 230 -10.21 18.92 -6.42
CA TRP D 230 -9.22 18.26 -5.61
C TRP D 230 -8.65 19.30 -4.67
N ILE D 231 -8.73 19.02 -3.38
CA ILE D 231 -8.55 20.00 -2.34
C ILE D 231 -7.32 19.61 -1.53
N ALA D 232 -6.46 20.59 -1.24
CA ALA D 232 -5.27 20.37 -0.43
C ALA D 232 -5.64 19.83 0.93
N THR D 233 -4.85 18.90 1.45
CA THR D 233 -4.99 18.46 2.85
C THR D 233 -3.68 18.52 3.65
N GLN D 234 -2.56 18.56 2.94
CA GLN D 234 -1.29 18.62 3.67
C GLN D 234 -0.15 19.15 2.82
N ILE D 235 0.77 19.82 3.50
CA ILE D 235 1.95 20.36 2.87
C ILE D 235 2.77 19.24 2.25
N THR D 236 3.47 19.56 1.17
CA THR D 236 4.09 18.55 0.37
C THR D 236 5.28 19.18 -0.34
N GLY D 237 6.43 18.51 -0.30
CA GLY D 237 7.63 19.09 -0.91
C GLY D 237 8.44 18.11 -1.74
N GLY D 238 9.06 18.62 -2.79
CA GLY D 238 9.80 17.79 -3.70
C GLY D 238 8.93 17.24 -4.82
N SER D 239 9.55 17.03 -5.96
CA SER D 239 8.88 16.58 -7.17
C SER D 239 8.02 15.31 -6.96
N TYR D 240 8.62 14.27 -6.39
CA TYR D 240 7.87 13.03 -6.15
C TYR D 240 6.57 13.26 -5.37
N ASN D 241 6.66 13.94 -4.23
CA ASN D 241 5.48 14.18 -3.43
C ASN D 241 4.49 15.15 -4.10
N GLU D 242 5.01 16.18 -4.75
CA GLU D 242 4.14 17.15 -5.41
C GLU D 242 3.34 16.49 -6.51
N ASN D 243 3.91 15.46 -7.13
CA ASN D 243 3.18 14.72 -8.16
C ASN D 243 2.27 13.63 -7.59
N ASN D 244 2.78 12.85 -6.63
CA ASN D 244 2.10 11.64 -6.20
C ASN D 244 1.21 11.80 -4.98
N VAL D 245 1.59 12.72 -4.11
CA VAL D 245 0.85 12.93 -2.86
C VAL D 245 -0.19 14.03 -3.05
N SER D 246 0.21 15.10 -3.72
CA SER D 246 -0.67 16.25 -3.91
C SER D 246 -0.86 16.60 -5.36
N GLY D 247 -0.82 15.59 -6.22
CA GLY D 247 -0.97 15.78 -7.65
C GLY D 247 -1.79 14.69 -8.29
N LEU D 248 -2.08 14.85 -9.57
CA LEU D 248 -2.80 13.83 -10.35
C LEU D 248 -2.63 14.14 -11.82
N ALA D 249 -2.99 13.18 -12.68
CA ALA D 249 -2.90 13.35 -14.12
C ALA D 249 -4.27 13.13 -14.73
N LEU D 250 -4.62 13.96 -15.71
CA LEU D 250 -5.95 13.99 -16.28
C LEU D 250 -5.90 13.97 -17.80
N ARG D 251 -6.51 12.96 -18.40
CA ARG D 251 -6.61 12.87 -19.83
C ARG D 251 -8.02 13.26 -20.26
N SER D 252 -8.11 14.23 -21.16
CA SER D 252 -9.42 14.71 -21.59
C SER D 252 -10.06 13.77 -22.61
N ASN D 253 -11.38 13.87 -22.72
CA ASN D 253 -12.12 13.24 -23.81
C ASN D 253 -11.87 13.95 -25.13
N SER D 254 -11.24 15.12 -25.07
CA SER D 254 -11.07 15.94 -26.26
C SER D 254 -9.76 16.70 -26.23
N ASN D 255 -9.62 17.68 -27.11
CA ASN D 255 -8.42 18.52 -27.18
C ASN D 255 -8.53 19.71 -26.25
N SER D 256 -9.52 19.65 -25.35
CA SER D 256 -9.84 20.79 -24.54
C SER D 256 -10.18 20.39 -23.10
N MET D 257 -10.05 21.34 -22.18
CA MET D 257 -10.45 21.10 -20.81
C MET D 257 -10.81 22.42 -20.12
N ASN D 258 -11.98 22.45 -19.51
CA ASN D 258 -12.39 23.58 -18.69
C ASN D 258 -12.03 23.26 -17.24
N PHE D 259 -10.96 23.88 -16.75
CA PHE D 259 -10.53 23.68 -15.36
C PHE D 259 -10.60 24.97 -14.57
N GLY D 260 -10.32 24.85 -13.27
CA GLY D 260 -10.38 25.99 -12.40
C GLY D 260 -9.40 25.82 -11.27
N TYR D 261 -9.14 26.92 -10.57
CA TYR D 261 -8.14 26.94 -9.52
C TYR D 261 -8.50 28.03 -8.54
N SER D 262 -8.52 27.69 -7.26
CA SER D 262 -8.71 28.71 -6.25
C SER D 262 -7.56 28.71 -5.25
N SER D 263 -7.24 29.89 -4.73
CA SER D 263 -6.07 30.03 -3.89
C SER D 263 -6.46 30.18 -2.42
N THR D 264 -5.44 30.35 -1.60
CA THR D 264 -5.64 30.76 -0.23
C THR D 264 -5.36 32.27 -0.23
N GLU D 265 -5.11 32.83 0.94
CA GLU D 265 -4.73 34.24 1.03
C GLU D 265 -3.40 34.52 0.29
N THR D 266 -2.60 33.48 0.07
CA THR D 266 -1.35 33.63 -0.66
C THR D 266 -0.80 32.28 -1.17
N CYS D 267 -1.20 31.88 -2.37
CA CYS D 267 -0.59 30.70 -3.00
C CYS D 267 -0.82 30.69 -4.50
N SER D 268 -0.11 29.80 -5.19
CA SER D 268 -0.24 29.67 -6.62
C SER D 268 0.17 28.27 -7.02
N ALA D 269 -0.30 27.82 -8.18
CA ALA D 269 0.10 26.56 -8.73
C ALA D 269 0.67 26.79 -10.13
N VAL D 270 1.46 25.82 -10.59
CA VAL D 270 2.12 25.93 -11.88
C VAL D 270 1.63 24.79 -12.75
N PHE D 271 1.41 25.08 -14.04
CA PHE D 271 0.81 24.09 -14.93
C PHE D 271 1.51 24.07 -16.27
N GLY D 272 1.50 22.89 -16.89
CA GLY D 272 1.85 22.74 -18.29
C GLY D 272 0.70 22.08 -19.01
N LEU D 273 0.77 22.05 -20.33
CA LEU D 273 -0.21 21.30 -21.11
C LEU D 273 0.55 20.13 -21.73
N TYR D 274 -0.09 18.98 -21.83
CA TYR D 274 0.62 17.76 -22.25
C TYR D 274 -0.22 16.94 -23.20
N ILE D 275 0.42 15.96 -23.82
CA ILE D 275 -0.26 14.82 -24.41
C ILE D 275 0.58 13.58 -24.18
N GLU D 276 -0.08 12.42 -24.24
CA GLU D 276 0.63 11.17 -24.20
C GLU D 276 1.25 10.94 -25.57
N LYS D 277 2.37 10.23 -25.61
CA LYS D 277 3.00 9.96 -26.90
C LYS D 277 3.26 8.48 -27.10
N ILE D 278 2.52 7.90 -28.04
CA ILE D 278 2.71 6.50 -28.40
C ILE D 278 4.00 6.40 -29.21
N ASP D 279 5.08 6.02 -28.53
CA ASP D 279 6.39 5.92 -29.17
C ASP D 279 7.06 4.61 -28.80
N PRO D 280 7.54 3.87 -29.79
CA PRO D 280 7.47 4.32 -31.19
C PRO D 280 6.09 4.09 -31.81
N ARG D 281 5.86 4.71 -32.97
CA ARG D 281 4.60 4.56 -33.68
C ARG D 281 4.56 3.23 -34.41
N PRO D 282 3.37 2.79 -34.78
CA PRO D 282 3.20 1.53 -35.50
C PRO D 282 4.04 1.52 -36.78
N VAL D 283 4.64 0.38 -37.10
CA VAL D 283 5.44 0.24 -38.31
C VAL D 283 4.67 -0.58 -39.33
N LEU D 284 4.57 -0.05 -40.54
CA LEU D 284 3.84 -0.73 -41.60
C LEU D 284 4.70 -0.95 -42.85
N GLU D 285 4.62 -2.15 -43.40
CA GLU D 285 5.35 -2.49 -44.62
C GLU D 285 4.43 -3.21 -45.60
N VAL D 286 4.71 -3.03 -46.89
CA VAL D 286 3.95 -3.69 -47.94
C VAL D 286 4.87 -4.51 -48.85
N ASP D 287 4.45 -5.74 -49.13
CA ASP D 287 5.15 -6.60 -50.08
C ASP D 287 4.17 -7.13 -51.12
N PRO D 288 4.43 -6.89 -52.42
CA PRO D 288 5.57 -6.16 -52.95
C PRO D 288 5.32 -4.65 -53.02
N ALA D 289 6.40 -3.87 -53.11
CA ALA D 289 6.26 -2.42 -53.19
C ALA D 289 6.12 -1.98 -54.64
N GLU D 290 6.17 -2.95 -55.55
CA GLU D 290 5.96 -2.67 -56.97
C GLU D 290 5.29 -3.86 -57.66
N ILE D 291 4.17 -3.60 -58.33
CA ILE D 291 3.42 -4.67 -58.99
C ILE D 291 2.94 -4.30 -60.39
N PRO D 292 2.74 -5.31 -61.25
CA PRO D 292 2.12 -5.06 -62.55
C PRO D 292 0.69 -4.61 -62.32
N ALA D 293 0.22 -3.61 -63.06
CA ALA D 293 -1.15 -3.14 -62.89
C ALA D 293 -2.18 -4.13 -63.45
N LYS D 294 -2.24 -5.32 -62.84
CA LYS D 294 -3.13 -6.41 -63.30
C LYS D 294 -4.02 -7.00 -62.20
N ASP D 295 -5.04 -7.73 -62.63
CA ASP D 295 -5.97 -8.42 -61.76
C ASP D 295 -5.27 -9.56 -61.01
N GLY D 296 -5.68 -9.80 -59.76
CA GLY D 296 -5.25 -10.97 -59.01
C GLY D 296 -3.81 -10.97 -58.50
N GLN D 297 -3.25 -9.79 -58.30
CA GLN D 297 -1.89 -9.66 -57.78
C GLN D 297 -1.88 -9.52 -56.25
N ASP D 298 -1.28 -10.49 -55.58
CA ASP D 298 -1.18 -10.45 -54.12
C ASP D 298 -0.44 -9.20 -53.62
N VAL D 299 -0.99 -8.59 -52.58
CA VAL D 299 -0.40 -7.44 -51.91
C VAL D 299 -0.55 -7.69 -50.41
N THR D 300 0.56 -7.93 -49.73
CA THR D 300 0.49 -8.26 -48.32
C THR D 300 1.02 -7.12 -47.43
N TYR D 301 0.24 -6.76 -46.42
CA TYR D 301 0.62 -5.70 -45.50
C TYR D 301 0.99 -6.27 -44.14
N LYS D 302 2.13 -5.86 -43.62
CA LYS D 302 2.53 -6.26 -42.28
C LYS D 302 2.56 -5.00 -41.45
N ALA D 303 1.77 -4.99 -40.39
CA ALA D 303 1.71 -3.84 -39.49
C ALA D 303 2.14 -4.28 -38.11
N THR D 304 3.16 -3.62 -37.57
CA THR D 304 3.67 -3.98 -36.27
C THR D 304 3.28 -2.92 -35.24
N PHE D 305 2.39 -3.30 -34.32
CA PHE D 305 1.92 -2.38 -33.31
C PHE D 305 2.66 -2.64 -32.00
N LYS D 306 3.46 -1.68 -31.59
CA LYS D 306 4.17 -1.79 -30.33
C LYS D 306 3.20 -1.35 -29.25
N VAL D 307 3.10 -2.13 -28.17
CA VAL D 307 2.22 -1.77 -27.08
C VAL D 307 2.87 -0.70 -26.21
N PRO D 308 2.21 0.45 -26.05
CA PRO D 308 2.71 1.55 -25.21
C PRO D 308 2.90 1.09 -23.78
N VAL D 309 3.82 1.69 -23.07
CA VAL D 309 4.10 1.28 -21.70
C VAL D 309 3.27 2.08 -20.72
N PRO D 310 2.33 1.40 -20.04
CA PRO D 310 1.48 2.01 -19.03
C PRO D 310 2.34 2.67 -17.97
N GLY D 311 1.98 3.89 -17.59
CA GLY D 311 2.71 4.60 -16.57
C GLY D 311 3.93 5.28 -17.10
N LYS D 312 4.18 5.13 -18.40
CA LYS D 312 5.28 5.86 -19.05
C LYS D 312 4.79 6.62 -20.29
N ASP D 313 4.46 5.87 -21.34
CA ASP D 313 4.00 6.46 -22.60
C ASP D 313 2.54 6.92 -22.47
N ILE D 314 1.75 6.12 -21.75
CA ILE D 314 0.34 6.41 -21.51
C ILE D 314 0.04 6.29 -20.02
N LEU D 315 -0.99 6.99 -19.57
CA LEU D 315 -1.32 7.13 -18.16
C LEU D 315 -1.57 5.81 -17.45
N ALA D 316 -2.17 4.86 -18.17
CA ALA D 316 -2.57 3.59 -17.57
C ALA D 316 -2.79 2.53 -18.64
N ALA D 317 -2.96 1.28 -18.21
CA ALA D 317 -3.09 0.17 -19.15
C ALA D 317 -4.32 0.40 -20.01
N PRO D 318 -4.23 0.05 -21.30
CA PRO D 318 -5.35 0.26 -22.22
C PRO D 318 -6.58 -0.54 -21.80
N SER D 319 -7.72 0.14 -21.71
CA SER D 319 -8.98 -0.59 -21.54
C SER D 319 -9.53 -1.04 -22.90
N SER D 320 -8.97 -0.51 -23.99
CA SER D 320 -9.29 -1.03 -25.33
C SER D 320 -8.18 -0.74 -26.34
N ILE D 321 -8.04 -1.67 -27.29
CA ILE D 321 -7.02 -1.59 -28.32
C ILE D 321 -7.59 -2.02 -29.67
N GLU D 322 -7.61 -1.09 -30.62
CA GLU D 322 -8.08 -1.41 -31.97
C GLU D 322 -7.08 -0.95 -33.03
N MET D 323 -7.01 -1.69 -34.13
CA MET D 323 -6.17 -1.32 -35.27
C MET D 323 -7.05 -1.10 -36.48
N VAL D 324 -7.07 0.13 -36.99
CA VAL D 324 -7.92 0.45 -38.12
C VAL D 324 -7.12 0.44 -39.41
N GLN D 325 -7.46 -0.46 -40.31
CA GLN D 325 -6.86 -0.53 -41.63
C GLN D 325 -7.91 -0.15 -42.65
N LYS D 326 -7.48 0.56 -43.69
CA LYS D 326 -8.37 0.97 -44.76
C LYS D 326 -7.71 0.70 -46.11
N PHE D 327 -8.25 -0.22 -46.88
CA PHE D 327 -7.60 -0.61 -48.11
C PHE D 327 -7.98 0.26 -49.31
N ASP D 328 -7.02 0.47 -50.20
CA ASP D 328 -7.26 1.13 -51.46
C ASP D 328 -8.26 0.29 -52.26
N GLU D 329 -9.38 0.90 -52.65
CA GLU D 329 -10.27 0.23 -53.58
C GLU D 329 -9.42 -0.06 -54.81
N ARG D 330 -9.34 -1.33 -55.18
CA ARG D 330 -8.39 -1.85 -56.17
C ARG D 330 -7.75 -3.07 -55.54
N LEU D 331 -8.05 -3.24 -54.25
CA LEU D 331 -7.65 -4.41 -53.50
C LEU D 331 -8.88 -5.07 -52.89
N ASP D 332 -8.91 -6.39 -52.99
CA ASP D 332 -9.89 -7.19 -52.27
C ASP D 332 -9.26 -7.76 -51.02
N TYR D 333 -9.75 -7.34 -49.86
CA TYR D 333 -9.30 -7.92 -48.60
C TYR D 333 -9.66 -9.40 -48.58
N LYS D 334 -8.69 -10.24 -48.25
CA LYS D 334 -8.93 -11.67 -48.24
C LYS D 334 -9.01 -12.21 -46.82
N GLU D 335 -8.02 -11.88 -46.01
CA GLU D 335 -7.95 -12.37 -44.66
C GLU D 335 -6.75 -11.76 -43.96
N LEU D 336 -6.63 -12.00 -42.66
CA LEU D 336 -5.47 -11.54 -41.91
C LEU D 336 -5.14 -12.55 -40.83
N LYS D 337 -3.91 -12.51 -40.35
CA LYS D 337 -3.57 -13.15 -39.08
C LYS D 337 -2.91 -12.14 -38.15
N VAL D 338 -2.92 -12.42 -36.85
CA VAL D 338 -2.17 -11.58 -35.94
C VAL D 338 -1.37 -12.43 -34.96
N GLU D 339 -0.09 -12.12 -34.83
CA GLU D 339 0.81 -12.85 -33.96
C GLU D 339 1.22 -11.95 -32.81
N SER D 340 1.54 -12.56 -31.69
CA SER D 340 2.15 -11.85 -30.58
C SER D 340 2.97 -12.88 -29.81
N GLY D 341 4.00 -12.41 -29.11
CA GLY D 341 5.03 -13.32 -28.65
C GLY D 341 5.47 -14.02 -29.92
N GLY D 342 5.75 -15.31 -29.82
CA GLY D 342 6.13 -16.07 -31.01
C GLY D 342 5.01 -16.90 -31.58
N VAL D 343 3.78 -16.67 -31.13
CA VAL D 343 2.65 -17.52 -31.54
C VAL D 343 1.64 -16.80 -32.41
N THR D 344 0.82 -17.58 -33.10
CA THR D 344 -0.17 -17.06 -34.05
C THR D 344 -1.54 -16.86 -33.43
N LEU D 345 -1.58 -16.07 -32.36
CA LEU D 345 -2.80 -15.49 -31.80
C LEU D 345 -4.10 -15.81 -32.56
N GLN D 346 -5.16 -16.15 -31.83
CA GLN D 346 -6.37 -16.65 -32.48
C GLN D 346 -7.61 -15.75 -32.37
N GLU D 347 -8.39 -15.75 -33.44
CA GLU D 347 -9.62 -14.96 -33.53
C GLU D 347 -10.73 -15.52 -32.65
N GLY D 348 -11.50 -14.63 -32.04
CA GLY D 348 -12.46 -15.01 -31.03
C GLY D 348 -11.83 -14.87 -29.67
N ARG D 349 -10.98 -15.84 -29.31
CA ARG D 349 -10.33 -15.83 -28.00
C ARG D 349 -9.46 -14.58 -27.77
N ASP D 350 -8.75 -14.16 -28.80
CA ASP D 350 -7.77 -13.10 -28.61
C ASP D 350 -8.10 -11.76 -29.29
N TYR D 351 -8.80 -11.81 -30.41
CA TYR D 351 -9.19 -10.59 -31.12
C TYR D 351 -10.41 -10.86 -31.97
N THR D 352 -11.10 -9.80 -32.36
CA THR D 352 -12.22 -9.92 -33.27
C THR D 352 -12.02 -9.00 -34.47
N ILE D 353 -12.57 -9.39 -35.61
CA ILE D 353 -12.47 -8.62 -36.82
C ILE D 353 -13.82 -8.04 -37.21
N GLU D 354 -13.83 -6.76 -37.53
CA GLU D 354 -15.01 -6.10 -38.05
C GLU D 354 -14.68 -5.50 -39.41
N LYS D 355 -15.51 -5.78 -40.41
CA LYS D 355 -15.27 -5.27 -41.76
C LYS D 355 -16.44 -4.46 -42.26
N THR D 356 -16.14 -3.28 -42.81
CA THR D 356 -17.15 -2.41 -43.39
C THR D 356 -16.63 -1.77 -44.67
N GLY D 357 -17.05 -2.31 -45.81
CA GLY D 357 -16.51 -1.87 -47.08
C GLY D 357 -15.03 -2.19 -47.11
N GLN D 358 -14.21 -1.19 -47.41
CA GLN D 358 -12.77 -1.37 -47.48
C GLN D 358 -12.06 -1.20 -46.13
N THR D 359 -12.82 -1.01 -45.06
CA THR D 359 -12.25 -0.81 -43.74
C THR D 359 -12.30 -2.09 -42.89
N VAL D 360 -11.14 -2.54 -42.43
CA VAL D 360 -11.04 -3.72 -41.57
C VAL D 360 -10.42 -3.34 -40.23
N THR D 361 -11.20 -3.51 -39.17
CA THR D 361 -10.75 -3.15 -37.83
C THR D 361 -10.53 -4.38 -36.97
N VAL D 362 -9.33 -4.50 -36.42
CA VAL D 362 -9.05 -5.54 -35.44
C VAL D 362 -9.21 -4.94 -34.05
N LYS D 363 -9.96 -5.64 -33.21
CA LYS D 363 -10.19 -5.22 -31.84
C LYS D 363 -9.72 -6.34 -30.94
N MET D 364 -8.78 -6.04 -30.05
CA MET D 364 -8.34 -7.05 -29.12
C MET D 364 -9.45 -7.26 -28.11
N THR D 365 -9.61 -8.49 -27.64
CA THR D 365 -10.68 -8.83 -26.71
C THR D 365 -10.36 -8.37 -25.29
N PRO D 366 -11.40 -8.09 -24.52
CA PRO D 366 -11.25 -7.79 -23.10
C PRO D 366 -10.39 -8.82 -22.36
N GLU D 367 -10.55 -10.10 -22.71
CA GLU D 367 -9.75 -11.14 -22.07
C GLU D 367 -8.28 -11.09 -22.52
N TYR D 368 -8.03 -10.77 -23.78
CA TYR D 368 -6.64 -10.63 -24.22
C TYR D 368 -6.01 -9.44 -23.52
N LEU D 369 -6.82 -8.40 -23.36
CA LEU D 369 -6.35 -7.19 -22.70
C LEU D 369 -5.97 -7.48 -21.24
N LYS D 370 -6.84 -8.18 -20.51
CA LYS D 370 -6.54 -8.55 -19.14
C LYS D 370 -5.28 -9.41 -19.10
N GLY D 371 -5.15 -10.30 -20.08
CA GLY D 371 -3.95 -11.11 -20.24
C GLY D 371 -2.74 -10.22 -20.08
N ASN D 372 -2.84 -9.00 -20.58
CA ASN D 372 -1.88 -7.95 -20.30
C ASN D 372 -0.47 -8.23 -20.84
N SER D 373 -0.38 -8.44 -22.14
CA SER D 373 0.90 -8.74 -22.78
C SER D 373 1.68 -7.46 -23.07
N SER D 374 3.00 -7.57 -23.13
CA SER D 374 3.83 -6.43 -23.51
C SER D 374 4.36 -6.60 -24.93
N SER D 375 4.01 -7.73 -25.56
CA SER D 375 4.60 -8.07 -26.85
C SER D 375 3.93 -7.39 -28.05
N ASP D 376 4.76 -6.99 -29.01
CA ASP D 376 4.29 -6.47 -30.30
C ASP D 376 3.16 -7.29 -30.85
N ILE D 377 2.18 -6.61 -31.44
CA ILE D 377 1.11 -7.31 -32.14
C ILE D 377 1.30 -7.08 -33.63
N ILE D 378 1.62 -8.15 -34.35
CA ILE D 378 1.83 -8.08 -35.78
C ILE D 378 0.53 -8.48 -36.46
N ILE D 379 -0.02 -7.60 -37.27
CA ILE D 379 -1.14 -7.97 -38.09
C ILE D 379 -0.67 -8.04 -39.53
N THR D 380 -0.73 -9.24 -40.12
CA THR D 380 -0.41 -9.41 -41.53
C THR D 380 -1.71 -9.51 -42.33
N TYR D 381 -1.93 -8.56 -43.22
CA TYR D 381 -3.13 -8.54 -44.05
C TYR D 381 -2.87 -9.12 -45.44
N LYS D 382 -3.62 -10.14 -45.82
CA LYS D 382 -3.56 -10.66 -47.18
C LYS D 382 -4.62 -9.98 -48.05
N THR D 383 -4.16 -9.41 -49.15
CA THR D 383 -5.05 -8.74 -50.09
C THR D 383 -4.62 -9.09 -51.52
N ALA D 384 -5.53 -8.89 -52.47
CA ALA D 384 -5.18 -9.08 -53.88
C ALA D 384 -5.89 -8.03 -54.72
N THR D 385 -5.21 -7.54 -55.75
CA THR D 385 -5.81 -6.59 -56.67
C THR D 385 -6.99 -7.21 -57.40
N ASN D 386 -7.99 -6.38 -57.68
CA ASN D 386 -9.16 -6.78 -58.43
C ASN D 386 -9.08 -6.17 -59.82
N LYS D 387 -10.11 -6.39 -60.64
CA LYS D 387 -10.15 -5.86 -62.00
C LYS D 387 -9.97 -4.34 -62.03
N LYS D 388 -10.27 -3.66 -60.94
CA LYS D 388 -10.23 -2.20 -60.89
C LYS D 388 -8.82 -1.60 -60.93
N VAL D 389 -7.79 -2.46 -61.03
CA VAL D 389 -6.40 -1.99 -61.12
C VAL D 389 -6.07 -1.35 -62.47
N GLU D 390 -6.59 -1.93 -63.54
CA GLU D 390 -6.42 -1.38 -64.88
C GLU D 390 -7.41 -0.24 -65.09
N GLU D 391 -7.08 0.95 -64.59
CA GLU D 391 -7.96 2.10 -64.67
C GLU D 391 -7.22 3.36 -65.06
N LYS D 396 -0.03 4.50 -58.15
CA LYS D 396 0.45 3.84 -56.94
C LYS D 396 -0.67 3.58 -55.92
N ILE D 397 -0.43 2.61 -55.05
CA ILE D 397 -1.38 2.28 -54.01
C ILE D 397 -0.80 2.64 -52.64
N ASP D 398 -1.25 3.76 -52.10
CA ASP D 398 -0.88 4.19 -50.75
C ASP D 398 -1.53 3.31 -49.69
N ASN D 399 -0.94 3.25 -48.51
CA ASN D 399 -1.59 2.61 -47.39
C ASN D 399 -1.10 3.17 -46.07
N THR D 400 -1.94 3.03 -45.04
CA THR D 400 -1.63 3.46 -43.70
C THR D 400 -2.57 2.76 -42.74
N VAL D 401 -2.11 2.52 -41.52
CA VAL D 401 -2.97 1.93 -40.49
C VAL D 401 -2.93 2.82 -39.27
N THR D 402 -3.94 2.68 -38.42
CA THR D 402 -4.00 3.51 -37.24
C THR D 402 -4.25 2.64 -36.02
N LEU D 403 -3.45 2.89 -34.98
CA LEU D 403 -3.60 2.21 -33.70
C LEU D 403 -4.46 3.06 -32.80
N HIS D 404 -5.44 2.45 -32.16
CA HIS D 404 -6.26 3.13 -31.17
C HIS D 404 -6.05 2.50 -29.80
N VAL D 405 -5.79 3.33 -28.80
CA VAL D 405 -5.57 2.91 -27.44
C VAL D 405 -6.47 3.78 -26.60
N ASP D 406 -7.46 3.17 -25.95
CA ASP D 406 -8.55 3.94 -25.36
C ASP D 406 -8.98 4.99 -26.38
N ASN D 407 -9.03 6.26 -26.01
CA ASN D 407 -9.47 7.28 -26.96
C ASN D 407 -8.31 7.94 -27.74
N LEU D 408 -7.11 7.37 -27.61
CA LEU D 408 -5.92 7.90 -28.29
C LEU D 408 -5.74 7.27 -29.68
N SER D 409 -5.00 7.98 -30.53
CA SER D 409 -4.83 7.56 -31.91
C SER D 409 -3.39 7.79 -32.35
N ALA D 410 -2.82 6.81 -33.04
CA ALA D 410 -1.47 6.95 -33.56
C ALA D 410 -1.32 6.27 -34.92
N PRO D 411 -1.12 7.07 -35.97
CA PRO D 411 -0.93 6.51 -37.29
C PRO D 411 0.43 5.80 -37.42
N SER D 412 0.50 4.79 -38.27
CA SER D 412 1.77 4.19 -38.65
C SER D 412 2.43 5.11 -39.66
N ASN D 413 3.59 4.72 -40.16
CA ASN D 413 4.18 5.40 -41.30
C ASN D 413 3.34 5.06 -42.53
N GLN D 414 3.52 5.82 -43.61
CA GLN D 414 2.89 5.51 -44.88
C GLN D 414 3.73 4.50 -45.65
N VAL D 415 3.05 3.63 -46.41
CA VAL D 415 3.73 2.84 -47.44
C VAL D 415 3.02 3.07 -48.77
N SER D 416 3.58 2.53 -49.84
CA SER D 416 2.91 2.54 -51.13
C SER D 416 3.46 1.47 -52.05
N THR D 417 2.61 0.99 -52.96
CA THR D 417 3.01 0.02 -53.94
C THR D 417 2.92 0.61 -55.33
N ALA D 418 4.07 0.77 -55.99
CA ALA D 418 4.12 1.30 -57.34
C ALA D 418 3.47 0.33 -58.32
N LEU D 419 2.76 0.90 -59.30
CA LEU D 419 2.10 0.11 -60.33
C LEU D 419 2.81 0.22 -61.68
N LEU D 420 3.02 -0.94 -62.29
CA LEU D 420 3.70 -1.03 -63.58
C LEU D 420 2.69 -1.26 -64.72
#